data_8FNF
#
_entry.id   8FNF
#
_cell.length_a   1.00
_cell.length_b   1.00
_cell.length_c   1.00
_cell.angle_alpha   90.00
_cell.angle_beta   90.00
_cell.angle_gamma   90.00
#
_symmetry.space_group_name_H-M   'P 1'
#
loop_
_entity.id
_entity.type
_entity.pdbx_description
1 polymer mRNA
2 polymer gRNA
3 polymer 'Mitochondrial RNA binding protein'
4 polymer 'RAP domain-containing protein'
5 polymer 'RxLR effector protein'
6 polymer 'Mitochondrial RNA binding complex 1 subunit'
7 polymer 'RAP domain-containing protein'
8 polymer 'Phytanoyl-CoA dioxygenase family protein'
#
loop_
_entity_poly.entity_id
_entity_poly.type
_entity_poly.pdbx_seq_one_letter_code
_entity_poly.pdbx_strand_id
1 'polyribonucleotide' UAAUAGAAUAAGAUAUAAAA m
2 'polyribonucleotide' UUUUUUUAAAUAAUUU g
3 'polypeptide(L)'
;MLRHTSRNNALHAFVRSPHYRTIPSAGPNGIVVNRDMLVHQFRDFYKTLQHCSLVDKVHLMSERPSVEALRVADQMVSIG
ATFLEMPLTGMEHRATEFMESMRYVRGAGGPSTLASYLQDTENCRCNSGDVVCLPNGIAVGHGPRTNAVAHTTLKQLFEV
KDDQFSFDVFTLEQEGDAPPLGDYFGFAGSNVLLTWKDEHGLLAVDQYQQKQPHTEMNVVYLEPGCHFLSFYGVDHTIDV
LVQKGYERSMDSIAAAGLNPIPVQWSEMDKLGISMRAAVLPLKFFKANVGGMLSRNKSRGARWQTHQLQK
;
5
4 'polypeptide(L)'
;MRSALRRCILRHQGCLRMKQSLSAFPTVVTGMTRHQGNSLIGTTHGAELSLAGDPQSVSHLSARNIATEALQMKKLHQER
GGNPMLAQQARRVLFATSIAGQNLDARSVALLLNTAVYFGMESDAKLVRECIDYCLKNDKLITVDVLPIVVTACATLKSR
DAREVIEMQAQKAARNAKFLDAKDVTNIISAFSKTGINHEKLFAFLSRRVQTLARVGEFEAAHLVILANAFSRLRYRDKF
LFGAIARRAMSLRERVTVNELVPLIVAFSKIGLKDPKLSKRFATKAMEYVDQMNAEQVASMFMAFAYFGIRYDQLFGVLT
NRAVELIDEFNAQYISTTLNAFQRIGINNPELFDNLAERALAVVQDHDARDISKTVTALAHFGLKDEELFKRLASHAASI
ADQFDAMGLVNTAHAFARTNFLQQDMAVALSERSVYVCRLLDAGETRRLLWALAKFQVRDPKILTPVFNRCLALHYDFFA
DPTGSEEIEEIFDFYGPNFCPPLYQLYISRGSTPQA
;
6
5 'polypeptide(L)'
;MRSSRGILFLSGAFAIRGMSAYHSYQRLDTVSHTSKVYSLQMQRQTVHFTPITRLGVEATANPTTATNATGQTGDGDGAT
ALDVAMRVNKLKRLHQTGGGPSGKKQVELDAWRDLNNLTEAQINSAEGKAVSLLLNSWAYFAKYWEKGAEGPSASLSEVT
PSNDSSSAGEHGTQ
;
7
6 'polypeptide(L)'
;MLNVLSSTASAALATVVVARPSALHLIFERCKLNLVEFTAQDVYQICTTAYNMDTLGMLQDPDFMRGLHDAFRRSDQTVI
SPFQANLIADTFRKVGINSMPKEVSVPEEDAISPESLILVLRNMNITKQRDERKINEVLKLMFPILDEFSPTQLSLTVTE
LARLKSTNADFVGKLAKRIMEYNDDLSALDISSAAVSLAYCPGISHNILYRMMQIVEERMGEFQPEDYINVLHALNTLGP
KFVNTFRKIVECGLQHVENMDAVTLTNYMVCFSTMDYKQREHIDIYADALVEVATDLSEKDLVMAFIALQRLRLLSDTMF
GTMASCVIRYAAKMDPRNIAPIMDICSTVPHASDHLMKVLMDRAVECTRILTANQLGDILDILGLYPPAREHPLVQLFGK
QARLRLDLMGPDALANATRGLANLGYADPEYYAQAAETGFRYGFKDWTLLEPMLMGLSITGQCPPTMVRVLGSHIAPMAR
SMSLMEIERANRYLRRLGCEDDFVYKAMASRVLQFVKEVTPEMPEDLQVLLQRGAVEPGAAPGVM
;
8
7 'polypeptide(L)'
;MRRRVVLCCQDVGSLLSSKHSVHSGIGYHERVFSRNLLYRRYPVVTVLPKAGFTVLDTKRWIASSGPPVTGSPLSPVTNP
SLNVGTGGGEAVAMEGPLPVSYSPGSGVNGSLPVTSTAITAHCDVLSECVAKADELAVQLKAQNALSASAEILTQEGMEE
FVEELKTSATNEMTALVKQMQTTPLLQRAGMHELRRTLYYTTSLKERDWLEEKQYTAAMRMLTVEVLRRDGDGVLSADDV
LYVTTHVVTANFYNRHLWNRMEKSLLKFSNYENIDMSSVKAFSTRLFKTRRGCAKETLDIRRKVLLAMSRRVGVLANDFD
LPSLLGVLQCYTVHDLTPFHLEPLAIRATNHVGDFTPHECATLAHVLRKWRTMRLEVCERLVERICTSDQLTHHMANAAM
IAIRTCFNQVSDGGRNAMNAEPTRQKLRAMGEQIGCRLDEVEYPALPVILSILDVVVTLKIYVPKKCLQVIFSQANDMVA
IVMEQKDDLVDPKTGKRVRPITAEEGRQLQALLSHYGNDLAPELSQRMKEAFREGVLPDEASL
;
10
8 'polypeptide(L)'
;MRSGRKLGCFTNRLRLPFFSPCSQITALTASHRCKSYVLKFLRGQLPEDLKDVNGALGCLYGTLPDVDEFGQFVISPDVV
NSFHQFGYVKMPIPVLDHQQIDKLADEVNELANNVEHHPKTERLYATSLADLTGGPLFFCQGQWRAAWGMHDLIYLPTIT
VAASQILNNSLVRLWYDEVFMKAARTGPCVPWQQNYARWQHTKPVNHVTVMIALDTMNKDRGAPCLVPGSHRWREGGLLP
PVSYDPTKDEAHQLNTIWEIINEEEGEMLMDTPPVTVDLRRGEALLIHPLTLFATHGNRSLDAVRCCFIHYMGEKTYAVQ
NGPLLPHTTKFQADAMIQGPFYPVVFDPAMTEELTMLPTAPSEEEA
;
14
#
loop_
_chem_comp.id
_chem_comp.type
_chem_comp.name
_chem_comp.formula
A RNA linking ADENOSINE-5'-MONOPHOSPHATE 'C10 H14 N5 O7 P'
G RNA linking GUANOSINE-5'-MONOPHOSPHATE 'C10 H14 N5 O8 P'
U RNA linking URIDINE-5'-MONOPHOSPHATE 'C9 H13 N2 O9 P'
#
# COMPACT_ATOMS: atom_id res chain seq x y z
N LEU C 11 0.96 -23.03 -17.77
CA LEU C 11 1.02 -22.55 -19.15
C LEU C 11 0.27 -21.23 -19.30
N HIS C 12 1.00 -20.21 -19.74
CA HIS C 12 0.45 -18.88 -19.95
C HIS C 12 0.34 -18.60 -21.44
N ALA C 13 -0.81 -18.10 -21.88
CA ALA C 13 -1.05 -17.81 -23.29
C ALA C 13 -1.18 -16.31 -23.48
N PHE C 14 -0.38 -15.75 -24.39
CA PHE C 14 -0.34 -14.32 -24.63
C PHE C 14 -0.98 -13.98 -25.97
N VAL C 15 -1.86 -12.97 -25.99
CA VAL C 15 -2.49 -12.48 -27.20
C VAL C 15 -2.47 -10.95 -27.18
N ARG C 16 -2.73 -10.37 -28.35
CA ARG C 16 -2.76 -8.92 -28.51
C ARG C 16 -4.02 -8.47 -29.23
N SER C 17 -4.66 -7.43 -28.71
CA SER C 17 -5.92 -6.94 -29.28
C SER C 17 -5.66 -6.19 -30.58
N PRO C 18 -6.61 -6.22 -31.52
CA PRO C 18 -6.44 -5.49 -32.78
C PRO C 18 -6.66 -4.00 -32.58
N HIS C 19 -5.99 -3.21 -33.42
CA HIS C 19 -6.14 -1.76 -33.43
C HIS C 19 -7.17 -1.42 -34.51
N TYR C 20 -8.37 -1.03 -34.08
CA TYR C 20 -9.48 -0.82 -35.00
C TYR C 20 -9.20 0.30 -35.99
N ARG C 21 -8.65 1.42 -35.54
CA ARG C 21 -8.53 2.59 -36.40
C ARG C 21 -7.63 2.31 -37.60
N THR C 22 -6.59 1.49 -37.41
CA THR C 22 -5.59 1.26 -38.45
C THR C 22 -5.72 -0.13 -39.07
N ILE C 23 -6.88 -0.77 -38.96
CA ILE C 23 -7.06 -2.07 -39.62
C ILE C 23 -7.11 -1.87 -41.13
N PRO C 24 -6.40 -2.72 -41.88
CA PRO C 24 -6.34 -2.58 -43.34
C PRO C 24 -7.70 -2.75 -43.99
N SER C 25 -7.96 -2.02 -45.07
CA SER C 25 -9.23 -2.12 -45.77
C SER C 25 -9.33 -3.38 -46.61
N ALA C 26 -8.30 -3.65 -47.40
CA ALA C 26 -8.31 -4.83 -48.26
C ALA C 26 -7.03 -5.64 -48.06
N GLY C 27 -7.17 -6.83 -47.51
CA GLY C 27 -6.01 -7.67 -47.27
C GLY C 27 -5.25 -7.95 -48.54
N PRO C 28 -4.08 -8.60 -48.41
CA PRO C 28 -3.32 -8.96 -49.60
C PRO C 28 -4.19 -9.76 -50.54
N ASN C 29 -3.96 -9.65 -51.85
CA ASN C 29 -4.75 -10.38 -52.85
C ASN C 29 -6.03 -9.60 -53.21
N GLY C 30 -6.28 -8.50 -52.52
CA GLY C 30 -7.44 -7.68 -52.84
C GLY C 30 -8.78 -8.11 -52.27
N ILE C 31 -8.78 -9.12 -51.40
CA ILE C 31 -10.01 -9.55 -50.77
C ILE C 31 -10.47 -8.51 -49.77
N VAL C 32 -11.77 -8.46 -49.48
CA VAL C 32 -12.30 -7.45 -48.56
C VAL C 32 -12.40 -7.92 -47.12
N VAL C 33 -12.28 -7.00 -46.17
CA VAL C 33 -12.40 -7.35 -44.76
C VAL C 33 -13.36 -6.44 -44.01
N ASN C 34 -14.02 -6.95 -42.98
CA ASN C 34 -14.98 -6.17 -42.21
C ASN C 34 -14.43 -6.01 -40.79
N ARG C 35 -14.22 -4.76 -40.38
CA ARG C 35 -13.47 -4.51 -39.15
C ARG C 35 -14.27 -4.85 -37.92
N ASP C 36 -15.58 -4.54 -37.91
CA ASP C 36 -16.41 -4.89 -36.77
C ASP C 36 -16.43 -6.39 -36.54
N MET C 37 -16.55 -7.16 -37.63
CA MET C 37 -16.53 -8.61 -37.48
C MET C 37 -15.17 -9.11 -37.02
N LEU C 38 -14.08 -8.44 -37.43
CA LEU C 38 -12.76 -8.82 -36.93
C LEU C 38 -12.67 -8.63 -35.42
N VAL C 39 -13.17 -7.49 -34.92
CA VAL C 39 -13.17 -7.26 -33.48
C VAL C 39 -14.02 -8.31 -32.78
N HIS C 40 -15.19 -8.60 -33.32
CA HIS C 40 -16.06 -9.61 -32.71
C HIS C 40 -15.40 -10.97 -32.68
N GLN C 41 -14.70 -11.35 -33.75
CA GLN C 41 -14.06 -12.66 -33.79
C GLN C 41 -12.88 -12.73 -32.84
N PHE C 42 -12.16 -11.62 -32.66
CA PHE C 42 -11.10 -11.65 -31.65
C PHE C 42 -11.69 -11.76 -30.25
N ARG C 43 -12.83 -11.12 -30.00
CA ARG C 43 -13.50 -11.31 -28.71
C ARG C 43 -13.89 -12.77 -28.49
N ASP C 44 -14.43 -13.40 -29.53
CA ASP C 44 -14.82 -14.81 -29.43
C ASP C 44 -13.60 -15.68 -29.18
N PHE C 45 -12.49 -15.39 -29.86
CA PHE C 45 -11.25 -16.13 -29.64
C PHE C 45 -10.75 -16.00 -28.22
N TYR C 46 -10.75 -14.77 -27.67
CA TYR C 46 -10.28 -14.59 -26.30
C TYR C 46 -11.17 -15.36 -25.33
N LYS C 47 -12.48 -15.31 -25.53
CA LYS C 47 -13.38 -16.05 -24.64
C LYS C 47 -13.15 -17.55 -24.75
N THR C 48 -12.94 -18.06 -25.97
CA THR C 48 -12.70 -19.49 -26.14
C THR C 48 -11.40 -19.91 -25.48
N LEU C 49 -10.36 -19.08 -25.58
CA LEU C 49 -9.11 -19.38 -24.89
C LEU C 49 -9.30 -19.41 -23.38
N GLN C 50 -10.06 -18.46 -22.84
CA GLN C 50 -10.28 -18.44 -21.41
C GLN C 50 -11.08 -19.66 -20.95
N HIS C 51 -12.01 -20.14 -21.78
CA HIS C 51 -12.78 -21.32 -21.41
C HIS C 51 -11.97 -22.60 -21.44
N CYS C 52 -10.71 -22.55 -21.86
CA CYS C 52 -9.87 -23.74 -21.87
C CYS C 52 -9.36 -24.03 -20.48
N SER C 53 -9.45 -25.29 -20.05
CA SER C 53 -9.06 -25.67 -18.71
C SER C 53 -7.56 -25.75 -18.52
N LEU C 54 -6.80 -26.07 -19.57
CA LEU C 54 -5.36 -26.26 -19.43
C LEU C 54 -4.64 -24.93 -19.22
N VAL C 55 -5.06 -23.88 -19.92
CA VAL C 55 -4.38 -22.60 -19.83
C VAL C 55 -4.60 -22.00 -18.45
N ASP C 56 -3.50 -21.79 -17.71
CA ASP C 56 -3.61 -21.20 -16.38
C ASP C 56 -4.03 -19.74 -16.46
N LYS C 57 -3.46 -18.98 -17.39
CA LYS C 57 -3.82 -17.57 -17.54
C LYS C 57 -3.67 -17.15 -18.99
N VAL C 58 -4.54 -16.25 -19.42
CA VAL C 58 -4.49 -15.63 -20.73
C VAL C 58 -4.23 -14.15 -20.54
N HIS C 59 -3.14 -13.67 -21.13
CA HIS C 59 -2.73 -12.27 -21.00
C HIS C 59 -3.04 -11.53 -22.29
N LEU C 60 -3.55 -10.31 -22.13
CA LEU C 60 -4.03 -9.48 -23.25
C LEU C 60 -3.22 -8.20 -23.29
N MET C 61 -2.35 -8.09 -24.29
CA MET C 61 -1.52 -6.89 -24.38
C MET C 61 -2.28 -5.75 -25.04
N SER C 62 -1.83 -4.52 -24.75
CA SER C 62 -2.45 -3.33 -25.29
C SER C 62 -2.27 -3.29 -26.81
N GLU C 63 -3.21 -2.59 -27.46
CA GLU C 63 -3.20 -2.50 -28.91
C GLU C 63 -1.95 -1.76 -29.39
N ARG C 64 -1.47 -2.16 -30.57
CA ARG C 64 -0.34 -1.49 -31.18
C ARG C 64 -0.71 -1.02 -32.58
N PRO C 65 -0.11 0.08 -33.04
CA PRO C 65 -0.63 0.75 -34.26
C PRO C 65 -0.68 -0.13 -35.49
N SER C 66 0.32 -0.97 -35.71
CA SER C 66 0.36 -1.79 -36.90
C SER C 66 -0.48 -3.05 -36.72
N VAL C 67 -0.99 -3.58 -37.83
CA VAL C 67 -1.73 -4.83 -37.76
C VAL C 67 -0.79 -6.02 -37.59
N GLU C 68 0.46 -5.91 -38.05
CA GLU C 68 1.41 -7.00 -37.92
C GLU C 68 1.69 -7.34 -36.47
N ALA C 69 1.41 -6.43 -35.54
CA ALA C 69 1.59 -6.71 -34.12
C ALA C 69 0.67 -7.81 -33.63
N LEU C 70 -0.36 -8.17 -34.40
CA LEU C 70 -1.22 -9.28 -34.00
C LEU C 70 -0.50 -10.62 -34.09
N ARG C 71 0.59 -10.68 -34.85
CA ARG C 71 1.39 -11.90 -34.96
C ARG C 71 2.43 -11.90 -33.84
N VAL C 72 1.98 -12.27 -32.64
CA VAL C 72 2.86 -12.22 -31.49
C VAL C 72 3.73 -13.48 -31.41
N ALA C 73 3.36 -14.54 -32.14
CA ALA C 73 4.07 -15.80 -32.04
C ALA C 73 5.41 -15.80 -32.75
N ASP C 74 5.75 -14.74 -33.48
CA ASP C 74 6.97 -14.73 -34.27
C ASP C 74 8.21 -14.41 -33.45
N GLN C 75 8.05 -13.95 -32.21
CA GLN C 75 9.18 -13.45 -31.45
C GLN C 75 10.17 -14.55 -31.09
N MET C 76 9.69 -15.65 -30.52
CA MET C 76 10.57 -16.66 -29.98
C MET C 76 9.93 -18.03 -30.05
N VAL C 77 10.68 -19.04 -29.60
CA VAL C 77 10.24 -20.43 -29.64
C VAL C 77 10.67 -21.12 -28.35
N SER C 78 9.85 -22.09 -27.92
CA SER C 78 10.11 -22.86 -26.70
C SER C 78 10.48 -24.28 -27.11
N ILE C 79 11.74 -24.65 -26.89
CA ILE C 79 12.25 -25.98 -27.18
C ILE C 79 12.70 -26.58 -25.85
N GLY C 80 11.95 -27.55 -25.35
CA GLY C 80 12.27 -28.11 -24.04
C GLY C 80 12.19 -27.03 -22.98
N ALA C 81 13.30 -26.83 -22.27
CA ALA C 81 13.39 -25.79 -21.25
C ALA C 81 14.14 -24.56 -21.76
N THR C 82 14.37 -24.45 -23.07
CA THR C 82 15.11 -23.34 -23.65
C THR C 82 14.15 -22.44 -24.41
N PHE C 83 14.20 -21.15 -24.11
CA PHE C 83 13.38 -20.15 -24.78
C PHE C 83 14.28 -19.38 -25.74
N LEU C 84 14.30 -19.81 -27.00
CA LEU C 84 15.20 -19.29 -28.00
C LEU C 84 14.57 -18.09 -28.72
N GLU C 85 15.32 -17.01 -28.83
CA GLU C 85 14.84 -15.79 -29.46
C GLU C 85 15.22 -15.81 -30.94
N MET C 86 14.24 -15.52 -31.79
CA MET C 86 14.45 -15.61 -33.23
C MET C 86 15.27 -14.42 -33.71
N PRO C 87 16.08 -14.60 -34.76
CA PRO C 87 16.91 -13.50 -35.27
C PRO C 87 16.06 -12.34 -35.74
N LEU C 88 16.58 -11.14 -35.52
CA LEU C 88 15.84 -9.91 -35.79
C LEU C 88 16.29 -9.30 -37.14
N THR C 89 16.18 -10.11 -38.19
CA THR C 89 16.74 -9.77 -39.50
C THR C 89 15.69 -9.16 -40.44
N GLY C 90 14.44 -9.57 -40.32
CA GLY C 90 13.38 -9.07 -41.18
C GLY C 90 12.28 -8.31 -40.49
N MET C 91 12.38 -8.07 -39.18
CA MET C 91 11.34 -7.43 -38.40
C MET C 91 11.92 -6.24 -37.65
N GLU C 92 12.68 -5.41 -38.37
CA GLU C 92 13.35 -4.27 -37.73
C GLU C 92 12.33 -3.27 -37.18
N HIS C 93 11.20 -3.12 -37.87
CA HIS C 93 10.17 -2.22 -37.37
C HIS C 93 9.39 -2.82 -36.20
N ARG C 94 9.62 -4.09 -35.88
CA ARG C 94 8.93 -4.76 -34.79
C ARG C 94 9.80 -4.97 -33.56
N ALA C 95 10.95 -4.32 -33.46
CA ALA C 95 11.81 -4.48 -32.29
C ALA C 95 11.13 -3.94 -31.04
N THR C 96 10.54 -2.74 -31.14
CA THR C 96 9.90 -2.14 -29.98
C THR C 96 8.73 -2.98 -29.49
N GLU C 97 7.96 -3.56 -30.43
CA GLU C 97 6.89 -4.46 -30.05
C GLU C 97 7.44 -5.67 -29.31
N PHE C 98 8.62 -6.14 -29.71
CA PHE C 98 9.22 -7.28 -29.03
C PHE C 98 9.67 -6.94 -27.62
N MET C 99 10.22 -5.73 -27.42
CA MET C 99 10.53 -5.30 -26.06
C MET C 99 9.27 -5.19 -25.22
N GLU C 100 8.19 -4.64 -25.80
CA GLU C 100 6.94 -4.53 -25.05
C GLU C 100 6.36 -5.89 -24.71
N SER C 101 6.55 -6.86 -25.58
CA SER C 101 6.06 -8.21 -25.29
C SER C 101 6.90 -8.84 -24.20
N MET C 102 8.20 -8.59 -24.22
CA MET C 102 9.07 -9.14 -23.18
C MET C 102 8.74 -8.55 -21.81
N ARG C 103 8.32 -7.28 -21.77
CA ARG C 103 7.85 -6.72 -20.51
C ARG C 103 6.63 -7.48 -19.99
N TYR C 104 5.71 -7.83 -20.88
CA TYR C 104 4.55 -8.62 -20.49
C TYR C 104 4.96 -9.99 -19.96
N VAL C 105 5.93 -10.63 -20.64
CA VAL C 105 6.40 -11.94 -20.21
C VAL C 105 7.05 -11.86 -18.84
N ARG C 106 7.86 -10.84 -18.60
CA ARG C 106 8.50 -10.69 -17.29
C ARG C 106 7.48 -10.39 -16.20
N GLY C 107 6.44 -9.62 -16.51
CA GLY C 107 5.47 -9.26 -15.49
C GLY C 107 4.76 -10.48 -14.89
N ALA C 108 4.52 -11.49 -15.72
CA ALA C 108 3.79 -12.67 -15.28
C ALA C 108 4.65 -13.67 -14.51
N GLY C 109 5.89 -13.31 -14.19
CA GLY C 109 6.76 -14.22 -13.46
C GLY C 109 7.55 -15.17 -14.31
N GLY C 110 7.73 -14.87 -15.59
CA GLY C 110 8.46 -15.75 -16.48
C GLY C 110 9.95 -15.46 -16.50
N PRO C 111 10.61 -15.85 -17.59
CA PRO C 111 12.06 -15.66 -17.67
C PRO C 111 12.46 -14.20 -17.67
N SER C 112 13.63 -13.93 -17.10
CA SER C 112 14.15 -12.56 -17.09
C SER C 112 14.54 -12.10 -18.49
N THR C 113 15.16 -12.97 -19.27
CA THR C 113 15.60 -12.62 -20.62
C THR C 113 15.68 -13.87 -21.47
N LEU C 114 15.75 -13.66 -22.77
CA LEU C 114 15.71 -14.74 -23.75
C LEU C 114 17.12 -15.19 -24.12
N ALA C 115 17.23 -16.43 -24.58
CA ALA C 115 18.50 -16.95 -25.05
C ALA C 115 18.84 -16.33 -26.40
N SER C 116 20.06 -15.84 -26.57
CA SER C 116 20.44 -15.16 -27.81
C SER C 116 21.38 -15.98 -28.65
N TYR C 117 21.18 -17.28 -28.67
CA TYR C 117 22.07 -18.17 -29.42
C TYR C 117 21.94 -17.95 -30.91
N LEU C 118 20.70 -17.84 -31.43
CA LEU C 118 20.52 -17.69 -32.87
C LEU C 118 20.96 -16.33 -33.36
N GLN C 119 20.77 -15.28 -32.54
CA GLN C 119 21.02 -13.93 -32.99
C GLN C 119 22.50 -13.68 -33.21
N ASP C 120 23.36 -14.27 -32.37
CA ASP C 120 24.80 -14.10 -32.51
C ASP C 120 25.33 -14.75 -33.79
N THR C 121 24.75 -15.89 -34.17
CA THR C 121 25.18 -16.60 -35.37
C THR C 121 24.88 -15.75 -36.61
N GLU C 122 25.76 -15.86 -37.60
CA GLU C 122 25.63 -15.10 -38.82
C GLU C 122 24.86 -15.88 -39.87
N ASN C 123 24.05 -15.15 -40.65
CA ASN C 123 23.27 -15.69 -41.76
C ASN C 123 22.46 -16.89 -41.22
N CYS C 124 21.84 -16.69 -40.07
CA CYS C 124 21.02 -17.71 -39.43
C CYS C 124 19.58 -17.24 -39.57
N ARG C 125 19.00 -17.50 -40.73
CA ARG C 125 17.61 -17.15 -40.96
C ARG C 125 16.71 -18.26 -40.46
N CYS C 126 15.67 -17.90 -39.72
CA CYS C 126 14.71 -18.84 -39.18
C CYS C 126 13.50 -18.06 -38.69
N ASN C 127 12.41 -18.78 -38.43
CA ASN C 127 11.20 -18.17 -37.86
C ASN C 127 10.52 -19.16 -36.92
N SER C 128 9.82 -18.63 -35.92
CA SER C 128 8.97 -19.48 -35.11
C SER C 128 7.76 -19.91 -35.93
N GLY C 129 7.59 -21.22 -36.09
CA GLY C 129 6.54 -21.78 -36.92
C GLY C 129 6.99 -22.90 -37.83
N ASP C 130 8.28 -22.98 -38.14
CA ASP C 130 8.81 -24.11 -38.90
C ASP C 130 9.30 -25.23 -38.00
N VAL C 131 9.17 -25.09 -36.69
CA VAL C 131 9.58 -26.12 -35.73
C VAL C 131 8.32 -26.74 -35.13
N VAL C 132 8.30 -28.07 -35.04
CA VAL C 132 7.17 -28.80 -34.49
C VAL C 132 7.66 -29.61 -33.29
N CYS C 133 7.12 -29.35 -32.12
CA CYS C 133 7.57 -30.05 -30.95
C CYS C 133 7.06 -31.48 -31.00
N LEU C 134 7.67 -32.30 -31.84
CA LEU C 134 7.25 -33.69 -31.96
C LEU C 134 7.64 -34.49 -30.72
N PRO C 135 7.12 -35.72 -30.59
CA PRO C 135 7.53 -36.54 -29.46
C PRO C 135 8.98 -36.96 -29.60
N ASN C 136 9.76 -36.85 -28.54
CA ASN C 136 11.18 -37.23 -28.58
C ASN C 136 12.02 -36.28 -29.42
N GLY C 137 11.74 -34.99 -29.34
CA GLY C 137 12.53 -34.01 -30.08
C GLY C 137 11.70 -33.02 -30.89
N ILE C 138 12.37 -32.20 -31.69
CA ILE C 138 11.66 -31.26 -32.55
C ILE C 138 11.89 -31.65 -34.01
N ALA C 139 10.98 -31.22 -34.87
CA ALA C 139 11.12 -31.37 -36.32
C ALA C 139 11.09 -30.00 -36.97
N VAL C 140 12.15 -29.68 -37.72
CA VAL C 140 12.27 -28.40 -38.39
C VAL C 140 12.06 -28.61 -39.88
N GLY C 141 11.60 -27.56 -40.56
CA GLY C 141 11.33 -27.62 -41.99
C GLY C 141 12.37 -26.82 -42.76
N HIS C 142 12.81 -27.38 -43.88
CA HIS C 142 13.84 -26.75 -44.69
C HIS C 142 13.22 -26.01 -45.89
N GLY C 143 12.74 -24.80 -45.62
CA GLY C 143 12.11 -24.00 -46.64
C GLY C 143 12.94 -22.78 -47.00
N PRO C 144 12.32 -21.82 -47.68
CA PRO C 144 13.06 -20.58 -48.03
C PRO C 144 13.23 -19.63 -46.87
N ARG C 145 12.33 -19.65 -45.89
CA ARG C 145 12.42 -18.70 -44.78
C ARG C 145 13.54 -19.05 -43.81
N THR C 146 14.04 -20.28 -43.83
CA THR C 146 15.13 -20.70 -42.94
C THR C 146 16.23 -21.36 -43.76
N ASN C 147 17.48 -21.04 -43.43
CA ASN C 147 18.63 -21.53 -44.18
C ASN C 147 19.22 -22.77 -43.52
N ALA C 148 20.33 -23.25 -44.08
CA ALA C 148 21.02 -24.40 -43.51
C ALA C 148 21.81 -24.03 -42.27
N VAL C 149 22.21 -22.76 -42.14
CA VAL C 149 22.94 -22.33 -40.94
C VAL C 149 22.06 -22.50 -39.70
N ALA C 150 20.77 -22.17 -39.82
CA ALA C 150 19.86 -22.40 -38.71
C ALA C 150 19.75 -23.88 -38.38
N HIS C 151 19.69 -24.73 -39.41
CA HIS C 151 19.66 -26.17 -39.18
C HIS C 151 20.88 -26.63 -38.37
N THR C 152 22.07 -26.25 -38.83
CA THR C 152 23.29 -26.68 -38.15
C THR C 152 23.36 -26.13 -36.73
N THR C 153 23.00 -24.86 -36.54
CA THR C 153 23.08 -24.28 -35.20
C THR C 153 22.12 -24.98 -34.25
N LEU C 154 20.88 -25.22 -34.69
CA LEU C 154 19.92 -25.93 -33.83
C LEU C 154 20.41 -27.33 -33.52
N LYS C 155 20.96 -28.03 -34.51
CA LYS C 155 21.45 -29.38 -34.29
C LYS C 155 22.59 -29.41 -33.28
N GLN C 156 23.52 -28.45 -33.38
CA GLN C 156 24.62 -28.41 -32.41
C GLN C 156 24.13 -28.04 -31.03
N LEU C 157 23.15 -27.14 -30.93
CA LEU C 157 22.66 -26.71 -29.63
C LEU C 157 21.88 -27.80 -28.89
N PHE C 158 20.93 -28.44 -29.56
CA PHE C 158 19.95 -29.25 -28.83
C PHE C 158 20.00 -30.74 -29.11
N GLU C 159 20.68 -31.18 -30.18
CA GLU C 159 20.66 -32.60 -30.51
C GLU C 159 21.68 -33.35 -29.67
N VAL C 160 21.21 -34.35 -28.93
CA VAL C 160 22.06 -35.22 -28.12
C VAL C 160 21.60 -36.66 -28.34
N LYS C 161 22.55 -37.55 -28.57
CA LYS C 161 22.28 -38.96 -28.84
C LYS C 161 22.72 -39.80 -27.64
N ASP C 162 21.79 -40.54 -27.04
CA ASP C 162 22.07 -41.33 -25.85
C ASP C 162 21.03 -42.44 -25.75
N ASP C 163 21.33 -43.45 -24.94
CA ASP C 163 20.38 -44.52 -24.71
C ASP C 163 19.09 -43.97 -24.11
N GLN C 164 19.19 -42.95 -23.24
CA GLN C 164 18.05 -42.28 -22.64
C GLN C 164 18.06 -40.77 -22.79
N PHE C 165 19.19 -40.09 -22.67
CA PHE C 165 19.20 -38.63 -22.82
C PHE C 165 19.26 -38.28 -24.30
N SER C 166 18.18 -38.62 -24.99
CA SER C 166 18.11 -38.55 -26.43
C SER C 166 17.19 -37.40 -26.84
N PHE C 167 17.68 -36.54 -27.72
CA PHE C 167 16.88 -35.47 -28.30
C PHE C 167 17.10 -35.52 -29.81
N ASP C 168 16.00 -35.55 -30.56
CA ASP C 168 16.06 -35.74 -32.01
C ASP C 168 15.62 -34.47 -32.72
N VAL C 169 16.44 -34.00 -33.66
CA VAL C 169 16.07 -32.91 -34.54
C VAL C 169 15.96 -33.50 -35.94
N PHE C 170 14.83 -33.23 -36.60
CA PHE C 170 14.56 -33.73 -37.94
C PHE C 170 14.43 -32.56 -38.90
N THR C 171 15.01 -32.70 -40.08
CA THR C 171 14.84 -31.72 -41.15
C THR C 171 13.81 -32.27 -42.15
N LEU C 172 12.82 -31.46 -42.48
CA LEU C 172 11.76 -31.85 -43.41
C LEU C 172 11.77 -30.87 -44.56
N GLU C 173 12.08 -31.35 -45.76
CA GLU C 173 12.18 -30.49 -46.91
C GLU C 173 10.80 -30.07 -47.41
N GLN C 174 10.68 -28.82 -47.82
CA GLN C 174 9.41 -28.28 -48.29
C GLN C 174 9.68 -27.24 -49.38
N GLU C 175 8.65 -26.96 -50.15
CA GLU C 175 8.78 -26.11 -51.33
C GLU C 175 8.72 -24.63 -50.94
N GLY C 176 8.94 -23.77 -51.94
CA GLY C 176 8.95 -22.34 -51.68
C GLY C 176 7.59 -21.78 -51.33
N ASP C 177 6.54 -22.27 -51.99
CA ASP C 177 5.19 -21.74 -51.78
C ASP C 177 4.52 -22.30 -50.53
N ALA C 178 5.11 -23.30 -49.89
CA ALA C 178 4.48 -23.89 -48.72
C ALA C 178 4.50 -22.89 -47.55
N PRO C 179 3.45 -22.84 -46.76
CA PRO C 179 3.44 -21.97 -45.58
C PRO C 179 4.35 -22.53 -44.51
N PRO C 180 4.55 -21.80 -43.40
CA PRO C 180 5.34 -22.36 -42.30
C PRO C 180 4.77 -23.68 -41.81
N LEU C 181 5.67 -24.55 -41.35
CA LEU C 181 5.30 -25.94 -41.05
C LEU C 181 4.20 -26.01 -39.99
N GLY C 182 4.27 -25.16 -38.97
CA GLY C 182 3.29 -25.22 -37.91
C GLY C 182 1.87 -24.94 -38.34
N ASP C 183 1.69 -24.32 -39.51
CA ASP C 183 0.35 -23.98 -39.98
C ASP C 183 -0.41 -25.18 -40.52
N TYR C 184 0.29 -26.22 -40.96
CA TYR C 184 -0.41 -27.36 -41.58
C TYR C 184 0.06 -28.74 -41.12
N PHE C 185 1.31 -28.84 -40.69
CA PHE C 185 1.80 -30.12 -40.18
C PHE C 185 2.03 -29.99 -38.69
N GLY C 186 1.28 -30.75 -37.90
CA GLY C 186 1.42 -30.68 -36.46
C GLY C 186 0.94 -31.92 -35.77
N PHE C 187 1.50 -32.21 -34.60
CA PHE C 187 1.08 -33.39 -33.84
C PHE C 187 0.03 -32.99 -32.83
N ALA C 188 -0.97 -33.84 -32.64
CA ALA C 188 -2.00 -33.57 -31.65
C ALA C 188 -2.22 -34.78 -30.79
N GLY C 189 -3.01 -34.62 -29.74
CA GLY C 189 -3.24 -35.72 -28.82
C GLY C 189 -1.92 -36.25 -28.33
N SER C 190 -1.72 -37.56 -28.44
CA SER C 190 -0.46 -38.16 -28.03
C SER C 190 0.12 -38.94 -29.18
N ASN C 191 -0.75 -39.56 -29.97
CA ASN C 191 -0.30 -40.37 -31.08
C ASN C 191 -0.89 -39.91 -32.40
N VAL C 192 -1.65 -38.83 -32.38
CA VAL C 192 -2.33 -38.38 -33.59
C VAL C 192 -1.58 -37.31 -34.37
N LEU C 193 -1.40 -37.52 -35.67
CA LEU C 193 -0.73 -36.54 -36.50
C LEU C 193 -1.74 -35.86 -37.40
N LEU C 194 -1.94 -34.56 -37.19
CA LEU C 194 -2.92 -33.82 -37.98
C LEU C 194 -2.23 -33.14 -39.14
N THR C 195 -2.61 -33.48 -40.35
CA THR C 195 -1.98 -32.90 -41.53
C THR C 195 -3.02 -32.46 -42.54
N TRP C 196 -2.74 -31.37 -43.24
CA TRP C 196 -3.66 -30.91 -44.27
C TRP C 196 -3.66 -31.90 -45.41
N LYS C 197 -4.85 -32.29 -45.86
CA LYS C 197 -4.94 -33.18 -47.01
C LYS C 197 -4.48 -32.37 -48.23
N ASP C 198 -3.24 -31.91 -48.18
CA ASP C 198 -2.60 -31.12 -49.22
C ASP C 198 -1.34 -31.84 -49.67
N GLU C 199 -0.68 -31.28 -50.69
CA GLU C 199 0.57 -31.86 -51.17
C GLU C 199 1.65 -31.77 -50.10
N HIS C 200 1.81 -30.57 -49.53
CA HIS C 200 2.85 -30.35 -48.53
C HIS C 200 2.62 -31.18 -47.28
N GLY C 201 1.35 -31.31 -46.86
CA GLY C 201 1.06 -32.11 -45.68
C GLY C 201 1.41 -33.57 -45.87
N LEU C 202 1.03 -34.14 -47.01
CA LEU C 202 1.36 -35.53 -47.29
C LEU C 202 2.87 -35.72 -47.39
N LEU C 203 3.57 -34.79 -48.04
CA LEU C 203 5.02 -34.89 -48.12
C LEU C 203 5.67 -34.86 -46.75
N ALA C 204 5.21 -33.94 -45.88
CA ALA C 204 5.78 -33.86 -44.54
C ALA C 204 5.48 -35.12 -43.73
N VAL C 205 4.27 -35.65 -43.86
CA VAL C 205 3.93 -36.89 -43.17
C VAL C 205 4.82 -38.03 -43.63
N ASP C 206 5.04 -38.14 -44.94
CA ASP C 206 5.90 -39.20 -45.46
C ASP C 206 7.33 -39.05 -44.97
N GLN C 207 7.86 -37.83 -44.98
CA GLN C 207 9.22 -37.61 -44.52
C GLN C 207 9.37 -37.93 -43.04
N TYR C 208 8.40 -37.52 -42.22
CA TYR C 208 8.46 -37.86 -40.80
C TYR C 208 8.36 -39.35 -40.57
N GLN C 209 7.51 -40.05 -41.33
CA GLN C 209 7.46 -41.50 -41.20
C GLN C 209 8.78 -42.14 -41.59
N GLN C 210 9.40 -41.63 -42.65
CA GLN C 210 10.65 -42.24 -43.13
C GLN C 210 11.82 -42.01 -42.18
N LYS C 211 12.11 -40.74 -41.90
CA LYS C 211 13.21 -40.43 -40.99
C LYS C 211 13.10 -41.31 -39.76
N GLN C 212 11.92 -41.34 -39.15
CA GLN C 212 11.72 -42.16 -37.98
C GLN C 212 10.92 -43.39 -38.36
N PRO C 213 11.62 -44.49 -38.67
CA PRO C 213 10.93 -45.70 -39.13
C PRO C 213 10.29 -46.41 -37.94
N HIS C 214 9.64 -47.55 -38.19
CA HIS C 214 9.05 -48.32 -37.11
C HIS C 214 8.30 -47.42 -36.13
N THR C 215 7.59 -46.42 -36.66
CA THR C 215 6.85 -45.49 -35.81
C THR C 215 5.36 -45.69 -36.02
N GLU C 216 4.62 -45.81 -34.94
CA GLU C 216 3.18 -46.07 -35.07
C GLU C 216 2.34 -44.92 -34.57
N MET C 217 1.75 -44.16 -35.49
CA MET C 217 0.87 -43.07 -35.09
C MET C 217 -0.16 -42.80 -36.17
N ASN C 218 -1.41 -42.65 -35.78
CA ASN C 218 -2.48 -42.42 -36.76
C ASN C 218 -2.32 -41.08 -37.45
N VAL C 219 -2.62 -41.02 -38.74
CA VAL C 219 -2.55 -39.77 -39.48
C VAL C 219 -3.94 -39.32 -39.88
N VAL C 220 -4.31 -38.10 -39.50
CA VAL C 220 -5.64 -37.58 -39.84
C VAL C 220 -5.53 -36.41 -40.80
N TYR C 221 -6.27 -36.47 -41.91
CA TYR C 221 -6.19 -35.42 -42.92
C TYR C 221 -7.34 -34.44 -42.84
N LEU C 222 -7.04 -33.16 -42.63
CA LEU C 222 -8.08 -32.16 -42.57
C LEU C 222 -8.28 -31.54 -43.93
N GLU C 223 -9.29 -30.67 -44.10
CA GLU C 223 -9.43 -30.00 -45.38
C GLU C 223 -8.41 -28.88 -45.51
N PRO C 224 -8.00 -28.54 -46.72
CA PRO C 224 -7.13 -27.37 -46.92
C PRO C 224 -7.80 -26.09 -46.45
N GLY C 225 -6.99 -25.18 -45.92
CA GLY C 225 -7.50 -23.92 -45.41
C GLY C 225 -8.12 -23.99 -44.04
N CYS C 226 -8.09 -25.15 -43.38
CA CYS C 226 -8.66 -25.30 -42.04
C CYS C 226 -7.54 -25.10 -41.02
N HIS C 227 -7.40 -23.87 -40.55
CA HIS C 227 -6.39 -23.58 -39.53
C HIS C 227 -6.76 -24.27 -38.22
N PHE C 228 -5.74 -24.72 -37.49
CA PHE C 228 -5.96 -25.44 -36.25
C PHE C 228 -4.87 -25.08 -35.24
N LEU C 229 -5.15 -25.38 -33.98
CA LEU C 229 -4.22 -25.12 -32.90
C LEU C 229 -4.42 -26.15 -31.80
N SER C 230 -3.34 -26.80 -31.37
CA SER C 230 -3.42 -27.82 -30.33
C SER C 230 -2.28 -27.62 -29.36
N PHE C 231 -2.60 -27.45 -28.08
CA PHE C 231 -1.59 -27.30 -27.03
C PHE C 231 -1.01 -28.67 -26.70
N TYR C 232 0.13 -28.99 -27.32
CA TYR C 232 0.72 -30.33 -27.14
C TYR C 232 1.60 -30.43 -25.90
N GLY C 233 1.23 -31.33 -24.99
CA GLY C 233 1.99 -31.50 -23.76
C GLY C 233 1.68 -32.77 -23.02
N VAL C 234 2.38 -33.01 -21.92
CA VAL C 234 2.18 -34.23 -21.14
C VAL C 234 0.77 -34.35 -20.60
N ASP C 235 0.15 -33.21 -20.30
CA ASP C 235 -1.19 -33.22 -19.74
C ASP C 235 -2.15 -33.91 -20.69
N HIS C 236 -1.72 -34.12 -21.92
CA HIS C 236 -2.54 -34.82 -22.89
C HIS C 236 -3.89 -34.14 -23.06
N THR C 237 -3.89 -32.81 -23.07
CA THR C 237 -5.13 -32.10 -23.31
C THR C 237 -5.57 -32.39 -24.74
N ILE C 238 -6.85 -32.66 -24.92
CA ILE C 238 -7.35 -32.99 -26.25
C ILE C 238 -8.10 -31.83 -26.88
N ASP C 239 -8.12 -30.67 -26.23
CA ASP C 239 -8.76 -29.52 -26.85
C ASP C 239 -7.99 -29.13 -28.11
N VAL C 240 -8.67 -29.18 -29.25
CA VAL C 240 -8.08 -28.89 -30.56
C VAL C 240 -8.93 -27.81 -31.21
N LEU C 241 -8.46 -26.58 -31.22
CA LEU C 241 -9.21 -25.50 -31.84
C LEU C 241 -9.13 -25.60 -33.35
N VAL C 242 -10.28 -25.50 -34.02
CA VAL C 242 -10.36 -25.54 -35.47
C VAL C 242 -11.32 -24.46 -35.98
N GLN C 243 -11.29 -24.25 -37.29
CA GLN C 243 -12.11 -23.20 -37.89
C GLN C 243 -13.56 -23.64 -38.00
N LYS C 244 -14.46 -22.66 -37.93
CA LYS C 244 -15.88 -22.96 -37.86
C LYS C 244 -16.43 -23.52 -39.17
N GLY C 245 -15.96 -23.00 -40.31
CA GLY C 245 -16.61 -23.31 -41.58
C GLY C 245 -16.53 -24.78 -41.96
N TYR C 246 -15.42 -25.43 -41.65
CA TYR C 246 -15.15 -26.79 -42.12
C TYR C 246 -15.71 -27.78 -41.09
N GLU C 247 -16.70 -28.55 -41.52
CA GLU C 247 -17.33 -29.52 -40.61
C GLU C 247 -16.69 -30.90 -40.71
N ARG C 248 -16.12 -31.24 -41.87
CA ARG C 248 -15.54 -32.57 -42.03
C ARG C 248 -14.27 -32.75 -41.22
N SER C 249 -13.41 -31.73 -41.18
CA SER C 249 -12.28 -31.78 -40.26
C SER C 249 -12.77 -31.97 -38.83
N MET C 250 -13.88 -31.32 -38.49
CA MET C 250 -14.48 -31.42 -37.16
C MET C 250 -14.91 -32.87 -36.87
N ASP C 251 -15.57 -33.52 -37.84
CA ASP C 251 -15.98 -34.92 -37.70
C ASP C 251 -14.76 -35.84 -37.56
N SER C 252 -13.72 -35.57 -38.35
CA SER C 252 -12.51 -36.38 -38.30
C SER C 252 -11.82 -36.27 -36.94
N ILE C 253 -11.71 -35.05 -36.41
CA ILE C 253 -11.08 -34.86 -35.11
C ILE C 253 -11.89 -35.53 -34.02
N ALA C 254 -13.23 -35.41 -34.09
CA ALA C 254 -14.06 -36.08 -33.09
C ALA C 254 -13.94 -37.59 -33.17
N ALA C 255 -13.81 -38.13 -34.39
CA ALA C 255 -13.72 -39.58 -34.57
C ALA C 255 -12.44 -40.16 -34.01
N ALA C 256 -11.38 -39.35 -33.86
CA ALA C 256 -10.12 -39.85 -33.31
C ALA C 256 -10.09 -39.84 -31.79
N GLY C 257 -11.13 -39.31 -31.14
CA GLY C 257 -11.16 -39.25 -29.70
C GLY C 257 -10.64 -37.95 -29.14
N LEU C 258 -11.01 -36.84 -29.78
CA LEU C 258 -10.56 -35.52 -29.37
C LEU C 258 -11.77 -34.60 -29.18
N ASN C 259 -11.50 -33.33 -28.88
CA ASN C 259 -12.54 -32.36 -28.54
C ASN C 259 -12.42 -31.12 -29.41
N PRO C 260 -13.04 -31.10 -30.60
CA PRO C 260 -12.96 -29.90 -31.44
C PRO C 260 -13.74 -28.74 -30.85
N ILE C 261 -13.14 -27.57 -30.84
CA ILE C 261 -13.82 -26.41 -30.31
C ILE C 261 -13.93 -25.38 -31.41
N PRO C 262 -15.07 -25.33 -32.09
CA PRO C 262 -15.25 -24.42 -33.22
C PRO C 262 -14.95 -22.96 -32.88
N VAL C 263 -14.27 -22.25 -33.76
CA VAL C 263 -13.99 -20.83 -33.55
C VAL C 263 -14.12 -20.09 -34.87
N GLN C 264 -14.80 -18.94 -34.87
CA GLN C 264 -14.96 -18.19 -36.10
C GLN C 264 -13.65 -17.46 -36.42
N TRP C 265 -13.04 -17.79 -37.56
CA TRP C 265 -11.71 -17.29 -37.90
C TRP C 265 -11.68 -16.82 -39.35
N SER C 266 -12.66 -16.01 -39.74
CA SER C 266 -12.77 -15.58 -41.13
C SER C 266 -11.88 -14.37 -41.40
N GLU C 267 -12.07 -13.27 -40.65
CA GLU C 267 -11.36 -12.04 -40.95
C GLU C 267 -9.86 -12.19 -40.75
N MET C 268 -9.45 -12.83 -39.65
CA MET C 268 -8.02 -13.03 -39.41
C MET C 268 -7.40 -13.90 -40.49
N ASP C 269 -8.14 -14.89 -40.98
CA ASP C 269 -7.66 -15.71 -42.09
C ASP C 269 -7.49 -14.87 -43.35
N LYS C 270 -8.43 -13.94 -43.58
CA LYS C 270 -8.37 -13.12 -44.78
C LYS C 270 -7.18 -12.18 -44.81
N LEU C 271 -6.59 -11.86 -43.66
CA LEU C 271 -5.41 -11.00 -43.59
C LEU C 271 -4.11 -11.78 -43.67
N GLY C 272 -4.16 -13.11 -43.63
CA GLY C 272 -2.96 -13.92 -43.66
C GLY C 272 -2.52 -14.45 -42.31
N ILE C 273 -3.25 -14.16 -41.23
CA ILE C 273 -2.89 -14.60 -39.89
C ILE C 273 -3.69 -15.84 -39.53
N SER C 274 -3.01 -16.84 -39.01
CA SER C 274 -3.66 -18.06 -38.57
C SER C 274 -3.73 -18.11 -37.05
N MET C 275 -4.39 -19.16 -36.55
CA MET C 275 -4.55 -19.32 -35.11
C MET C 275 -3.21 -19.50 -34.41
N ARG C 276 -2.32 -20.28 -35.01
CA ARG C 276 -1.03 -20.56 -34.39
C ARG C 276 -0.18 -19.30 -34.27
N ALA C 277 -0.30 -18.39 -35.23
CA ALA C 277 0.49 -17.17 -35.22
C ALA C 277 -0.10 -16.07 -34.33
N ALA C 278 -1.26 -16.31 -33.73
CA ALA C 278 -1.92 -15.30 -32.92
C ALA C 278 -1.70 -15.49 -31.42
N VAL C 279 -1.23 -16.65 -30.98
CA VAL C 279 -1.05 -16.93 -29.56
C VAL C 279 0.42 -17.23 -29.30
N LEU C 280 0.86 -16.90 -28.08
CA LEU C 280 2.21 -17.20 -27.60
C LEU C 280 2.08 -18.06 -26.35
N PRO C 281 2.28 -19.37 -26.45
CA PRO C 281 2.22 -20.23 -25.25
C PRO C 281 3.56 -20.42 -24.59
N LEU C 282 3.66 -20.18 -23.29
CA LEU C 282 4.89 -20.37 -22.55
C LEU C 282 4.62 -21.20 -21.30
N LYS C 283 5.65 -21.90 -20.83
CA LYS C 283 5.56 -22.68 -19.59
C LYS C 283 6.50 -22.05 -18.57
N PHE C 284 5.93 -21.57 -17.47
CA PHE C 284 6.70 -20.99 -16.38
C PHE C 284 6.71 -21.93 -15.18
N PHE C 285 7.66 -21.69 -14.29
CA PHE C 285 7.74 -22.40 -13.02
C PHE C 285 8.22 -21.43 -11.95
N LYS C 286 8.08 -21.85 -10.70
CA LYS C 286 8.50 -21.05 -9.55
C LYS C 286 9.81 -21.61 -9.02
N ALA C 287 10.81 -20.74 -8.88
CA ALA C 287 12.09 -21.16 -8.35
C ALA C 287 11.93 -21.70 -6.94
N ASN C 288 12.44 -22.90 -6.69
CA ASN C 288 12.28 -23.50 -5.37
C ASN C 288 13.56 -23.45 -4.54
N VAL C 289 13.73 -22.40 -3.74
CA VAL C 289 14.93 -22.26 -2.92
C VAL C 289 15.00 -23.37 -1.90
N GLY C 290 16.16 -24.03 -1.80
CA GLY C 290 16.30 -25.14 -0.88
C GLY C 290 15.60 -26.36 -1.47
N GLY C 291 15.89 -27.54 -0.93
CA GLY C 291 15.19 -28.71 -1.40
C GLY C 291 13.72 -28.39 -1.26
N MET C 292 12.99 -28.38 -2.37
CA MET C 292 11.58 -28.00 -2.31
C MET C 292 10.75 -28.65 -3.40
N LEU C 293 9.52 -29.00 -3.07
CA LEU C 293 8.63 -29.60 -4.06
C LEU C 293 7.28 -28.87 -4.04
N SER C 294 7.17 -27.83 -4.85
CA SER C 294 5.96 -27.01 -4.92
C SER C 294 4.74 -27.90 -5.21
N ARG C 295 3.60 -27.50 -4.66
CA ARG C 295 2.35 -28.22 -4.90
C ARG C 295 1.91 -28.06 -6.34
N ASN C 296 1.30 -29.11 -6.88
CA ASN C 296 0.77 -29.11 -8.23
C ASN C 296 -0.71 -29.48 -8.21
N LYS C 297 -1.49 -28.79 -9.03
CA LYS C 297 -2.93 -29.07 -9.10
C LYS C 297 -3.17 -30.46 -9.68
N SER C 298 -4.18 -31.14 -9.15
CA SER C 298 -4.51 -32.47 -9.60
C SER C 298 -5.26 -32.43 -10.93
N ARG C 299 -5.18 -33.53 -11.67
CA ARG C 299 -5.91 -33.65 -12.93
C ARG C 299 -6.54 -35.04 -13.09
N GLY C 300 -6.57 -35.85 -12.04
CA GLY C 300 -7.18 -37.16 -12.12
C GLY C 300 -8.18 -37.41 -11.01
N ALA C 301 -8.70 -38.64 -10.93
CA ALA C 301 -9.66 -39.00 -9.90
C ALA C 301 -8.95 -39.51 -8.67
N ARG C 302 -9.63 -39.42 -7.52
CA ARG C 302 -9.07 -39.78 -6.23
C ARG C 302 -9.80 -40.99 -5.67
N TRP C 303 -9.10 -41.78 -4.86
CA TRP C 303 -9.67 -42.93 -4.16
C TRP C 303 -10.34 -43.89 -5.13
N GLN C 304 -9.57 -44.32 -6.15
CA GLN C 304 -10.10 -45.23 -7.15
C GLN C 304 -10.48 -46.58 -6.53
N THR C 305 -9.66 -47.08 -5.61
CA THR C 305 -9.87 -48.42 -5.08
C THR C 305 -11.16 -48.51 -4.28
N HIS C 306 -11.44 -47.50 -3.45
CA HIS C 306 -12.63 -47.54 -2.60
C HIS C 306 -13.90 -47.53 -3.43
N GLN C 307 -13.96 -46.67 -4.44
CA GLN C 307 -15.12 -46.58 -5.32
C GLN C 307 -14.78 -45.79 -6.58
N VAL D 58 -4.44 -16.36 22.63
CA VAL D 58 -4.08 -15.53 21.49
C VAL D 58 -2.57 -15.37 21.44
N SER D 59 -1.89 -15.77 22.52
CA SER D 59 -0.44 -15.62 22.59
C SER D 59 0.28 -16.57 21.65
N HIS D 60 -0.24 -17.79 21.47
CA HIS D 60 0.42 -18.77 20.63
C HIS D 60 0.26 -18.48 19.14
N LEU D 61 -0.50 -17.45 18.77
CA LEU D 61 -0.69 -17.09 17.37
C LEU D 61 0.47 -16.20 16.91
N SER D 62 1.09 -16.58 15.79
CA SER D 62 2.12 -15.73 15.21
C SER D 62 1.49 -14.54 14.49
N ALA D 63 2.35 -13.66 13.98
CA ALA D 63 1.87 -12.44 13.33
C ALA D 63 1.03 -12.75 12.10
N ARG D 64 1.36 -13.82 11.37
CA ARG D 64 0.59 -14.18 10.17
C ARG D 64 -0.85 -14.53 10.52
N ASN D 65 -1.05 -15.36 11.55
CA ASN D 65 -2.39 -15.71 11.99
C ASN D 65 -3.14 -14.49 12.53
N ILE D 66 -2.44 -13.60 13.22
CA ILE D 66 -3.08 -12.37 13.69
C ILE D 66 -3.55 -11.53 12.52
N ALA D 67 -2.73 -11.43 11.47
CA ALA D 67 -3.15 -10.66 10.29
C ALA D 67 -4.37 -11.29 9.63
N THR D 68 -4.38 -12.62 9.48
CA THR D 68 -5.52 -13.28 8.87
C THR D 68 -6.78 -13.07 9.69
N GLU D 69 -6.70 -13.21 11.01
CA GLU D 69 -7.88 -13.04 11.84
C GLU D 69 -8.33 -11.58 11.89
N ALA D 70 -7.40 -10.63 11.82
CA ALA D 70 -7.80 -9.23 11.75
C ALA D 70 -8.55 -8.94 10.46
N LEU D 71 -8.08 -9.48 9.34
CA LEU D 71 -8.83 -9.32 8.09
C LEU D 71 -10.21 -9.95 8.18
N GLN D 72 -10.30 -11.13 8.80
CA GLN D 72 -11.59 -11.77 8.98
C GLN D 72 -12.53 -10.91 9.83
N MET D 73 -12.02 -10.34 10.91
CA MET D 73 -12.85 -9.51 11.77
C MET D 73 -13.33 -8.26 11.05
N LYS D 74 -12.45 -7.63 10.27
CA LYS D 74 -12.86 -6.44 9.52
C LYS D 74 -13.94 -6.80 8.50
N LYS D 75 -13.77 -7.92 7.79
CA LYS D 75 -14.77 -8.34 6.81
C LYS D 75 -16.10 -8.65 7.48
N LEU D 76 -16.07 -9.28 8.65
CA LEU D 76 -17.31 -9.56 9.36
C LEU D 76 -17.97 -8.30 9.89
N HIS D 77 -17.18 -7.29 10.24
CA HIS D 77 -17.75 -6.08 10.85
C HIS D 77 -18.28 -5.06 9.83
N GLN D 78 -17.61 -4.93 8.69
CA GLN D 78 -18.01 -3.93 7.71
C GLN D 78 -19.09 -4.45 6.78
N GLU D 79 -19.49 -5.71 6.96
CA GLU D 79 -20.49 -6.30 6.09
C GLU D 79 -21.68 -6.88 6.86
N ARG D 80 -21.43 -7.83 7.75
CA ARG D 80 -22.51 -8.45 8.50
C ARG D 80 -22.73 -7.83 9.87
N GLY D 81 -23.23 -6.60 9.91
CA GLY D 81 -23.52 -5.94 11.17
C GLY D 81 -22.29 -5.31 11.82
N GLY D 82 -22.52 -4.39 12.75
CA GLY D 82 -21.42 -3.71 13.41
C GLY D 82 -21.26 -4.11 14.86
N ASN D 83 -21.70 -5.32 15.22
CA ASN D 83 -21.60 -5.80 16.60
C ASN D 83 -20.51 -5.09 17.40
N PRO D 84 -20.90 -4.30 18.41
CA PRO D 84 -19.91 -3.55 19.17
C PRO D 84 -18.96 -4.44 19.96
N MET D 85 -19.13 -5.75 19.86
CA MET D 85 -18.26 -6.69 20.55
C MET D 85 -17.05 -7.03 19.69
N LEU D 86 -17.28 -7.30 18.40
CA LEU D 86 -16.19 -7.61 17.49
C LEU D 86 -15.22 -6.45 17.37
N ALA D 87 -15.76 -5.23 17.28
CA ALA D 87 -14.89 -4.05 17.17
C ALA D 87 -14.01 -3.90 18.40
N GLN D 88 -14.58 -4.05 19.59
CA GLN D 88 -13.77 -3.85 20.79
C GLN D 88 -12.77 -4.98 20.99
N GLN D 89 -13.14 -6.22 20.65
CA GLN D 89 -12.19 -7.32 20.74
C GLN D 89 -11.02 -7.12 19.78
N ALA D 90 -11.31 -6.69 18.55
CA ALA D 90 -10.25 -6.45 17.59
C ALA D 90 -9.35 -5.30 18.03
N ARG D 91 -9.95 -4.25 18.61
CA ARG D 91 -9.14 -3.16 19.14
C ARG D 91 -8.21 -3.65 20.24
N ARG D 92 -8.73 -4.45 21.17
CA ARG D 92 -7.91 -4.94 22.27
C ARG D 92 -6.78 -5.83 21.77
N VAL D 93 -7.07 -6.71 20.80
CA VAL D 93 -6.02 -7.58 20.28
C VAL D 93 -4.96 -6.79 19.54
N LEU D 94 -5.38 -5.85 18.67
CA LEU D 94 -4.43 -5.09 17.88
C LEU D 94 -3.66 -4.07 18.71
N PHE D 95 -4.13 -3.75 19.92
CA PHE D 95 -3.38 -2.83 20.76
C PHE D 95 -2.13 -3.45 21.37
N ALA D 96 -1.94 -4.76 21.28
CA ALA D 96 -0.83 -5.46 21.91
C ALA D 96 -0.12 -6.37 20.92
N THR D 97 0.18 -5.84 19.73
CA THR D 97 0.91 -6.57 18.70
C THR D 97 2.04 -5.69 18.18
N SER D 98 3.14 -6.32 17.77
CA SER D 98 4.28 -5.57 17.27
C SER D 98 4.99 -6.36 16.19
N ILE D 99 5.32 -5.68 15.10
CA ILE D 99 6.13 -6.29 14.02
C ILE D 99 7.58 -5.92 14.33
N ALA D 100 8.21 -6.72 15.19
CA ALA D 100 9.58 -6.45 15.60
C ALA D 100 10.30 -7.77 15.83
N GLY D 101 11.43 -7.94 15.15
CA GLY D 101 12.23 -9.13 15.33
C GLY D 101 11.75 -10.37 14.63
N GLN D 102 10.74 -10.26 13.76
CA GLN D 102 10.22 -11.38 13.01
C GLN D 102 10.14 -11.02 11.54
N ASN D 103 10.55 -11.96 10.69
CA ASN D 103 10.47 -11.76 9.25
C ASN D 103 9.03 -11.98 8.78
N LEU D 104 8.49 -11.00 8.07
CA LEU D 104 7.11 -11.04 7.63
C LEU D 104 7.03 -10.67 6.14
N ASP D 105 6.06 -11.27 5.46
CA ASP D 105 5.83 -10.95 4.06
C ASP D 105 5.23 -9.55 3.94
N ALA D 106 5.26 -9.02 2.71
CA ALA D 106 4.65 -7.72 2.47
C ALA D 106 3.14 -7.76 2.69
N ARG D 107 2.51 -8.87 2.28
CA ARG D 107 1.05 -8.97 2.40
C ARG D 107 0.60 -8.96 3.85
N SER D 108 1.31 -9.67 4.72
CA SER D 108 0.91 -9.72 6.13
C SER D 108 1.04 -8.36 6.79
N VAL D 109 2.14 -7.65 6.52
CA VAL D 109 2.32 -6.32 7.08
C VAL D 109 1.26 -5.37 6.56
N ALA D 110 0.95 -5.44 5.26
CA ALA D 110 -0.09 -4.59 4.70
C ALA D 110 -1.44 -4.89 5.33
N LEU D 111 -1.76 -6.17 5.52
CA LEU D 111 -3.03 -6.54 6.15
C LEU D 111 -3.11 -6.02 7.58
N LEU D 112 -2.02 -6.14 8.33
CA LEU D 112 -2.04 -5.63 9.70
C LEU D 112 -2.24 -4.12 9.71
N LEU D 113 -1.55 -3.40 8.83
CA LEU D 113 -1.70 -1.95 8.77
C LEU D 113 -3.14 -1.57 8.40
N ASN D 114 -3.71 -2.24 7.41
CA ASN D 114 -5.07 -1.93 6.99
C ASN D 114 -6.08 -2.20 8.09
N THR D 115 -6.01 -3.38 8.72
CA THR D 115 -6.99 -3.71 9.75
C THR D 115 -6.79 -2.89 11.01
N ALA D 116 -5.57 -2.42 11.27
CA ALA D 116 -5.37 -1.53 12.39
C ALA D 116 -5.97 -0.16 12.11
N VAL D 117 -5.68 0.41 10.93
CA VAL D 117 -6.18 1.74 10.62
C VAL D 117 -7.70 1.75 10.51
N TYR D 118 -8.30 0.68 9.99
CA TYR D 118 -9.75 0.63 9.85
C TYR D 118 -10.45 0.71 11.19
N PHE D 119 -9.82 0.20 12.25
CA PHE D 119 -10.48 0.14 13.55
C PHE D 119 -10.19 1.34 14.45
N GLY D 120 -9.88 2.49 13.85
CA GLY D 120 -9.67 3.69 14.63
C GLY D 120 -8.24 4.06 14.98
N MET D 121 -7.32 3.12 14.85
CA MET D 121 -5.94 3.39 15.19
C MET D 121 -5.42 4.55 14.38
N GLU D 122 -4.85 5.54 15.03
CA GLU D 122 -4.37 6.73 14.32
C GLU D 122 -2.92 6.59 13.88
N SER D 123 -2.30 7.70 13.48
CA SER D 123 -0.92 7.66 13.03
C SER D 123 0.06 7.86 14.16
N ASP D 124 -0.42 7.79 15.40
CA ASP D 124 0.47 7.90 16.55
C ASP D 124 0.73 6.53 17.16
N ALA D 125 -0.07 5.54 16.79
CA ALA D 125 0.08 4.20 17.34
C ALA D 125 1.35 3.52 16.87
N LYS D 126 1.87 2.59 17.67
CA LYS D 126 3.11 1.91 17.33
C LYS D 126 2.96 0.99 16.11
N LEU D 127 1.95 0.12 16.13
CA LEU D 127 1.76 -0.81 15.03
C LEU D 127 1.74 -0.07 13.72
N VAL D 128 1.02 1.05 13.69
CA VAL D 128 0.94 1.85 12.47
C VAL D 128 2.31 2.39 12.09
N ARG D 129 3.08 2.88 13.07
CA ARG D 129 4.41 3.39 12.78
C ARG D 129 5.34 2.29 12.26
N GLU D 130 5.34 1.13 12.88
CA GLU D 130 6.17 0.04 12.39
C GLU D 130 5.77 -0.42 10.98
N CYS D 131 4.47 -0.51 10.68
CA CYS D 131 4.06 -0.90 9.33
C CYS D 131 4.44 0.16 8.31
N ILE D 132 4.28 1.44 8.65
CA ILE D 132 4.63 2.52 7.73
C ILE D 132 6.12 2.53 7.47
N ASP D 133 6.93 2.33 8.52
CA ASP D 133 8.38 2.26 8.32
C ASP D 133 8.76 1.11 7.40
N TYR D 134 8.13 -0.05 7.59
CA TYR D 134 8.41 -1.18 6.72
C TYR D 134 8.03 -0.87 5.27
N CYS D 135 6.87 -0.24 5.07
CA CYS D 135 6.45 0.10 3.71
C CYS D 135 7.38 1.13 3.07
N LEU D 136 7.98 2.00 3.89
CA LEU D 136 8.94 2.96 3.36
C LEU D 136 10.24 2.28 2.96
N LYS D 137 10.75 1.40 3.83
CA LYS D 137 12.09 0.83 3.59
C LYS D 137 12.07 -0.17 2.43
N ASN D 138 11.09 -1.06 2.39
CA ASN D 138 11.01 -2.11 1.37
C ASN D 138 9.93 -1.72 0.38
N ASP D 139 10.33 -1.02 -0.68
CA ASP D 139 9.38 -0.51 -1.65
C ASP D 139 9.15 -1.46 -2.82
N LYS D 140 10.19 -2.15 -3.27
CA LYS D 140 10.03 -3.06 -4.39
C LYS D 140 9.38 -4.38 -3.98
N LEU D 141 9.26 -4.63 -2.68
CA LEU D 141 8.53 -5.80 -2.22
C LEU D 141 7.02 -5.59 -2.24
N ILE D 142 6.57 -4.34 -2.38
CA ILE D 142 5.14 -4.03 -2.44
C ILE D 142 4.76 -4.12 -3.92
N THR D 143 4.33 -5.31 -4.33
CA THR D 143 3.97 -5.54 -5.72
C THR D 143 2.59 -4.94 -6.01
N VAL D 144 2.10 -5.19 -7.23
CA VAL D 144 0.79 -4.67 -7.63
C VAL D 144 -0.36 -5.43 -6.98
N ASP D 145 -0.08 -6.45 -6.17
CA ASP D 145 -1.14 -7.17 -5.48
C ASP D 145 -1.46 -6.55 -4.13
N VAL D 146 -0.44 -6.04 -3.43
CA VAL D 146 -0.63 -5.42 -2.12
C VAL D 146 -0.54 -3.91 -2.18
N LEU D 147 -0.49 -3.32 -3.38
CA LEU D 147 -0.60 -1.87 -3.50
C LEU D 147 -1.94 -1.33 -3.04
N PRO D 148 -3.09 -1.89 -3.44
CA PRO D 148 -4.37 -1.34 -2.96
C PRO D 148 -4.53 -1.36 -1.46
N ILE D 149 -4.04 -2.40 -0.78
CA ILE D 149 -4.18 -2.47 0.68
C ILE D 149 -3.41 -1.32 1.34
N VAL D 150 -2.17 -1.10 0.91
CA VAL D 150 -1.37 -0.03 1.48
C VAL D 150 -1.99 1.33 1.20
N VAL D 151 -2.47 1.54 -0.03
CA VAL D 151 -3.05 2.84 -0.36
C VAL D 151 -4.33 3.09 0.43
N THR D 152 -5.17 2.07 0.56
CA THR D 152 -6.40 2.23 1.34
C THR D 152 -6.08 2.53 2.80
N ALA D 153 -5.07 1.85 3.36
CA ALA D 153 -4.70 2.10 4.74
C ALA D 153 -4.15 3.52 4.93
N CYS D 154 -3.34 4.00 3.99
CA CYS D 154 -2.76 5.33 4.10
C CYS D 154 -3.68 6.44 3.64
N ALA D 155 -4.86 6.11 3.12
CA ALA D 155 -5.78 7.14 2.65
C ALA D 155 -6.14 8.12 3.76
N THR D 156 -6.56 7.63 4.92
CA THR D 156 -7.05 8.52 5.97
C THR D 156 -5.94 9.07 6.84
N LEU D 157 -4.81 8.37 6.95
CA LEU D 157 -3.66 8.89 7.67
C LEU D 157 -3.09 10.09 6.91
N LYS D 158 -2.90 11.21 7.58
CA LYS D 158 -2.43 12.43 6.95
C LYS D 158 -1.17 12.91 7.66
N SER D 159 -0.02 12.40 7.25
CA SER D 159 1.27 12.82 7.78
C SER D 159 2.29 12.83 6.65
N ARG D 160 3.55 13.06 7.01
CA ARG D 160 4.60 13.12 6.00
C ARG D 160 4.84 11.75 5.36
N ASP D 161 5.00 10.73 6.19
CA ASP D 161 5.29 9.40 5.67
C ASP D 161 4.13 8.85 4.84
N ALA D 162 2.90 9.10 5.27
CA ALA D 162 1.75 8.63 4.50
C ALA D 162 1.69 9.28 3.14
N ARG D 163 1.96 10.59 3.07
CA ARG D 163 1.98 11.27 1.79
C ARG D 163 3.08 10.71 0.89
N GLU D 164 4.27 10.48 1.44
CA GLU D 164 5.36 9.95 0.64
C GLU D 164 5.03 8.56 0.09
N VAL D 165 4.46 7.71 0.94
CA VAL D 165 4.11 6.36 0.50
C VAL D 165 3.05 6.40 -0.58
N ILE D 166 2.03 7.25 -0.41
CA ILE D 166 0.98 7.34 -1.41
C ILE D 166 1.54 7.82 -2.75
N GLU D 167 2.44 8.81 -2.72
CA GLU D 167 3.04 9.28 -3.97
C GLU D 167 3.86 8.20 -4.64
N MET D 168 4.66 7.45 -3.87
CA MET D 168 5.47 6.38 -4.45
C MET D 168 4.60 5.30 -5.08
N GLN D 169 3.53 4.90 -4.40
CA GLN D 169 2.63 3.91 -4.98
C GLN D 169 1.91 4.45 -6.20
N ALA D 170 1.59 5.74 -6.23
CA ALA D 170 0.97 6.33 -7.40
C ALA D 170 1.89 6.25 -8.60
N GLN D 171 3.17 6.56 -8.42
CA GLN D 171 4.11 6.45 -9.53
C GLN D 171 4.29 5.01 -9.97
N LYS D 172 4.38 4.07 -9.01
CA LYS D 172 4.52 2.66 -9.38
C LYS D 172 3.32 2.17 -10.18
N ALA D 173 2.11 2.54 -9.79
CA ALA D 173 0.93 2.14 -10.54
C ALA D 173 0.85 2.86 -11.88
N ALA D 174 1.40 4.06 -11.98
CA ALA D 174 1.46 4.76 -13.26
C ALA D 174 2.36 4.03 -14.24
N ARG D 175 3.51 3.55 -13.78
CA ARG D 175 4.43 2.88 -14.69
C ARG D 175 3.87 1.55 -15.19
N ASN D 176 3.27 0.75 -14.31
CA ASN D 176 2.78 -0.58 -14.65
C ASN D 176 1.30 -0.58 -14.99
N ALA D 177 0.78 0.52 -15.55
CA ALA D 177 -0.64 0.60 -15.85
C ALA D 177 -1.03 -0.24 -17.06
N LYS D 178 -0.06 -0.68 -17.86
CA LYS D 178 -0.36 -1.42 -19.07
C LYS D 178 -0.42 -2.93 -18.88
N PHE D 179 0.06 -3.45 -17.76
CA PHE D 179 0.17 -4.89 -17.56
C PHE D 179 -0.79 -5.42 -16.50
N LEU D 180 -1.79 -4.64 -16.11
CA LEU D 180 -2.75 -5.09 -15.11
C LEU D 180 -3.87 -5.88 -15.77
N ASP D 181 -4.59 -6.64 -14.95
CA ASP D 181 -5.70 -7.46 -15.40
C ASP D 181 -6.99 -6.99 -14.74
N ALA D 182 -8.05 -7.80 -14.89
CA ALA D 182 -9.40 -7.34 -14.53
C ALA D 182 -9.51 -6.95 -13.06
N LYS D 183 -8.97 -7.77 -12.16
CA LYS D 183 -9.05 -7.48 -10.74
C LYS D 183 -8.26 -6.23 -10.37
N ASP D 184 -7.03 -6.13 -10.91
CA ASP D 184 -6.10 -5.11 -10.44
C ASP D 184 -6.56 -3.71 -10.80
N VAL D 185 -7.13 -3.51 -11.99
CA VAL D 185 -7.54 -2.17 -12.38
C VAL D 185 -8.62 -1.64 -11.45
N THR D 186 -9.65 -2.46 -11.18
CA THR D 186 -10.71 -2.01 -10.30
C THR D 186 -10.21 -1.78 -8.88
N ASN D 187 -9.41 -2.72 -8.35
CA ASN D 187 -8.92 -2.56 -6.99
C ASN D 187 -8.07 -1.30 -6.86
N ILE D 188 -7.15 -1.08 -7.80
CA ILE D 188 -6.27 0.08 -7.70
C ILE D 188 -7.04 1.37 -7.87
N ILE D 189 -7.99 1.42 -8.81
CA ILE D 189 -8.71 2.67 -9.02
C ILE D 189 -9.62 2.99 -7.83
N SER D 190 -10.23 1.98 -7.21
CA SER D 190 -11.04 2.24 -6.02
C SER D 190 -10.16 2.70 -4.87
N ALA D 191 -9.01 2.05 -4.67
CA ALA D 191 -8.11 2.43 -3.59
C ALA D 191 -7.61 3.85 -3.77
N PHE D 192 -7.31 4.25 -5.01
CA PHE D 192 -6.88 5.63 -5.25
C PHE D 192 -8.03 6.62 -5.21
N SER D 193 -9.27 6.16 -5.39
CA SER D 193 -10.42 7.03 -5.18
C SER D 193 -10.69 7.27 -3.72
N LYS D 194 -10.35 6.32 -2.83
CA LYS D 194 -10.52 6.55 -1.40
C LYS D 194 -9.72 7.76 -0.94
N THR D 195 -8.43 7.81 -1.25
CA THR D 195 -7.62 8.97 -0.95
C THR D 195 -7.88 10.09 -1.94
N GLY D 196 -7.67 11.32 -1.50
CA GLY D 196 -7.83 12.45 -2.39
C GLY D 196 -6.54 12.83 -3.09
N ILE D 197 -6.34 12.32 -4.30
CA ILE D 197 -5.14 12.60 -5.08
C ILE D 197 -5.56 13.07 -6.46
N ASN D 198 -4.68 13.86 -7.09
CA ASN D 198 -5.00 14.52 -8.34
C ASN D 198 -3.99 14.18 -9.43
N HIS D 199 -3.58 12.91 -9.49
CA HIS D 199 -2.67 12.40 -10.51
C HIS D 199 -3.47 12.07 -11.76
N GLU D 200 -3.58 13.07 -12.65
CA GLU D 200 -4.40 12.92 -13.84
C GLU D 200 -3.85 11.88 -14.81
N LYS D 201 -2.52 11.85 -14.99
CA LYS D 201 -1.93 10.92 -15.95
C LYS D 201 -2.19 9.48 -15.58
N LEU D 202 -2.10 9.15 -14.28
CA LEU D 202 -2.41 7.80 -13.85
C LEU D 202 -3.86 7.45 -14.13
N PHE D 203 -4.77 8.40 -13.91
CA PHE D 203 -6.18 8.16 -14.20
C PHE D 203 -6.40 7.92 -15.68
N ALA D 204 -5.71 8.68 -16.54
CA ALA D 204 -5.86 8.47 -17.98
C ALA D 204 -5.36 7.10 -18.39
N PHE D 205 -4.20 6.69 -17.86
CA PHE D 205 -3.68 5.36 -18.20
C PHE D 205 -4.61 4.26 -17.74
N LEU D 206 -5.15 4.39 -16.52
CA LEU D 206 -6.05 3.36 -16.00
C LEU D 206 -7.35 3.32 -16.78
N SER D 207 -7.87 4.48 -17.20
CA SER D 207 -9.07 4.49 -18.02
C SER D 207 -8.83 3.84 -19.38
N ARG D 208 -7.66 4.10 -19.98
CA ARG D 208 -7.33 3.46 -21.24
C ARG D 208 -7.27 1.94 -21.09
N ARG D 209 -6.63 1.47 -20.03
CA ARG D 209 -6.57 0.03 -19.79
C ARG D 209 -7.95 -0.55 -19.53
N VAL D 210 -8.80 0.19 -18.81
CA VAL D 210 -10.15 -0.28 -18.55
C VAL D 210 -10.94 -0.41 -19.84
N GLN D 211 -10.81 0.57 -20.74
CA GLN D 211 -11.48 0.46 -22.03
C GLN D 211 -10.99 -0.74 -22.81
N THR D 212 -9.67 -0.95 -22.85
CA THR D 212 -9.13 -2.08 -23.60
C THR D 212 -9.63 -3.40 -23.03
N LEU D 213 -9.66 -3.54 -21.70
CA LEU D 213 -10.19 -4.74 -21.08
C LEU D 213 -11.68 -4.92 -21.36
N ALA D 214 -12.46 -3.84 -21.30
CA ALA D 214 -13.90 -3.93 -21.43
C ALA D 214 -14.35 -4.15 -22.87
N ARG D 215 -13.49 -3.87 -23.84
CA ARG D 215 -13.85 -4.14 -25.23
C ARG D 215 -14.05 -5.63 -25.46
N VAL D 216 -13.26 -6.48 -24.78
CA VAL D 216 -13.32 -7.91 -24.97
C VAL D 216 -14.33 -8.51 -24.00
N GLY D 217 -14.82 -7.69 -23.07
CA GLY D 217 -15.80 -8.14 -22.12
C GLY D 217 -15.21 -8.91 -20.94
N GLU D 218 -14.46 -8.21 -20.09
CA GLU D 218 -13.82 -8.82 -18.93
C GLU D 218 -14.18 -8.05 -17.66
N PHE D 219 -15.47 -7.77 -17.49
CA PHE D 219 -15.94 -7.09 -16.29
C PHE D 219 -17.32 -7.63 -15.93
N GLU D 220 -17.58 -7.77 -14.64
CA GLU D 220 -18.88 -8.21 -14.15
C GLU D 220 -19.67 -7.04 -13.59
N ALA D 221 -20.85 -7.32 -13.03
CA ALA D 221 -21.70 -6.26 -12.51
C ALA D 221 -21.04 -5.53 -11.34
N ALA D 222 -20.47 -6.29 -10.40
CA ALA D 222 -19.80 -5.67 -9.27
C ALA D 222 -18.61 -4.83 -9.72
N HIS D 223 -17.85 -5.34 -10.69
CA HIS D 223 -16.74 -4.57 -11.22
C HIS D 223 -17.22 -3.28 -11.87
N LEU D 224 -18.34 -3.33 -12.59
CA LEU D 224 -18.88 -2.13 -13.20
C LEU D 224 -19.30 -1.11 -12.15
N VAL D 225 -19.97 -1.56 -11.08
CA VAL D 225 -20.37 -0.63 -10.03
C VAL D 225 -19.16 0.00 -9.37
N ILE D 226 -18.14 -0.81 -9.06
CA ILE D 226 -16.95 -0.29 -8.40
C ILE D 226 -16.25 0.73 -9.30
N LEU D 227 -16.11 0.40 -10.59
CA LEU D 227 -15.42 1.31 -11.50
C LEU D 227 -16.19 2.61 -11.68
N ALA D 228 -17.52 2.53 -11.82
CA ALA D 228 -18.32 3.73 -11.99
C ALA D 228 -18.23 4.63 -10.75
N ASN D 229 -18.33 4.04 -9.56
CA ASN D 229 -18.24 4.85 -8.34
C ASN D 229 -16.85 5.43 -8.17
N ALA D 230 -15.81 4.65 -8.48
CA ALA D 230 -14.44 5.14 -8.32
C ALA D 230 -14.14 6.29 -9.27
N PHE D 231 -14.63 6.21 -10.50
CA PHE D 231 -14.34 7.28 -11.46
C PHE D 231 -15.27 8.47 -11.26
N SER D 232 -16.45 8.28 -10.68
CA SER D 232 -17.31 9.40 -10.36
C SER D 232 -16.85 10.16 -9.12
N ARG D 233 -16.26 9.45 -8.15
CA ARG D 233 -15.80 10.09 -6.93
C ARG D 233 -14.62 11.02 -7.19
N LEU D 234 -13.80 10.71 -8.20
CA LEU D 234 -12.63 11.49 -8.53
C LEU D 234 -12.91 12.67 -9.45
N ARG D 235 -14.17 12.85 -9.85
CA ARG D 235 -14.56 13.94 -10.75
C ARG D 235 -13.79 13.88 -12.06
N TYR D 236 -13.49 12.68 -12.53
CA TYR D 236 -12.80 12.49 -13.81
C TYR D 236 -13.85 12.32 -14.90
N ARG D 237 -14.12 13.40 -15.63
CA ARG D 237 -15.18 13.42 -16.64
C ARG D 237 -14.60 12.95 -17.96
N ASP D 238 -14.89 11.70 -18.34
CA ASP D 238 -14.46 11.13 -19.61
C ASP D 238 -15.66 10.44 -20.23
N LYS D 239 -16.06 10.90 -21.42
CA LYS D 239 -17.29 10.40 -22.02
C LYS D 239 -17.12 8.98 -22.53
N PHE D 240 -15.96 8.67 -23.13
CA PHE D 240 -15.76 7.35 -23.73
C PHE D 240 -15.73 6.25 -22.67
N LEU D 241 -15.10 6.50 -21.52
CA LEU D 241 -15.02 5.49 -20.49
C LEU D 241 -16.40 5.14 -19.95
N PHE D 242 -17.22 6.15 -19.68
CA PHE D 242 -18.56 5.88 -19.16
C PHE D 242 -19.46 5.27 -20.22
N GLY D 243 -19.28 5.65 -21.48
CA GLY D 243 -19.98 4.96 -22.54
C GLY D 243 -19.62 3.49 -22.62
N ALA D 244 -18.34 3.17 -22.47
CA ALA D 244 -17.90 1.79 -22.48
C ALA D 244 -18.48 1.01 -21.30
N ILE D 245 -18.52 1.63 -20.12
CA ILE D 245 -19.09 0.95 -18.96
C ILE D 245 -20.57 0.69 -19.16
N ALA D 246 -21.30 1.68 -19.69
CA ALA D 246 -22.72 1.50 -19.96
C ALA D 246 -22.95 0.39 -20.98
N ARG D 247 -22.13 0.35 -22.03
CA ARG D 247 -22.27 -0.70 -23.04
C ARG D 247 -21.93 -2.07 -22.49
N ARG D 248 -20.93 -2.16 -21.61
CA ARG D 248 -20.63 -3.44 -20.97
C ARG D 248 -21.80 -3.91 -20.12
N ALA D 249 -22.44 -3.00 -19.38
CA ALA D 249 -23.62 -3.39 -18.60
C ALA D 249 -24.76 -3.84 -19.50
N MET D 250 -24.97 -3.13 -20.61
CA MET D 250 -26.00 -3.51 -21.57
C MET D 250 -25.73 -4.89 -22.16
N SER D 251 -24.46 -5.21 -22.42
CA SER D 251 -24.12 -6.55 -22.88
C SER D 251 -24.33 -7.59 -21.79
N LEU D 252 -24.07 -7.22 -20.53
CA LEU D 252 -24.30 -8.15 -19.43
C LEU D 252 -25.77 -8.53 -19.34
N ARG D 253 -26.66 -7.57 -19.58
CA ARG D 253 -28.11 -7.81 -19.65
C ARG D 253 -28.61 -8.28 -18.29
N GLU D 254 -29.05 -9.53 -18.14
CA GLU D 254 -29.73 -9.99 -16.94
C GLU D 254 -28.79 -10.20 -15.75
N ARG D 255 -27.47 -10.15 -15.94
CA ARG D 255 -26.57 -10.37 -14.82
C ARG D 255 -26.51 -9.20 -13.86
N VAL D 256 -27.12 -8.06 -14.18
CA VAL D 256 -27.23 -6.95 -13.26
C VAL D 256 -28.62 -6.99 -12.63
N THR D 257 -28.66 -7.09 -11.31
CA THR D 257 -29.91 -7.09 -10.57
C THR D 257 -30.16 -5.68 -10.03
N VAL D 258 -31.23 -5.51 -9.25
CA VAL D 258 -31.57 -4.17 -8.74
C VAL D 258 -30.47 -3.65 -7.83
N ASN D 259 -29.97 -4.51 -6.93
CA ASN D 259 -28.94 -4.10 -5.99
C ASN D 259 -27.66 -3.68 -6.70
N GLU D 260 -27.38 -4.24 -7.88
CA GLU D 260 -26.24 -3.84 -8.68
C GLU D 260 -26.60 -2.83 -9.76
N LEU D 261 -27.87 -2.43 -9.85
CA LEU D 261 -28.33 -1.43 -10.80
C LEU D 261 -28.46 -0.04 -10.18
N VAL D 262 -28.96 0.05 -8.95
CA VAL D 262 -29.17 1.37 -8.33
C VAL D 262 -27.89 2.17 -8.21
N PRO D 263 -26.78 1.64 -7.67
CA PRO D 263 -25.56 2.46 -7.59
C PRO D 263 -25.03 2.87 -8.94
N LEU D 264 -25.24 2.06 -9.99
CA LEU D 264 -24.85 2.47 -11.33
C LEU D 264 -25.54 3.76 -11.73
N ILE D 265 -26.86 3.83 -11.56
CA ILE D 265 -27.60 5.03 -11.91
C ILE D 265 -27.17 6.20 -11.05
N VAL D 266 -26.96 5.96 -9.75
CA VAL D 266 -26.57 7.05 -8.86
C VAL D 266 -25.24 7.64 -9.30
N ALA D 267 -24.24 6.78 -9.59
CA ALA D 267 -22.94 7.29 -10.01
C ALA D 267 -23.01 7.97 -11.36
N PHE D 268 -23.76 7.40 -12.30
CA PHE D 268 -23.89 8.00 -13.63
C PHE D 268 -24.58 9.35 -13.56
N SER D 269 -25.48 9.55 -12.60
CA SER D 269 -26.07 10.87 -12.42
C SER D 269 -25.09 11.83 -11.75
N LYS D 270 -24.33 11.32 -10.77
CA LYS D 270 -23.40 12.17 -10.04
C LYS D 270 -22.30 12.73 -10.95
N ILE D 271 -21.80 11.91 -11.88
CA ILE D 271 -20.69 12.38 -12.72
C ILE D 271 -21.15 13.55 -13.58
N GLY D 272 -22.41 13.56 -14.02
CA GLY D 272 -22.95 14.67 -14.76
C GLY D 272 -22.42 14.79 -16.17
N LEU D 273 -22.69 13.77 -17.00
CA LEU D 273 -22.23 13.77 -18.38
C LEU D 273 -23.08 14.63 -19.30
N LYS D 274 -24.28 15.02 -18.86
CA LYS D 274 -25.23 15.77 -19.69
C LYS D 274 -25.50 15.05 -21.01
N ASP D 275 -25.68 13.75 -20.94
CA ASP D 275 -26.04 12.95 -22.11
C ASP D 275 -27.47 12.46 -21.96
N PRO D 276 -28.45 13.06 -22.65
CA PRO D 276 -29.84 12.61 -22.51
C PRO D 276 -30.14 11.29 -23.20
N LYS D 277 -29.18 10.72 -23.93
CA LYS D 277 -29.43 9.44 -24.58
C LYS D 277 -29.43 8.28 -23.59
N LEU D 278 -28.50 8.29 -22.63
CA LEU D 278 -28.41 7.20 -21.66
C LEU D 278 -29.33 7.40 -20.46
N SER D 279 -29.71 8.63 -20.13
CA SER D 279 -30.64 8.84 -19.03
C SER D 279 -31.98 8.21 -19.30
N LYS D 280 -32.49 8.37 -20.53
CA LYS D 280 -33.76 7.74 -20.89
C LYS D 280 -33.68 6.23 -20.83
N ARG D 281 -32.57 5.65 -21.30
CA ARG D 281 -32.41 4.20 -21.26
C ARG D 281 -32.36 3.71 -19.82
N PHE D 282 -31.65 4.44 -18.94
CA PHE D 282 -31.62 4.07 -17.53
C PHE D 282 -33.01 4.14 -16.92
N ALA D 283 -33.77 5.19 -17.25
CA ALA D 283 -35.13 5.31 -16.72
C ALA D 283 -36.01 4.16 -17.19
N THR D 284 -35.93 3.81 -18.47
CA THR D 284 -36.74 2.71 -18.98
C THR D 284 -36.36 1.39 -18.34
N LYS D 285 -35.06 1.16 -18.15
CA LYS D 285 -34.62 -0.08 -17.51
C LYS D 285 -35.08 -0.13 -16.05
N ALA D 286 -35.05 1.00 -15.36
CA ALA D 286 -35.48 1.05 -13.97
C ALA D 286 -36.99 0.96 -13.81
N MET D 287 -37.75 1.30 -14.84
CA MET D 287 -39.20 1.27 -14.73
C MET D 287 -39.76 -0.12 -14.46
N GLU D 288 -39.09 -1.17 -14.94
CA GLU D 288 -39.56 -2.52 -14.70
C GLU D 288 -39.23 -3.03 -13.30
N TYR D 289 -38.23 -2.46 -12.64
CA TYR D 289 -37.70 -2.97 -11.39
C TYR D 289 -38.26 -2.26 -10.17
N VAL D 290 -39.29 -1.41 -10.34
CA VAL D 290 -39.79 -0.60 -9.22
C VAL D 290 -40.40 -1.49 -8.14
N ASP D 291 -41.19 -2.50 -8.54
CA ASP D 291 -41.91 -3.30 -7.54
C ASP D 291 -40.99 -4.09 -6.62
N GLN D 292 -39.75 -4.32 -7.04
CA GLN D 292 -38.81 -5.08 -6.23
C GLN D 292 -37.96 -4.20 -5.32
N MET D 293 -38.05 -2.88 -5.45
CA MET D 293 -37.13 -1.99 -4.74
C MET D 293 -37.46 -1.88 -3.26
N ASN D 294 -36.42 -1.60 -2.48
CA ASN D 294 -36.53 -1.23 -1.07
C ASN D 294 -36.69 0.28 -0.94
N ALA D 295 -37.03 0.73 0.27
CA ALA D 295 -37.23 2.17 0.50
C ALA D 295 -35.94 2.95 0.26
N GLU D 296 -34.81 2.43 0.74
CA GLU D 296 -33.53 3.08 0.50
C GLU D 296 -33.24 3.21 -0.99
N GLN D 297 -33.57 2.17 -1.76
CA GLN D 297 -33.40 2.24 -3.22
C GLN D 297 -34.33 3.26 -3.85
N VAL D 298 -35.56 3.39 -3.34
CA VAL D 298 -36.47 4.40 -3.86
C VAL D 298 -35.90 5.81 -3.62
N ALA D 299 -35.39 6.06 -2.42
CA ALA D 299 -34.77 7.35 -2.15
C ALA D 299 -33.54 7.56 -3.02
N SER D 300 -32.75 6.50 -3.26
CA SER D 300 -31.57 6.62 -4.08
C SER D 300 -31.91 7.00 -5.52
N MET D 301 -32.95 6.38 -6.10
CA MET D 301 -33.33 6.77 -7.45
C MET D 301 -33.98 8.14 -7.48
N PHE D 302 -34.69 8.52 -6.43
CA PHE D 302 -35.19 9.91 -6.36
C PHE D 302 -34.03 10.89 -6.45
N MET D 303 -33.00 10.70 -5.63
CA MET D 303 -31.84 11.58 -5.67
C MET D 303 -31.13 11.51 -7.03
N ALA D 304 -30.99 10.31 -7.59
CA ALA D 304 -30.27 10.16 -8.85
C ALA D 304 -30.98 10.88 -9.99
N PHE D 305 -32.29 10.71 -10.11
CA PHE D 305 -33.02 11.35 -11.19
C PHE D 305 -33.31 12.81 -10.92
N ALA D 306 -33.14 13.28 -9.68
CA ALA D 306 -33.02 14.72 -9.49
C ALA D 306 -31.66 15.25 -9.94
N TYR D 307 -30.61 14.44 -9.76
CA TYR D 307 -29.29 14.84 -10.24
C TYR D 307 -29.24 14.90 -11.76
N PHE D 308 -29.94 13.99 -12.44
CA PHE D 308 -29.95 13.99 -13.90
C PHE D 308 -30.50 15.29 -14.44
N GLY D 309 -31.58 15.81 -13.85
CA GLY D 309 -32.14 17.08 -14.24
C GLY D 309 -33.24 17.03 -15.28
N ILE D 310 -33.50 15.86 -15.86
CA ILE D 310 -34.54 15.73 -16.88
C ILE D 310 -35.81 15.20 -16.23
N ARG D 311 -36.96 15.68 -16.70
CA ARG D 311 -38.24 15.33 -16.11
C ARG D 311 -38.82 14.10 -16.82
N TYR D 312 -39.08 13.05 -16.05
CA TYR D 312 -39.72 11.83 -16.53
C TYR D 312 -40.95 11.57 -15.67
N ASP D 313 -42.10 12.10 -16.10
CA ASP D 313 -43.31 12.02 -15.29
C ASP D 313 -43.77 10.59 -15.11
N GLN D 314 -43.70 9.77 -16.17
CA GLN D 314 -44.13 8.38 -16.09
C GLN D 314 -43.32 7.59 -15.07
N LEU D 315 -42.07 7.98 -14.82
CA LEU D 315 -41.25 7.33 -13.80
C LEU D 315 -41.49 7.93 -12.43
N PHE D 316 -41.63 9.25 -12.34
CA PHE D 316 -41.83 9.91 -11.06
C PHE D 316 -43.15 9.48 -10.42
N GLY D 317 -44.20 9.28 -11.22
CA GLY D 317 -45.47 8.84 -10.65
C GLY D 317 -45.37 7.47 -9.99
N VAL D 318 -44.76 6.51 -10.68
CA VAL D 318 -44.61 5.17 -10.13
C VAL D 318 -43.70 5.20 -8.91
N LEU D 319 -42.64 6.00 -8.96
CA LEU D 319 -41.77 6.15 -7.80
C LEU D 319 -42.53 6.70 -6.61
N THR D 320 -43.40 7.68 -6.83
CA THR D 320 -44.19 8.26 -5.75
C THR D 320 -45.14 7.22 -5.17
N ASN D 321 -45.80 6.44 -6.03
CA ASN D 321 -46.71 5.41 -5.53
C ASN D 321 -45.97 4.39 -4.67
N ARG D 322 -44.80 3.93 -5.14
CA ARG D 322 -44.04 2.95 -4.36
C ARG D 322 -43.52 3.55 -3.05
N ALA D 323 -43.14 4.84 -3.08
CA ALA D 323 -42.71 5.49 -1.85
C ALA D 323 -43.84 5.59 -0.84
N VAL D 324 -45.05 5.89 -1.32
CA VAL D 324 -46.21 5.96 -0.43
C VAL D 324 -46.51 4.58 0.14
N GLU D 325 -46.32 3.53 -0.67
CA GLU D 325 -46.61 2.18 -0.20
C GLU D 325 -45.76 1.80 1.00
N LEU D 326 -44.49 2.19 0.99
CA LEU D 326 -43.54 1.83 2.05
C LEU D 326 -43.28 2.97 3.02
N ILE D 327 -44.32 3.75 3.35
CA ILE D 327 -44.13 4.92 4.20
C ILE D 327 -43.73 4.53 5.62
N ASP D 328 -44.08 3.32 6.06
CA ASP D 328 -43.73 2.89 7.41
C ASP D 328 -42.27 2.49 7.55
N GLU D 329 -41.58 2.23 6.44
CA GLU D 329 -40.17 1.85 6.48
C GLU D 329 -39.23 3.04 6.33
N PHE D 330 -39.76 4.25 6.20
CA PHE D 330 -38.92 5.42 6.03
C PHE D 330 -38.29 5.84 7.34
N ASN D 331 -36.96 5.95 7.35
CA ASN D 331 -36.23 6.55 8.46
C ASN D 331 -36.17 8.06 8.23
N ALA D 332 -35.36 8.76 9.03
CA ALA D 332 -35.18 10.19 8.80
C ALA D 332 -34.29 10.45 7.60
N GLN D 333 -33.27 9.60 7.40
CA GLN D 333 -32.37 9.78 6.26
C GLN D 333 -33.10 9.70 4.93
N TYR D 334 -34.00 8.71 4.80
CA TYR D 334 -34.75 8.57 3.55
C TYR D 334 -35.65 9.77 3.31
N ILE D 335 -36.30 10.26 4.35
CA ILE D 335 -37.18 11.42 4.21
C ILE D 335 -36.38 12.65 3.79
N SER D 336 -35.24 12.86 4.43
CA SER D 336 -34.40 14.00 4.07
C SER D 336 -33.90 13.89 2.62
N THR D 337 -33.48 12.70 2.21
CA THR D 337 -33.02 12.50 0.84
C THR D 337 -34.13 12.78 -0.16
N THR D 338 -35.34 12.27 0.12
CA THR D 338 -36.46 12.49 -0.80
C THR D 338 -36.81 13.96 -0.90
N LEU D 339 -36.85 14.67 0.24
CA LEU D 339 -37.20 16.08 0.21
C LEU D 339 -36.13 16.90 -0.49
N ASN D 340 -34.86 16.56 -0.30
CA ASN D 340 -33.80 17.25 -1.02
C ASN D 340 -33.89 17.01 -2.52
N ALA D 341 -34.20 15.77 -2.92
CA ALA D 341 -34.35 15.48 -4.34
C ALA D 341 -35.50 16.26 -4.95
N PHE D 342 -36.63 16.32 -4.22
CA PHE D 342 -37.76 17.11 -4.71
C PHE D 342 -37.43 18.59 -4.80
N GLN D 343 -36.66 19.11 -3.85
CA GLN D 343 -36.21 20.50 -3.91
C GLN D 343 -35.33 20.73 -5.14
N ARG D 344 -34.42 19.80 -5.41
CA ARG D 344 -33.49 19.97 -6.52
C ARG D 344 -34.21 19.91 -7.86
N ILE D 345 -35.06 18.89 -8.06
CA ILE D 345 -35.72 18.73 -9.35
C ILE D 345 -36.74 19.83 -9.58
N GLY D 346 -37.38 20.34 -8.53
CA GLY D 346 -38.30 21.45 -8.65
C GLY D 346 -39.77 21.09 -8.64
N ILE D 347 -40.13 19.81 -8.78
CA ILE D 347 -41.53 19.43 -8.76
C ILE D 347 -42.12 19.67 -7.38
N ASN D 348 -43.40 20.02 -7.35
CA ASN D 348 -44.13 20.31 -6.10
C ASN D 348 -45.29 19.33 -6.03
N ASN D 349 -45.20 18.37 -5.11
CA ASN D 349 -46.20 17.31 -4.94
C ASN D 349 -46.65 17.28 -3.48
N PRO D 350 -47.69 18.03 -3.13
CA PRO D 350 -48.12 18.07 -1.72
C PRO D 350 -48.58 16.73 -1.16
N GLU D 351 -49.13 15.85 -2.00
CA GLU D 351 -49.70 14.60 -1.48
C GLU D 351 -48.63 13.74 -0.82
N LEU D 352 -47.49 13.57 -1.47
CA LEU D 352 -46.39 12.84 -0.85
C LEU D 352 -45.75 13.64 0.28
N PHE D 353 -45.78 14.98 0.17
CA PHE D 353 -45.13 15.83 1.16
C PHE D 353 -45.81 15.71 2.51
N ASP D 354 -47.14 15.62 2.53
CA ASP D 354 -47.85 15.47 3.79
C ASP D 354 -47.45 14.18 4.49
N ASN D 355 -47.41 13.07 3.75
CA ASN D 355 -47.02 11.79 4.34
C ASN D 355 -45.58 11.82 4.82
N LEU D 356 -44.68 12.43 4.04
CA LEU D 356 -43.29 12.53 4.46
C LEU D 356 -43.16 13.34 5.74
N ALA D 357 -43.88 14.46 5.84
CA ALA D 357 -43.83 15.28 7.04
C ALA D 357 -44.39 14.53 8.24
N GLU D 358 -45.49 13.80 8.05
CA GLU D 358 -46.07 13.03 9.14
C GLU D 358 -45.10 11.96 9.64
N ARG D 359 -44.49 11.22 8.71
CA ARG D 359 -43.56 10.16 9.12
C ARG D 359 -42.30 10.75 9.76
N ALA D 360 -41.92 11.97 9.35
CA ALA D 360 -40.77 12.62 9.98
C ALA D 360 -41.06 13.02 11.41
N LEU D 361 -42.33 13.15 11.78
CA LEU D 361 -42.68 13.59 13.12
C LEU D 361 -42.49 12.50 14.17
N ALA D 362 -42.57 11.23 13.77
CA ALA D 362 -42.43 10.13 14.73
C ALA D 362 -40.99 9.65 14.88
N VAL D 363 -40.07 10.15 14.07
CA VAL D 363 -38.67 9.72 14.13
C VAL D 363 -37.79 10.94 14.42
N VAL D 364 -38.30 11.87 15.23
CA VAL D 364 -37.56 13.10 15.52
C VAL D 364 -36.22 12.78 16.20
N GLN D 365 -36.23 11.82 17.13
CA GLN D 365 -35.02 11.47 17.86
C GLN D 365 -33.97 10.81 16.98
N ASP D 366 -34.35 10.35 15.80
CA ASP D 366 -33.43 9.68 14.89
C ASP D 366 -32.70 10.67 13.98
N HIS D 367 -33.06 11.96 14.04
CA HIS D 367 -32.52 12.95 13.13
C HIS D 367 -31.07 13.28 13.46
N ASP D 368 -30.23 13.28 12.43
CA ASP D 368 -28.86 13.77 12.54
C ASP D 368 -28.83 15.27 12.18
N ALA D 369 -27.64 15.85 12.26
CA ALA D 369 -27.48 17.25 11.86
C ALA D 369 -27.76 17.44 10.37
N ARG D 370 -27.20 16.55 9.53
CA ARG D 370 -27.42 16.65 8.09
C ARG D 370 -28.89 16.48 7.74
N ASP D 371 -29.55 15.50 8.36
CA ASP D 371 -30.95 15.26 8.07
C ASP D 371 -31.82 16.45 8.49
N ILE D 372 -31.56 17.01 9.66
CA ILE D 372 -32.31 18.19 10.10
C ILE D 372 -32.10 19.34 9.13
N SER D 373 -30.84 19.59 8.74
CA SER D 373 -30.56 20.69 7.83
C SER D 373 -31.30 20.52 6.50
N LYS D 374 -31.16 19.35 5.89
CA LYS D 374 -31.80 19.11 4.59
C LYS D 374 -33.31 19.18 4.69
N THR D 375 -33.90 18.55 5.70
CA THR D 375 -35.35 18.54 5.84
C THR D 375 -35.89 19.95 6.06
N VAL D 376 -35.26 20.72 6.95
CA VAL D 376 -35.75 22.06 7.24
C VAL D 376 -35.61 22.96 6.01
N THR D 377 -34.48 22.89 5.30
CA THR D 377 -34.31 23.71 4.12
C THR D 377 -35.33 23.35 3.04
N ALA D 378 -35.55 22.06 2.81
CA ALA D 378 -36.52 21.65 1.81
C ALA D 378 -37.92 22.07 2.18
N LEU D 379 -38.29 21.95 3.47
CA LEU D 379 -39.62 22.35 3.90
C LEU D 379 -39.81 23.85 3.78
N ALA D 380 -38.75 24.63 4.04
CA ALA D 380 -38.87 26.08 3.97
C ALA D 380 -38.94 26.57 2.52
N HIS D 381 -38.23 25.91 1.61
CA HIS D 381 -38.26 26.32 0.21
C HIS D 381 -39.67 26.20 -0.37
N PHE D 382 -40.36 25.12 -0.07
CA PHE D 382 -41.67 24.85 -0.65
C PHE D 382 -42.80 25.56 0.09
N GLY D 383 -42.49 26.28 1.15
CA GLY D 383 -43.51 27.00 1.90
C GLY D 383 -44.50 26.12 2.62
N LEU D 384 -44.03 25.02 3.22
CA LEU D 384 -44.88 24.13 4.00
C LEU D 384 -44.76 24.49 5.48
N LYS D 385 -45.90 24.54 6.17
CA LYS D 385 -45.95 24.92 7.57
C LYS D 385 -46.31 23.69 8.40
N ASP D 386 -45.42 23.34 9.33
CA ASP D 386 -45.66 22.25 10.28
C ASP D 386 -45.05 22.71 11.61
N GLU D 387 -45.88 23.32 12.45
CA GLU D 387 -45.37 23.97 13.66
C GLU D 387 -44.80 22.95 14.65
N GLU D 388 -45.45 21.80 14.81
CA GLU D 388 -44.94 20.78 15.72
C GLU D 388 -43.63 20.21 15.22
N LEU D 389 -43.57 19.86 13.93
CA LEU D 389 -42.33 19.32 13.38
C LEU D 389 -41.21 20.34 13.46
N PHE D 390 -41.51 21.61 13.14
CA PHE D 390 -40.50 22.65 13.22
C PHE D 390 -40.00 22.84 14.65
N LYS D 391 -40.91 22.85 15.61
CA LYS D 391 -40.51 23.03 17.01
C LYS D 391 -39.63 21.87 17.49
N ARG D 392 -40.04 20.64 17.17
CA ARG D 392 -39.26 19.48 17.59
C ARG D 392 -37.90 19.47 16.92
N LEU D 393 -37.83 19.83 15.64
CA LEU D 393 -36.55 19.88 14.94
C LEU D 393 -35.66 20.97 15.52
N ALA D 394 -36.24 22.11 15.89
CA ALA D 394 -35.45 23.17 16.50
C ALA D 394 -34.88 22.73 17.84
N SER D 395 -35.70 22.07 18.66
CA SER D 395 -35.21 21.59 19.95
C SER D 395 -34.10 20.55 19.76
N HIS D 396 -34.30 19.62 18.83
CA HIS D 396 -33.28 18.60 18.60
C HIS D 396 -31.99 19.21 18.08
N ALA D 397 -32.08 20.20 17.20
CA ALA D 397 -30.90 20.90 16.72
C ALA D 397 -30.20 21.63 17.85
N ALA D 398 -30.97 22.16 18.81
CA ALA D 398 -30.36 22.75 19.99
C ALA D 398 -29.63 21.70 20.81
N SER D 399 -30.14 20.47 20.82
CA SER D 399 -29.50 19.42 21.62
C SER D 399 -28.16 18.97 21.04
N ILE D 400 -28.03 18.97 19.71
CA ILE D 400 -26.85 18.40 19.06
C ILE D 400 -26.08 19.48 18.31
N ALA D 401 -26.09 20.71 18.83
CA ALA D 401 -25.54 21.83 18.10
C ALA D 401 -24.06 21.65 17.77
N ASP D 402 -23.40 20.73 18.45
CA ASP D 402 -21.97 20.52 18.23
C ASP D 402 -21.68 19.53 17.10
N GLN D 403 -22.72 19.01 16.45
CA GLN D 403 -22.53 18.10 15.34
C GLN D 403 -22.70 18.77 13.97
N PHE D 404 -23.03 20.05 13.93
CA PHE D 404 -23.18 20.74 12.65
C PHE D 404 -21.82 21.02 12.04
N ASP D 405 -21.70 20.78 10.74
CA ASP D 405 -20.47 21.07 10.04
C ASP D 405 -20.40 22.54 9.69
N ALA D 406 -19.54 22.90 8.74
CA ALA D 406 -19.37 24.32 8.42
C ALA D 406 -20.60 24.87 7.71
N MET D 407 -21.17 24.12 6.77
CA MET D 407 -22.22 24.65 5.92
C MET D 407 -23.61 24.22 6.38
N GLY D 408 -23.71 23.09 7.08
CA GLY D 408 -24.99 22.66 7.60
C GLY D 408 -25.56 23.64 8.61
N LEU D 409 -24.70 24.20 9.46
CA LEU D 409 -25.15 25.19 10.44
C LEU D 409 -25.75 26.41 9.74
N VAL D 410 -25.06 26.93 8.72
CA VAL D 410 -25.54 28.12 8.04
C VAL D 410 -26.84 27.83 7.31
N ASN D 411 -26.93 26.67 6.65
CA ASN D 411 -28.17 26.32 5.96
C ASN D 411 -29.33 26.19 6.94
N THR D 412 -29.11 25.52 8.08
CA THR D 412 -30.17 25.37 9.06
C THR D 412 -30.62 26.72 9.61
N ALA D 413 -29.66 27.59 9.96
CA ALA D 413 -30.01 28.88 10.50
C ALA D 413 -30.78 29.72 9.49
N HIS D 414 -30.34 29.72 8.23
CA HIS D 414 -31.04 30.50 7.22
C HIS D 414 -32.43 29.94 6.94
N ALA D 415 -32.56 28.61 6.91
CA ALA D 415 -33.87 28.02 6.67
C ALA D 415 -34.84 28.34 7.80
N PHE D 416 -34.36 28.32 9.04
CA PHE D 416 -35.20 28.67 10.17
C PHE D 416 -35.55 30.15 10.18
N ALA D 417 -34.61 31.01 9.78
CA ALA D 417 -34.87 32.45 9.79
C ALA D 417 -35.76 32.90 8.65
N ARG D 418 -35.71 32.21 7.50
CA ARG D 418 -36.51 32.61 6.35
C ARG D 418 -37.99 32.55 6.67
N THR D 419 -38.45 31.41 7.19
CA THR D 419 -39.78 31.35 7.77
C THR D 419 -39.79 32.07 9.10
N ASN D 420 -40.96 32.57 9.50
CA ASN D 420 -41.05 33.33 10.74
C ASN D 420 -41.13 32.40 11.94
N PHE D 421 -40.02 31.74 12.27
CA PHE D 421 -39.95 30.81 13.38
C PHE D 421 -38.68 31.09 14.17
N LEU D 422 -38.81 31.77 15.30
CA LEU D 422 -37.69 32.08 16.16
C LEU D 422 -37.85 31.37 17.49
N GLN D 423 -36.83 30.61 17.89
CA GLN D 423 -36.82 29.92 19.17
C GLN D 423 -35.46 30.15 19.81
N GLN D 424 -35.46 30.60 21.06
CA GLN D 424 -34.20 30.95 21.72
C GLN D 424 -33.31 29.74 21.91
N ASP D 425 -33.89 28.57 22.16
CA ASP D 425 -33.11 27.37 22.44
C ASP D 425 -32.15 27.06 21.29
N MET D 426 -32.67 27.06 20.06
CA MET D 426 -31.80 26.81 18.90
C MET D 426 -30.97 28.04 18.57
N ALA D 427 -31.53 29.23 18.76
CA ALA D 427 -30.83 30.45 18.36
C ALA D 427 -29.53 30.62 19.12
N VAL D 428 -29.58 30.48 20.45
CA VAL D 428 -28.39 30.64 21.26
C VAL D 428 -27.35 29.59 20.90
N ALA D 429 -27.79 28.33 20.76
CA ALA D 429 -26.85 27.25 20.46
C ALA D 429 -26.15 27.47 19.13
N LEU D 430 -26.92 27.78 18.08
CA LEU D 430 -26.32 27.98 16.77
C LEU D 430 -25.43 29.22 16.74
N SER D 431 -25.84 30.31 17.39
CA SER D 431 -25.00 31.50 17.42
C SER D 431 -23.68 31.22 18.11
N GLU D 432 -23.71 30.46 19.22
CA GLU D 432 -22.46 30.12 19.89
C GLU D 432 -21.61 29.18 19.04
N ARG D 433 -22.24 28.22 18.36
CA ARG D 433 -21.49 27.27 17.55
C ARG D 433 -20.89 27.92 16.30
N SER D 434 -21.44 29.05 15.85
CA SER D 434 -20.94 29.71 14.64
C SER D 434 -19.48 30.11 14.73
N VAL D 435 -18.93 30.27 15.94
CA VAL D 435 -17.55 30.75 16.07
C VAL D 435 -16.57 29.73 15.49
N TYR D 436 -16.85 28.45 15.67
CA TYR D 436 -15.93 27.41 15.23
C TYR D 436 -16.10 27.02 13.76
N VAL D 437 -17.09 27.58 13.07
CA VAL D 437 -17.30 27.33 11.64
C VAL D 437 -17.22 28.60 10.83
N CYS D 438 -16.99 29.76 11.45
CA CYS D 438 -16.82 30.99 10.69
C CYS D 438 -15.67 30.89 9.69
N ARG D 439 -14.58 30.23 10.09
CA ARG D 439 -13.36 30.23 9.28
C ARG D 439 -13.44 29.35 8.04
N LEU D 440 -14.49 28.55 7.87
CA LEU D 440 -14.61 27.65 6.73
C LEU D 440 -15.75 28.04 5.79
N LEU D 441 -16.02 29.32 5.62
CA LEU D 441 -17.20 29.77 4.90
C LEU D 441 -16.83 30.55 3.64
N ASP D 442 -17.70 30.45 2.63
CA ASP D 442 -17.63 31.25 1.43
C ASP D 442 -18.27 32.62 1.67
N ALA D 443 -18.14 33.50 0.69
CA ALA D 443 -18.70 34.85 0.82
C ALA D 443 -20.22 34.82 0.92
N GLY D 444 -20.87 34.09 0.01
CA GLY D 444 -22.32 34.01 0.04
C GLY D 444 -22.85 33.32 1.29
N GLU D 445 -22.17 32.25 1.72
CA GLU D 445 -22.56 31.56 2.94
C GLU D 445 -22.37 32.47 4.15
N THR D 446 -21.29 33.25 4.17
CA THR D 446 -21.09 34.21 5.25
C THR D 446 -22.20 35.26 5.27
N ARG D 447 -22.61 35.73 4.08
CA ARG D 447 -23.72 36.68 4.03
C ARG D 447 -25.01 36.07 4.57
N ARG D 448 -25.29 34.82 4.18
CA ARG D 448 -26.50 34.16 4.68
C ARG D 448 -26.45 34.00 6.20
N LEU D 449 -25.30 33.58 6.73
CA LEU D 449 -25.17 33.42 8.17
C LEU D 449 -25.34 34.75 8.90
N LEU D 450 -24.74 35.81 8.36
CA LEU D 450 -24.87 37.12 8.99
C LEU D 450 -26.31 37.60 8.98
N TRP D 451 -27.03 37.39 7.88
CA TRP D 451 -28.44 37.79 7.84
C TRP D 451 -29.27 36.99 8.83
N ALA D 452 -29.04 35.67 8.89
CA ALA D 452 -29.78 34.85 9.85
C ALA D 452 -29.50 35.28 11.28
N LEU D 453 -28.24 35.60 11.57
CA LEU D 453 -27.87 36.04 12.91
C LEU D 453 -28.49 37.40 13.24
N ALA D 454 -28.58 38.29 12.25
CA ALA D 454 -29.23 39.57 12.48
C ALA D 454 -30.73 39.39 12.71
N LYS D 455 -31.33 38.39 12.07
CA LYS D 455 -32.74 38.11 12.31
C LYS D 455 -32.98 37.57 13.71
N PHE D 456 -32.03 36.82 14.28
CA PHE D 456 -32.16 36.28 15.62
C PHE D 456 -31.93 37.33 16.71
N GLN D 457 -31.50 38.53 16.35
CA GLN D 457 -31.22 39.61 17.29
C GLN D 457 -30.11 39.22 18.27
N VAL D 458 -28.94 38.96 17.71
CA VAL D 458 -27.75 38.60 18.48
C VAL D 458 -26.78 39.77 18.42
N ARG D 459 -26.30 40.20 19.58
CA ARG D 459 -25.43 41.37 19.68
C ARG D 459 -24.15 41.11 20.45
N ASP D 460 -23.84 39.86 20.77
CA ASP D 460 -22.63 39.56 21.54
C ASP D 460 -21.41 39.76 20.64
N PRO D 461 -20.48 40.66 21.00
CA PRO D 461 -19.29 40.86 20.16
C PRO D 461 -18.44 39.62 19.97
N LYS D 462 -18.38 38.74 20.98
CA LYS D 462 -17.61 37.52 20.85
C LYS D 462 -18.16 36.61 19.76
N ILE D 463 -19.40 36.82 19.34
CA ILE D 463 -19.97 36.07 18.22
C ILE D 463 -19.82 36.84 16.92
N LEU D 464 -19.95 38.16 16.97
CA LEU D 464 -20.01 38.96 15.74
C LEU D 464 -18.63 39.27 15.18
N THR D 465 -17.59 39.27 16.01
CA THR D 465 -16.26 39.56 15.49
C THR D 465 -15.79 38.54 14.45
N PRO D 466 -15.92 37.22 14.67
CA PRO D 466 -15.46 36.28 13.63
C PRO D 466 -16.18 36.44 12.29
N VAL D 467 -17.51 36.57 12.30
CA VAL D 467 -18.25 36.65 11.04
C VAL D 467 -17.93 37.97 10.32
N PHE D 468 -17.78 39.06 11.05
CA PHE D 468 -17.41 40.31 10.42
C PHE D 468 -16.00 40.25 9.85
N ASN D 469 -15.07 39.58 10.55
CA ASN D 469 -13.74 39.39 10.00
C ASN D 469 -13.80 38.58 8.70
N ARG D 470 -14.57 37.50 8.70
CA ARG D 470 -14.65 36.66 7.51
C ARG D 470 -15.27 37.41 6.34
N CYS D 471 -16.31 38.20 6.60
CA CYS D 471 -16.92 38.96 5.51
C CYS D 471 -16.05 40.14 5.06
N LEU D 472 -15.20 40.66 5.93
CA LEU D 472 -14.25 41.69 5.50
C LEU D 472 -13.12 41.11 4.67
N ALA D 473 -12.71 39.88 4.96
CA ALA D 473 -11.63 39.25 4.19
C ALA D 473 -12.06 38.90 2.77
N LEU D 474 -13.36 38.72 2.54
CA LEU D 474 -13.89 38.36 1.23
C LEU D 474 -14.88 39.40 0.73
N HIS D 475 -14.52 40.68 0.83
CA HIS D 475 -15.49 41.75 0.57
C HIS D 475 -15.87 41.82 -0.90
N TYR D 476 -14.92 41.57 -1.81
CA TYR D 476 -15.21 41.69 -3.23
C TYR D 476 -16.31 40.72 -3.66
N ASP D 477 -16.12 39.43 -3.36
CA ASP D 477 -17.17 38.46 -3.67
C ASP D 477 -18.40 38.66 -2.79
N PHE D 478 -18.25 39.29 -1.63
CA PHE D 478 -19.39 39.59 -0.78
C PHE D 478 -20.34 40.58 -1.46
N PHE D 479 -19.79 41.64 -2.05
CA PHE D 479 -20.59 42.70 -2.63
C PHE D 479 -20.82 42.56 -4.13
N ALA D 480 -20.34 41.48 -4.75
CA ALA D 480 -20.51 41.26 -6.18
C ALA D 480 -21.56 40.22 -6.51
N ASP D 481 -22.27 39.69 -5.51
CA ASP D 481 -23.33 38.72 -5.77
C ASP D 481 -24.66 39.46 -5.81
N PRO D 482 -25.32 39.55 -6.97
CA PRO D 482 -26.54 40.36 -7.03
C PRO D 482 -27.71 39.76 -6.27
N THR D 483 -27.84 38.43 -6.25
CA THR D 483 -29.03 37.80 -5.68
C THR D 483 -29.18 38.12 -4.20
N GLY D 484 -28.09 38.39 -3.50
CA GLY D 484 -28.14 38.74 -2.10
C GLY D 484 -28.20 40.21 -1.78
N SER D 485 -28.32 41.07 -2.80
CA SER D 485 -28.22 42.51 -2.57
C SER D 485 -29.26 42.98 -1.55
N GLU D 486 -30.51 42.55 -1.73
CA GLU D 486 -31.56 42.88 -0.76
C GLU D 486 -31.13 42.52 0.65
N GLU D 487 -30.62 41.30 0.83
CA GLU D 487 -30.18 40.85 2.14
C GLU D 487 -29.20 41.84 2.75
N ILE D 488 -28.28 42.37 1.93
CA ILE D 488 -27.31 43.33 2.44
C ILE D 488 -28.02 44.52 3.07
N GLU D 489 -28.99 45.09 2.36
CA GLU D 489 -29.69 46.25 2.88
C GLU D 489 -30.48 45.92 4.14
N GLU D 490 -30.84 44.65 4.34
CA GLU D 490 -31.46 44.27 5.60
C GLU D 490 -30.44 44.26 6.73
N ILE D 491 -29.26 43.70 6.47
CA ILE D 491 -28.30 43.47 7.55
C ILE D 491 -27.88 44.79 8.17
N PHE D 492 -27.44 45.74 7.36
CA PHE D 492 -27.04 47.03 7.89
C PHE D 492 -28.23 47.88 8.30
N ASP D 493 -29.45 47.43 8.03
CA ASP D 493 -30.61 48.10 8.61
C ASP D 493 -30.73 47.79 10.10
N PHE D 494 -30.11 46.70 10.56
CA PHE D 494 -30.17 46.33 11.97
C PHE D 494 -28.95 46.84 12.74
N TYR D 495 -27.76 46.42 12.33
CA TYR D 495 -26.56 46.74 13.09
C TYR D 495 -26.22 48.23 13.00
N GLY D 496 -26.42 48.83 11.84
CA GLY D 496 -26.15 50.25 11.65
C GLY D 496 -24.70 50.52 11.32
N PRO D 497 -24.40 51.76 10.95
CA PRO D 497 -23.01 52.10 10.59
C PRO D 497 -22.02 52.00 11.74
N ASN D 498 -22.49 52.03 12.98
CA ASN D 498 -21.58 51.94 14.12
C ASN D 498 -20.85 50.60 14.15
N PHE D 499 -21.54 49.52 13.81
CA PHE D 499 -20.95 48.19 13.83
C PHE D 499 -20.03 48.03 12.62
N CYS D 500 -18.73 47.85 12.88
CA CYS D 500 -17.72 47.63 11.84
C CYS D 500 -17.76 48.73 10.79
N PRO D 501 -17.29 49.93 11.10
CA PRO D 501 -17.34 51.04 10.13
C PRO D 501 -16.69 50.72 8.79
N PRO D 502 -15.54 50.02 8.76
CA PRO D 502 -14.95 49.73 7.42
C PRO D 502 -15.88 48.97 6.50
N LEU D 503 -16.67 48.03 7.03
CA LEU D 503 -17.62 47.34 6.18
C LEU D 503 -18.66 48.30 5.64
N TYR D 504 -19.08 49.28 6.44
CA TYR D 504 -20.02 50.28 5.96
C TYR D 504 -19.40 51.14 4.86
N GLN D 505 -18.12 51.51 5.02
CA GLN D 505 -17.46 52.30 3.99
C GLN D 505 -17.34 51.52 2.69
N LEU D 506 -17.05 50.22 2.79
CA LEU D 506 -17.05 49.39 1.60
C LEU D 506 -18.44 49.29 0.99
N TYR D 507 -19.47 49.25 1.83
CA TYR D 507 -20.84 49.15 1.34
C TYR D 507 -21.25 50.41 0.58
N ILE D 508 -20.82 51.58 1.05
CA ILE D 508 -21.23 52.82 0.40
C ILE D 508 -20.61 52.93 -0.99
N SER D 509 -19.46 52.28 -1.20
CA SER D 509 -18.80 52.31 -2.50
C SER D 509 -19.29 51.17 -3.39
N THR E 80 39.06 3.29 44.53
CA THR E 80 37.74 3.19 43.91
C THR E 80 37.17 1.80 44.09
N ALA E 81 36.26 1.42 43.19
CA ALA E 81 35.68 0.08 43.19
C ALA E 81 36.22 -0.82 42.10
N LEU E 82 36.91 -0.26 41.11
CA LEU E 82 37.42 -1.08 40.01
C LEU E 82 38.50 -2.03 40.50
N ASP E 83 39.34 -1.60 41.44
CA ASP E 83 40.42 -2.44 41.93
C ASP E 83 39.90 -3.67 42.65
N VAL E 84 38.97 -3.46 43.60
CA VAL E 84 38.36 -4.59 44.28
C VAL E 84 37.61 -5.48 43.29
N ALA E 85 36.99 -4.87 42.28
CA ALA E 85 36.31 -5.64 41.26
C ALA E 85 37.27 -6.57 40.54
N MET E 86 38.40 -6.04 40.05
CA MET E 86 39.31 -6.88 39.27
C MET E 86 40.00 -7.92 40.15
N ARG E 87 40.24 -7.59 41.42
CA ARG E 87 40.80 -8.62 42.30
C ARG E 87 39.80 -9.73 42.57
N VAL E 88 38.51 -9.40 42.70
CA VAL E 88 37.49 -10.44 42.83
C VAL E 88 37.40 -11.26 41.54
N ASN E 89 37.56 -10.60 40.39
CA ASN E 89 37.58 -11.33 39.12
C ASN E 89 38.76 -12.29 39.05
N LYS E 90 39.92 -11.85 39.54
CA LYS E 90 41.08 -12.75 39.61
C LYS E 90 40.79 -13.94 40.51
N LEU E 91 40.15 -13.69 41.66
CA LEU E 91 39.76 -14.80 42.54
C LEU E 91 38.80 -15.75 41.83
N LYS E 92 37.85 -15.21 41.06
CA LYS E 92 36.87 -16.07 40.41
C LYS E 92 37.51 -16.88 39.29
N ARG E 93 38.46 -16.29 38.57
CA ARG E 93 39.23 -17.06 37.60
C ARG E 93 40.04 -18.16 38.28
N LEU E 94 40.64 -17.86 39.43
CA LEU E 94 41.41 -18.87 40.17
C LEU E 94 40.51 -20.03 40.60
N HIS E 95 39.31 -19.71 41.08
CA HIS E 95 38.36 -20.76 41.45
C HIS E 95 37.90 -21.56 40.23
N GLN E 96 37.71 -20.89 39.09
CA GLN E 96 37.27 -21.57 37.88
C GLN E 96 38.32 -22.55 37.37
N THR E 97 39.58 -22.13 37.36
CA THR E 97 40.64 -23.01 36.86
C THR E 97 40.96 -24.12 37.86
N GLY E 98 41.41 -23.75 39.05
CA GLY E 98 41.81 -24.71 40.07
C GLY E 98 41.10 -24.39 41.36
N GLY E 99 41.78 -24.66 42.48
CA GLY E 99 41.19 -24.41 43.78
C GLY E 99 42.08 -23.59 44.66
N GLY E 100 43.35 -23.44 44.27
CA GLY E 100 44.27 -22.63 45.04
C GLY E 100 44.97 -23.37 46.17
N PRO E 101 46.00 -22.74 46.75
CA PRO E 101 46.78 -23.38 47.84
C PRO E 101 45.92 -23.67 49.05
N SER E 102 45.04 -22.75 49.42
CA SER E 102 44.24 -22.93 50.62
C SER E 102 42.95 -23.72 50.36
N GLY E 103 42.42 -23.65 49.14
CA GLY E 103 41.18 -24.34 48.85
C GLY E 103 40.14 -23.42 48.25
N LYS E 104 39.16 -24.04 47.59
CA LYS E 104 38.11 -23.28 46.92
C LYS E 104 37.11 -22.68 47.89
N LYS E 105 36.81 -23.37 49.00
CA LYS E 105 35.90 -22.82 50.00
C LYS E 105 36.48 -21.56 50.64
N GLN E 106 37.79 -21.57 50.92
CA GLN E 106 38.45 -20.37 51.42
C GLN E 106 38.37 -19.25 50.40
N VAL E 107 38.51 -19.59 49.12
CA VAL E 107 38.37 -18.59 48.06
C VAL E 107 36.97 -17.99 48.08
N GLU E 108 35.95 -18.83 48.27
CA GLU E 108 34.58 -18.34 48.36
C GLU E 108 34.41 -17.40 49.55
N LEU E 109 35.00 -17.75 50.69
CA LEU E 109 34.90 -16.90 51.86
C LEU E 109 35.58 -15.54 51.64
N ASP E 110 36.77 -15.56 51.05
CA ASP E 110 37.46 -14.30 50.76
C ASP E 110 36.68 -13.45 49.77
N ALA E 111 36.08 -14.09 48.76
CA ALA E 111 35.26 -13.35 47.82
C ALA E 111 34.04 -12.74 48.50
N TRP E 112 33.42 -13.48 49.42
CA TRP E 112 32.30 -12.94 50.18
C TRP E 112 32.71 -11.71 50.97
N ARG E 113 33.84 -11.78 51.66
CA ARG E 113 34.29 -10.64 52.45
C ARG E 113 34.62 -9.45 51.57
N ASP E 114 35.32 -9.68 50.45
CA ASP E 114 35.67 -8.59 49.56
C ASP E 114 34.44 -7.95 48.93
N LEU E 115 33.44 -8.77 48.58
CA LEU E 115 32.22 -8.25 48.01
C LEU E 115 31.43 -7.43 49.02
N ASN E 116 31.39 -7.88 50.28
CA ASN E 116 30.66 -7.11 51.29
C ASN E 116 31.47 -5.93 51.81
N ASN E 117 32.75 -5.83 51.43
CA ASN E 117 33.56 -4.67 51.84
C ASN E 117 33.02 -3.38 51.24
N LEU E 118 32.39 -3.44 50.07
CA LEU E 118 31.94 -2.23 49.38
C LEU E 118 30.92 -1.48 50.23
N THR E 119 31.09 -0.16 50.29
CA THR E 119 30.18 0.74 50.98
C THR E 119 29.63 1.77 50.00
N GLU E 120 28.82 2.69 50.53
CA GLU E 120 28.04 3.61 49.68
C GLU E 120 28.91 4.47 48.77
N ALA E 121 30.11 4.86 49.22
CA ALA E 121 30.90 5.82 48.45
C ALA E 121 31.26 5.28 47.07
N GLN E 122 31.80 4.06 47.01
CA GLN E 122 32.23 3.52 45.72
C GLN E 122 31.04 3.16 44.84
N ILE E 123 30.04 2.46 45.39
CA ILE E 123 28.91 2.05 44.57
C ILE E 123 28.09 3.23 44.11
N ASN E 124 28.23 4.39 44.77
CA ASN E 124 27.61 5.62 44.29
C ASN E 124 28.46 6.32 43.23
N SER E 125 29.69 5.85 43.00
CA SER E 125 30.58 6.45 42.01
C SER E 125 31.22 5.41 41.09
N ALA E 126 30.63 4.24 40.99
CA ALA E 126 31.17 3.20 40.12
C ALA E 126 30.66 3.36 38.70
N GLU E 127 31.53 3.08 37.73
CA GLU E 127 31.17 3.13 36.33
C GLU E 127 30.66 1.77 35.87
N GLY E 128 30.33 1.67 34.58
CA GLY E 128 29.62 0.50 34.09
C GLY E 128 30.42 -0.79 34.16
N LYS E 129 31.70 -0.73 33.77
CA LYS E 129 32.49 -1.95 33.71
C LYS E 129 32.66 -2.58 35.09
N ALA E 130 32.95 -1.76 36.10
CA ALA E 130 33.15 -2.29 37.44
C ALA E 130 31.87 -2.94 37.97
N VAL E 131 30.72 -2.28 37.78
CA VAL E 131 29.46 -2.83 38.25
C VAL E 131 29.15 -4.13 37.52
N SER E 132 29.34 -4.15 36.20
CA SER E 132 29.07 -5.35 35.42
C SER E 132 29.93 -6.52 35.90
N LEU E 133 31.21 -6.25 36.15
CA LEU E 133 32.12 -7.30 36.61
C LEU E 133 31.73 -7.78 38.00
N LEU E 134 31.32 -6.85 38.89
CA LEU E 134 30.92 -7.25 40.23
C LEU E 134 29.69 -8.14 40.20
N LEU E 135 28.69 -7.78 39.40
CA LEU E 135 27.52 -8.64 39.27
C LEU E 135 27.87 -9.99 38.67
N ASN E 136 28.75 -10.01 37.67
CA ASN E 136 29.17 -11.29 37.09
C ASN E 136 29.81 -12.18 38.16
N SER E 137 30.73 -11.63 38.95
CA SER E 137 31.41 -12.42 39.96
C SER E 137 30.45 -12.89 41.04
N TRP E 138 29.55 -12.01 41.50
CA TRP E 138 28.61 -12.41 42.55
C TRP E 138 27.66 -13.48 42.06
N ALA E 139 27.13 -13.34 40.84
CA ALA E 139 26.25 -14.35 40.29
C ALA E 139 26.98 -15.68 40.11
N TYR E 140 28.25 -15.62 39.68
CA TYR E 140 29.02 -16.85 39.53
C TYR E 140 29.25 -17.54 40.87
N PHE E 141 29.54 -16.77 41.92
CA PHE E 141 29.82 -17.39 43.21
C PHE E 141 28.55 -17.79 43.94
N ALA E 142 27.38 -17.28 43.52
CA ALA E 142 26.13 -17.66 44.18
C ALA E 142 25.76 -19.12 43.94
N LYS E 143 26.23 -19.71 42.83
CA LYS E 143 25.98 -21.13 42.57
C LYS E 143 26.73 -22.01 43.55
N TYR E 144 27.98 -21.65 43.89
CA TYR E 144 28.76 -22.46 44.82
C TYR E 144 28.41 -22.22 46.28
N TRP E 145 27.98 -21.01 46.63
CA TRP E 145 27.59 -20.75 48.02
C TRP E 145 26.35 -21.55 48.38
N GLU E 146 26.34 -22.10 49.60
CA GLU E 146 25.18 -22.85 50.06
C GLU E 146 23.96 -21.96 50.18
N LYS E 147 24.13 -20.75 50.70
CA LYS E 147 23.04 -19.79 50.75
C LYS E 147 22.92 -19.05 49.42
N GLY E 148 21.74 -18.50 49.18
CA GLY E 148 21.45 -17.83 47.92
C GLY E 148 22.34 -16.63 47.64
N ALA E 149 22.40 -15.70 48.58
CA ALA E 149 23.15 -14.46 48.43
C ALA E 149 22.79 -13.72 47.14
N ALA F 19 16.59 -12.84 47.35
CA ALA F 19 17.09 -12.03 48.45
C ALA F 19 18.35 -11.28 48.05
N ARG F 20 18.30 -9.96 48.17
CA ARG F 20 19.42 -9.10 47.77
C ARG F 20 20.06 -8.49 49.01
N PRO F 21 21.32 -8.80 49.32
CA PRO F 21 22.00 -8.14 50.45
C PRO F 21 22.26 -6.67 50.19
N SER F 22 22.91 -5.99 51.15
CA SER F 22 22.99 -4.54 51.13
C SER F 22 23.72 -4.01 49.90
N ALA F 23 24.93 -4.51 49.65
CA ALA F 23 25.70 -4.04 48.50
C ALA F 23 25.02 -4.43 47.20
N LEU F 24 24.52 -5.66 47.13
CA LEU F 24 23.80 -6.11 45.94
C LEU F 24 22.55 -5.26 45.72
N HIS F 25 21.81 -4.97 46.80
CA HIS F 25 20.61 -4.16 46.66
C HIS F 25 20.94 -2.75 46.21
N LEU F 26 22.03 -2.17 46.73
CA LEU F 26 22.39 -0.80 46.34
C LEU F 26 22.83 -0.74 44.89
N ILE F 27 23.58 -1.75 44.43
CA ILE F 27 23.96 -1.77 43.02
C ILE F 27 22.73 -1.96 42.15
N PHE F 28 21.80 -2.82 42.58
CA PHE F 28 20.55 -2.98 41.84
C PHE F 28 19.78 -1.67 41.76
N GLU F 29 19.71 -0.92 42.86
CA GLU F 29 19.02 0.36 42.85
C GLU F 29 19.72 1.37 41.94
N ARG F 30 21.05 1.40 41.98
CA ARG F 30 21.78 2.33 41.12
C ARG F 30 21.54 2.01 39.64
N CYS F 31 21.51 0.74 39.29
CA CYS F 31 21.21 0.38 37.90
C CYS F 31 19.74 0.63 37.56
N LYS F 32 18.86 0.55 38.56
CA LYS F 32 17.43 0.76 38.32
C LYS F 32 17.12 2.22 38.03
N LEU F 33 17.86 3.14 38.64
CA LEU F 33 17.59 4.56 38.52
C LEU F 33 18.27 5.20 37.31
N ASN F 34 18.86 4.39 36.43
CA ASN F 34 19.59 4.89 35.27
C ASN F 34 20.69 5.87 35.71
N LEU F 35 21.32 5.55 36.84
CA LEU F 35 22.35 6.41 37.44
C LEU F 35 23.77 5.96 37.09
N VAL F 36 23.93 4.95 36.25
CA VAL F 36 25.24 4.43 35.87
C VAL F 36 25.34 4.43 34.35
N GLU F 37 26.47 4.90 33.83
CA GLU F 37 26.70 4.96 32.39
C GLU F 37 27.24 3.61 31.93
N PHE F 38 26.50 2.96 31.04
CA PHE F 38 26.85 1.63 30.55
C PHE F 38 27.21 1.70 29.08
N THR F 39 28.38 1.16 28.74
CA THR F 39 28.76 0.99 27.35
C THR F 39 28.15 -0.31 26.82
N ALA F 40 28.24 -0.50 25.50
CA ALA F 40 27.67 -1.68 24.88
C ALA F 40 28.32 -2.95 25.41
N GLN F 41 29.63 -2.90 25.67
CA GLN F 41 30.36 -4.07 26.14
C GLN F 41 29.84 -4.53 27.50
N ASP F 42 29.59 -3.59 28.41
CA ASP F 42 29.15 -3.96 29.75
C ASP F 42 27.75 -4.55 29.75
N VAL F 43 26.83 -3.95 28.98
CA VAL F 43 25.49 -4.52 28.88
C VAL F 43 25.55 -5.90 28.24
N TYR F 44 26.42 -6.08 27.25
CA TYR F 44 26.58 -7.41 26.65
C TYR F 44 27.06 -8.42 27.68
N GLN F 45 28.05 -8.04 28.50
CA GLN F 45 28.56 -8.95 29.53
C GLN F 45 27.47 -9.30 30.55
N ILE F 46 26.69 -8.30 30.98
CA ILE F 46 25.64 -8.56 31.96
C ILE F 46 24.58 -9.47 31.37
N CYS F 47 24.19 -9.24 30.12
CA CYS F 47 23.20 -10.09 29.48
C CYS F 47 23.71 -11.51 29.30
N THR F 48 24.99 -11.65 28.95
CA THR F 48 25.58 -12.99 28.86
C THR F 48 25.55 -13.69 30.22
N THR F 49 25.89 -12.97 31.29
CA THR F 49 25.83 -13.56 32.62
C THR F 49 24.41 -13.98 32.96
N ALA F 50 23.42 -13.13 32.66
CA ALA F 50 22.03 -13.48 32.95
C ALA F 50 21.59 -14.72 32.16
N TYR F 51 21.94 -14.78 30.88
CA TYR F 51 21.53 -15.92 30.05
C TYR F 51 22.26 -17.19 30.46
N ASN F 52 23.44 -17.07 31.06
CA ASN F 52 24.21 -18.24 31.46
C ASN F 52 23.77 -18.76 32.84
N MET F 53 23.63 -17.87 33.81
CA MET F 53 23.32 -18.23 35.19
C MET F 53 22.17 -17.38 35.70
N ASP F 54 21.27 -18.00 36.47
CA ASP F 54 20.05 -17.34 36.94
C ASP F 54 20.01 -17.25 38.46
N THR F 55 21.18 -17.14 39.10
CA THR F 55 21.24 -17.21 40.56
C THR F 55 20.68 -15.95 41.21
N LEU F 56 20.97 -14.78 40.64
CA LEU F 56 20.52 -13.51 41.23
C LEU F 56 19.16 -13.07 40.73
N GLY F 57 18.53 -13.83 39.85
CA GLY F 57 17.21 -13.45 39.36
C GLY F 57 17.20 -12.18 38.54
N MET F 58 18.17 -12.04 37.63
CA MET F 58 18.17 -10.90 36.72
C MET F 58 16.94 -10.88 35.82
N LEU F 59 16.59 -12.04 35.26
CA LEU F 59 15.44 -12.14 34.37
C LEU F 59 14.12 -12.00 35.11
N GLN F 60 14.13 -12.06 36.44
CA GLN F 60 12.90 -12.02 37.22
C GLN F 60 12.60 -10.64 37.78
N ASP F 61 13.36 -9.61 37.44
CA ASP F 61 13.12 -8.25 37.91
C ASP F 61 12.80 -7.35 36.73
N PRO F 62 11.53 -7.09 36.43
CA PRO F 62 11.22 -6.20 35.31
C PRO F 62 11.76 -4.79 35.48
N ASP F 63 11.82 -4.30 36.72
CA ASP F 63 12.33 -2.95 36.96
C ASP F 63 13.83 -2.86 36.75
N PHE F 64 14.52 -4.00 36.72
CA PHE F 64 15.96 -4.04 36.46
C PHE F 64 16.28 -4.17 34.98
N MET F 65 15.62 -5.11 34.29
CA MET F 65 15.82 -5.22 32.85
C MET F 65 15.26 -4.03 32.09
N ARG F 66 14.21 -3.39 32.59
CA ARG F 66 13.78 -2.15 31.95
C ARG F 66 14.87 -1.09 32.02
N GLY F 67 15.51 -0.95 33.18
CA GLY F 67 16.60 0.01 33.30
C GLY F 67 17.80 -0.36 32.43
N LEU F 68 18.11 -1.65 32.34
CA LEU F 68 19.17 -2.08 31.46
C LEU F 68 18.84 -1.76 30.00
N HIS F 69 17.58 -1.94 29.62
CA HIS F 69 17.18 -1.60 28.26
C HIS F 69 17.32 -0.11 27.99
N ASP F 70 16.91 0.73 28.95
CA ASP F 70 17.10 2.17 28.77
C ASP F 70 18.58 2.52 28.67
N ALA F 71 19.43 1.80 29.40
CA ALA F 71 20.87 2.01 29.26
C ALA F 71 21.36 1.59 27.88
N PHE F 72 20.79 0.51 27.33
CA PHE F 72 21.23 0.01 26.03
C PHE F 72 20.84 0.97 24.92
N ARG F 73 19.64 1.57 25.00
CA ARG F 73 19.18 2.43 23.91
C ARG F 73 20.09 3.64 23.74
N ARG F 74 20.57 4.22 24.83
CA ARG F 74 21.33 5.47 24.78
C ARG F 74 22.84 5.24 24.74
N SER F 75 23.29 4.07 24.30
CA SER F 75 24.71 3.78 24.18
C SER F 75 25.08 3.62 22.71
N ASP F 76 26.40 3.65 22.46
CA ASP F 76 26.93 3.51 21.10
C ASP F 76 27.08 2.02 20.81
N GLN F 77 26.18 1.48 20.00
CA GLN F 77 26.19 0.05 19.69
C GLN F 77 27.14 -0.31 18.56
N THR F 78 27.80 0.67 17.95
CA THR F 78 28.71 0.38 16.84
C THR F 78 30.00 -0.29 17.30
N VAL F 79 30.28 -0.29 18.61
CA VAL F 79 31.51 -0.90 19.11
C VAL F 79 31.44 -2.41 18.99
N ILE F 80 30.31 -3.01 19.34
CA ILE F 80 30.18 -4.46 19.40
C ILE F 80 29.86 -5.00 18.01
N SER F 81 30.01 -6.32 17.85
CA SER F 81 29.69 -6.98 16.61
C SER F 81 28.18 -7.01 16.39
N PRO F 82 27.73 -7.15 15.13
CA PRO F 82 26.29 -7.20 14.88
C PRO F 82 25.57 -8.29 15.66
N PHE F 83 26.17 -9.47 15.82
CA PHE F 83 25.44 -10.53 16.51
C PHE F 83 25.34 -10.27 18.00
N GLN F 84 26.29 -9.54 18.59
CA GLN F 84 26.16 -9.18 19.99
C GLN F 84 24.95 -8.28 20.22
N ALA F 85 24.75 -7.29 19.34
CA ALA F 85 23.56 -6.46 19.42
C ALA F 85 22.30 -7.30 19.20
N ASN F 86 22.34 -8.22 18.24
CA ASN F 86 21.18 -9.09 18.02
C ASN F 86 20.89 -9.93 19.26
N LEU F 87 21.93 -10.39 19.96
CA LEU F 87 21.74 -11.21 21.14
C LEU F 87 21.16 -10.41 22.29
N ILE F 88 21.61 -9.17 22.47
CA ILE F 88 21.00 -8.32 23.50
C ILE F 88 19.53 -8.08 23.17
N ALA F 89 19.23 -7.80 21.90
CA ALA F 89 17.84 -7.61 21.51
C ALA F 89 17.01 -8.85 21.78
N ASP F 90 17.57 -10.03 21.47
CA ASP F 90 16.83 -11.28 21.68
C ASP F 90 16.60 -11.55 23.16
N THR F 91 17.60 -11.32 24.00
CA THR F 91 17.44 -11.58 25.42
C THR F 91 16.51 -10.56 26.09
N PHE F 92 16.38 -9.35 25.52
CA PHE F 92 15.35 -8.45 26.01
C PHE F 92 13.97 -8.83 25.50
N ARG F 93 13.87 -9.31 24.26
CA ARG F 93 12.58 -9.73 23.73
C ARG F 93 12.03 -10.92 24.50
N LYS F 94 12.92 -11.84 24.92
CA LYS F 94 12.46 -13.03 25.63
C LYS F 94 11.78 -12.67 26.95
N VAL F 95 12.28 -11.66 27.65
CA VAL F 95 11.67 -11.23 28.91
C VAL F 95 10.32 -10.55 28.70
N GLY F 96 10.18 -9.76 27.64
CA GLY F 96 8.93 -9.05 27.43
C GLY F 96 9.11 -7.58 27.08
N ILE F 97 10.32 -7.19 26.71
CA ILE F 97 10.62 -5.81 26.34
C ILE F 97 10.85 -5.75 24.84
N ASN F 98 10.14 -4.87 24.15
CA ASN F 98 10.27 -4.71 22.71
C ASN F 98 11.50 -3.87 22.42
N SER F 99 12.55 -4.50 21.90
CA SER F 99 13.81 -3.82 21.65
C SER F 99 14.29 -4.13 20.23
N MET F 100 15.03 -3.17 19.66
CA MET F 100 15.57 -3.28 18.31
C MET F 100 16.86 -2.47 18.27
N PRO F 101 17.99 -3.08 17.90
CA PRO F 101 19.23 -2.33 17.79
C PRO F 101 19.16 -1.28 16.70
N LYS F 102 19.92 -0.20 16.89
CA LYS F 102 19.86 0.94 15.98
C LYS F 102 20.49 0.59 14.64
N GLU F 103 19.93 1.18 13.58
CA GLU F 103 20.44 0.96 12.24
C GLU F 103 21.77 1.68 12.05
N VAL F 104 22.68 1.03 11.32
CA VAL F 104 24.01 1.59 11.08
C VAL F 104 23.95 2.54 9.89
N SER F 105 24.63 3.68 10.02
CA SER F 105 24.69 4.65 8.94
C SER F 105 25.75 4.25 7.91
N VAL F 106 25.48 4.59 6.66
CA VAL F 106 26.42 4.30 5.58
C VAL F 106 27.69 5.11 5.78
N PRO F 107 28.88 4.52 5.67
CA PRO F 107 30.11 5.29 5.81
C PRO F 107 30.20 6.39 4.77
N GLU F 108 30.80 7.52 5.16
CA GLU F 108 30.89 8.68 4.31
C GLU F 108 32.32 9.22 4.32
N GLU F 109 32.69 9.85 3.21
CA GLU F 109 33.98 10.53 3.05
C GLU F 109 35.10 9.51 3.23
N ASP F 110 36.00 9.67 4.21
CA ASP F 110 37.16 8.79 4.33
C ASP F 110 36.87 7.49 5.06
N ALA F 111 35.68 7.34 5.65
CA ALA F 111 35.35 6.07 6.30
C ALA F 111 35.18 4.94 5.28
N ILE F 112 35.36 5.23 4.00
CA ILE F 112 35.22 4.26 2.94
C ILE F 112 36.30 3.18 3.09
N SER F 113 35.88 1.92 3.02
CA SER F 113 36.76 0.76 3.08
C SER F 113 35.93 -0.46 2.74
N PRO F 114 36.56 -1.52 2.23
CA PRO F 114 35.80 -2.76 1.99
C PRO F 114 35.16 -3.33 3.24
N GLU F 115 35.87 -3.25 4.38
CA GLU F 115 35.37 -3.88 5.60
C GLU F 115 34.10 -3.21 6.10
N SER F 116 34.05 -1.88 6.11
CA SER F 116 32.84 -1.21 6.59
C SER F 116 31.67 -1.44 5.64
N LEU F 117 31.93 -1.49 4.34
CA LEU F 117 30.87 -1.77 3.38
C LEU F 117 30.35 -3.20 3.52
N ILE F 118 31.19 -4.14 3.95
CA ILE F 118 30.68 -5.48 4.26
C ILE F 118 29.90 -5.46 5.57
N LEU F 119 30.37 -4.70 6.56
CA LEU F 119 29.69 -4.65 7.85
C LEU F 119 28.29 -4.06 7.74
N VAL F 120 28.08 -3.10 6.84
CA VAL F 120 26.74 -2.56 6.67
C VAL F 120 25.76 -3.66 6.27
N LEU F 121 26.14 -4.46 5.26
CA LEU F 121 25.29 -5.56 4.84
C LEU F 121 25.13 -6.60 5.94
N ARG F 122 26.21 -6.89 6.68
CA ARG F 122 26.10 -7.88 7.74
C ARG F 122 25.15 -7.41 8.84
N ASN F 123 25.22 -6.14 9.22
CA ASN F 123 24.30 -5.59 10.20
C ASN F 123 22.86 -5.68 9.72
N MET F 124 22.62 -5.33 8.45
CA MET F 124 21.27 -5.42 7.92
C MET F 124 20.79 -6.86 7.86
N ASN F 125 21.72 -7.81 7.73
CA ASN F 125 21.36 -9.21 7.64
C ASN F 125 20.97 -9.77 9.00
N ILE F 126 21.87 -9.63 9.99
CA ILE F 126 21.70 -10.35 11.25
C ILE F 126 20.52 -9.79 12.04
N THR F 127 20.41 -8.47 12.12
CA THR F 127 19.40 -7.84 12.96
C THR F 127 18.05 -7.67 12.26
N LYS F 128 17.90 -8.21 11.05
CA LYS F 128 16.63 -8.24 10.33
C LYS F 128 16.07 -6.83 10.10
N GLN F 129 16.90 -5.98 9.49
CA GLN F 129 16.50 -4.63 9.12
C GLN F 129 16.91 -4.39 7.66
N ARG F 130 16.07 -4.86 6.73
CA ARG F 130 16.38 -4.76 5.32
C ARG F 130 15.97 -3.38 4.80
N ASP F 131 16.85 -2.77 4.01
CA ASP F 131 16.63 -1.41 3.51
C ASP F 131 17.15 -1.35 2.08
N GLU F 132 16.24 -1.24 1.12
CA GLU F 132 16.64 -1.23 -0.29
C GLU F 132 17.44 0.03 -0.63
N ARG F 133 17.09 1.17 -0.04
CA ARG F 133 17.80 2.41 -0.33
C ARG F 133 19.25 2.33 0.13
N LYS F 134 19.47 1.79 1.32
CA LYS F 134 20.83 1.65 1.82
C LYS F 134 21.62 0.61 1.04
N ILE F 135 20.98 -0.47 0.58
CA ILE F 135 21.65 -1.43 -0.29
C ILE F 135 22.11 -0.75 -1.57
N ASN F 136 21.22 0.02 -2.20
CA ASN F 136 21.57 0.68 -3.45
C ASN F 136 22.70 1.68 -3.25
N GLU F 137 22.64 2.45 -2.15
CA GLU F 137 23.71 3.40 -1.88
C GLU F 137 25.04 2.69 -1.67
N VAL F 138 25.04 1.59 -0.91
CA VAL F 138 26.28 0.87 -0.65
C VAL F 138 26.84 0.31 -1.95
N LEU F 139 26.00 -0.28 -2.80
CA LEU F 139 26.49 -0.83 -4.05
C LEU F 139 27.06 0.25 -4.97
N LYS F 140 26.43 1.41 -5.01
CA LYS F 140 26.93 2.49 -5.83
C LYS F 140 28.27 3.05 -5.35
N LEU F 141 28.76 2.56 -4.22
CA LEU F 141 30.00 3.11 -3.66
C LEU F 141 31.08 2.05 -3.47
N MET F 142 30.78 0.81 -3.80
CA MET F 142 31.74 -0.28 -3.63
C MET F 142 32.30 -0.67 -4.97
N PHE F 143 31.69 -0.18 -6.04
CA PHE F 143 32.12 -0.58 -7.38
C PHE F 143 33.54 -0.17 -7.75
N PRO F 144 33.89 1.10 -7.54
CA PRO F 144 35.22 1.52 -8.00
C PRO F 144 36.33 0.70 -7.35
N ILE F 145 36.18 0.33 -6.09
CA ILE F 145 37.24 -0.39 -5.38
C ILE F 145 37.10 -1.90 -5.44
N LEU F 146 36.36 -2.42 -6.40
CA LEU F 146 36.12 -3.86 -6.45
C LEU F 146 37.40 -4.68 -6.60
N ASP F 147 38.43 -4.07 -7.19
CA ASP F 147 39.70 -4.76 -7.37
C ASP F 147 40.45 -4.96 -6.05
N GLU F 148 40.41 -3.95 -5.19
CA GLU F 148 41.13 -4.04 -3.91
C GLU F 148 40.60 -5.16 -3.04
N PHE F 149 39.35 -5.57 -3.26
CA PHE F 149 38.76 -6.61 -2.44
C PHE F 149 39.55 -7.90 -2.40
N SER F 150 39.58 -8.55 -1.25
CA SER F 150 40.26 -9.83 -1.13
C SER F 150 39.31 -10.95 -1.58
N PRO F 151 39.86 -12.12 -1.92
CA PRO F 151 38.99 -13.22 -2.40
C PRO F 151 37.90 -13.62 -1.43
N THR F 152 38.18 -13.61 -0.12
CA THR F 152 37.15 -14.02 0.85
C THR F 152 36.06 -12.95 0.97
N GLN F 153 36.44 -11.68 0.88
CA GLN F 153 35.44 -10.62 0.95
C GLN F 153 34.47 -10.67 -0.22
N LEU F 154 34.95 -11.10 -1.40
CA LEU F 154 34.05 -11.24 -2.55
C LEU F 154 32.99 -12.30 -2.27
N SER F 155 33.39 -13.44 -1.72
CA SER F 155 32.42 -14.48 -1.38
C SER F 155 31.47 -14.02 -0.29
N LEU F 156 31.98 -13.29 0.70
CA LEU F 156 31.11 -12.76 1.74
C LEU F 156 30.07 -11.80 1.16
N THR F 157 30.49 -10.92 0.25
CA THR F 157 29.55 -9.99 -0.36
C THR F 157 28.51 -10.73 -1.19
N VAL F 158 28.94 -11.75 -1.92
CA VAL F 158 27.99 -12.53 -2.71
C VAL F 158 26.95 -13.19 -1.80
N THR F 159 27.39 -13.77 -0.69
CA THR F 159 26.47 -14.41 0.24
C THR F 159 25.49 -13.39 0.82
N GLU F 160 26.01 -12.24 1.25
CA GLU F 160 25.14 -11.22 1.84
C GLU F 160 24.12 -10.71 0.86
N LEU F 161 24.52 -10.46 -0.38
CA LEU F 161 23.56 -10.00 -1.39
C LEU F 161 22.56 -11.09 -1.74
N ALA F 162 22.96 -12.36 -1.68
CA ALA F 162 22.01 -13.44 -1.93
C ALA F 162 20.98 -13.54 -0.82
N ARG F 163 21.38 -13.28 0.42
CA ARG F 163 20.42 -13.38 1.53
C ARG F 163 19.43 -12.22 1.54
N LEU F 164 19.84 -11.05 1.06
CA LEU F 164 18.98 -9.88 1.10
C LEU F 164 18.02 -9.77 -0.08
N LYS F 165 18.01 -10.77 -0.97
CA LYS F 165 17.06 -10.83 -2.09
C LYS F 165 17.20 -9.60 -2.99
N SER F 166 18.43 -9.14 -3.19
CA SER F 166 18.65 -7.99 -4.04
C SER F 166 18.37 -8.34 -5.49
N THR F 167 17.80 -7.37 -6.21
CA THR F 167 17.46 -7.55 -7.62
C THR F 167 18.56 -7.06 -8.55
N ASN F 168 19.64 -6.48 -8.02
CA ASN F 168 20.73 -5.95 -8.84
C ASN F 168 21.63 -7.10 -9.26
N ALA F 169 21.15 -7.88 -10.24
CA ALA F 169 21.87 -9.05 -10.71
C ALA F 169 23.14 -8.70 -11.46
N ASP F 170 23.26 -7.47 -11.99
CA ASP F 170 24.45 -7.08 -12.73
C ASP F 170 25.67 -7.05 -11.82
N PHE F 171 25.54 -6.41 -10.65
CA PHE F 171 26.67 -6.35 -9.72
C PHE F 171 27.02 -7.73 -9.19
N VAL F 172 26.01 -8.56 -8.93
CA VAL F 172 26.27 -9.93 -8.48
C VAL F 172 27.03 -10.71 -9.54
N GLY F 173 26.67 -10.50 -10.81
CA GLY F 173 27.41 -11.14 -11.90
C GLY F 173 28.85 -10.67 -11.98
N LYS F 174 29.07 -9.36 -11.80
CA LYS F 174 30.45 -8.83 -11.79
C LYS F 174 31.26 -9.46 -10.67
N LEU F 175 30.66 -9.55 -9.48
CA LEU F 175 31.32 -10.17 -8.34
C LEU F 175 31.64 -11.63 -8.63
N ALA F 176 30.70 -12.32 -9.27
CA ALA F 176 30.91 -13.73 -9.60
C ALA F 176 32.04 -13.90 -10.60
N LYS F 177 32.14 -12.99 -11.57
CA LYS F 177 33.24 -13.07 -12.54
C LYS F 177 34.60 -12.86 -11.85
N ARG F 178 34.68 -11.87 -10.96
CA ARG F 178 35.93 -11.65 -10.25
C ARG F 178 36.26 -12.82 -9.33
N ILE F 179 35.22 -13.51 -8.84
CA ILE F 179 35.45 -14.71 -8.03
C ILE F 179 35.99 -15.85 -8.89
N MET F 180 35.41 -16.05 -10.07
CA MET F 180 35.94 -17.07 -10.97
C MET F 180 37.38 -16.80 -11.37
N GLU F 181 37.79 -15.53 -11.51
CA GLU F 181 39.17 -15.25 -11.90
C GLU F 181 40.19 -15.81 -10.91
N TYR F 182 39.79 -16.09 -9.67
CA TYR F 182 40.65 -16.64 -8.64
C TYR F 182 40.28 -18.09 -8.31
N ASN F 183 40.01 -18.89 -9.34
CA ASN F 183 39.55 -20.26 -9.13
C ASN F 183 40.54 -21.06 -8.30
N ASP F 184 41.84 -20.83 -8.49
CA ASP F 184 42.85 -21.60 -7.77
C ASP F 184 42.81 -21.30 -6.27
N ASP F 185 42.62 -20.04 -5.90
CA ASP F 185 42.65 -19.66 -4.49
C ASP F 185 41.51 -20.29 -3.71
N LEU F 186 40.31 -20.32 -4.29
CA LEU F 186 39.13 -20.76 -3.55
C LEU F 186 39.19 -22.25 -3.24
N SER F 187 38.51 -22.63 -2.17
CA SER F 187 38.40 -24.01 -1.74
C SER F 187 37.03 -24.57 -2.11
N ALA F 188 36.80 -25.84 -1.75
CA ALA F 188 35.55 -26.50 -2.09
C ALA F 188 34.35 -25.83 -1.42
N LEU F 189 34.49 -25.46 -0.15
CA LEU F 189 33.39 -24.81 0.56
C LEU F 189 33.05 -23.47 -0.08
N ASP F 190 34.08 -22.68 -0.43
CA ASP F 190 33.83 -21.39 -1.06
C ASP F 190 33.18 -21.57 -2.43
N ILE F 191 33.62 -22.57 -3.19
CA ILE F 191 33.02 -22.83 -4.50
C ILE F 191 31.55 -23.19 -4.36
N SER F 192 31.23 -24.06 -3.41
CA SER F 192 29.83 -24.45 -3.20
C SER F 192 28.99 -23.26 -2.74
N SER F 193 29.53 -22.45 -1.83
CA SER F 193 28.79 -21.27 -1.36
C SER F 193 28.53 -20.31 -2.50
N ALA F 194 29.54 -20.06 -3.35
CA ALA F 194 29.35 -19.19 -4.50
C ALA F 194 28.31 -19.75 -5.45
N ALA F 195 28.35 -21.06 -5.69
CA ALA F 195 27.39 -21.68 -6.60
C ALA F 195 25.95 -21.50 -6.09
N VAL F 196 25.72 -21.82 -4.82
CA VAL F 196 24.34 -21.73 -4.31
C VAL F 196 23.89 -20.27 -4.24
N SER F 197 24.78 -19.35 -3.84
CA SER F 197 24.39 -17.96 -3.74
C SER F 197 24.12 -17.36 -5.11
N LEU F 198 24.83 -17.83 -6.14
CA LEU F 198 24.52 -17.39 -7.50
C LEU F 198 23.20 -17.97 -7.98
N ALA F 199 22.95 -19.25 -7.68
CA ALA F 199 21.70 -19.86 -8.10
C ALA F 199 20.51 -19.18 -7.47
N TYR F 200 20.67 -18.62 -6.26
CA TYR F 200 19.53 -18.00 -5.59
C TYR F 200 19.14 -16.66 -6.22
N CYS F 201 20.10 -15.94 -6.80
CA CYS F 201 19.77 -14.67 -7.43
C CYS F 201 18.94 -14.91 -8.69
N PRO F 202 17.81 -14.21 -8.86
CA PRO F 202 16.91 -14.55 -9.97
C PRO F 202 17.40 -14.10 -11.34
N GLY F 203 17.93 -12.89 -11.46
CA GLY F 203 18.22 -12.30 -12.75
C GLY F 203 19.60 -12.57 -13.32
N ILE F 204 20.36 -13.50 -12.72
CA ILE F 204 21.74 -13.73 -13.16
C ILE F 204 21.74 -14.27 -14.59
N SER F 205 22.70 -13.79 -15.38
CA SER F 205 22.81 -14.24 -16.77
C SER F 205 23.23 -15.70 -16.83
N HIS F 206 22.73 -16.41 -17.85
CA HIS F 206 22.96 -17.84 -17.94
C HIS F 206 24.39 -18.19 -18.36
N ASN F 207 25.13 -17.26 -18.95
CA ASN F 207 26.51 -17.54 -19.30
C ASN F 207 27.38 -17.72 -18.06
N ILE F 208 27.29 -16.79 -17.11
CA ILE F 208 28.04 -16.90 -15.86
C ILE F 208 27.60 -18.14 -15.10
N LEU F 209 26.31 -18.45 -15.13
CA LEU F 209 25.81 -19.66 -14.47
C LEU F 209 26.41 -20.92 -15.10
N TYR F 210 26.46 -20.96 -16.43
CA TYR F 210 27.05 -22.10 -17.11
C TYR F 210 28.52 -22.25 -16.75
N ARG F 211 29.26 -21.14 -16.72
CA ARG F 211 30.69 -21.24 -16.39
C ARG F 211 30.92 -21.64 -14.94
N MET F 212 30.08 -21.14 -14.02
CA MET F 212 30.22 -21.53 -12.62
C MET F 212 29.90 -23.00 -12.43
N MET F 213 28.85 -23.51 -13.09
CA MET F 213 28.57 -24.93 -13.02
C MET F 213 29.67 -25.75 -13.69
N GLN F 214 30.34 -25.18 -14.70
CA GLN F 214 31.50 -25.85 -15.29
C GLN F 214 32.63 -25.97 -14.27
N ILE F 215 32.89 -24.90 -13.52
CA ILE F 215 33.94 -24.97 -12.51
C ILE F 215 33.57 -25.95 -11.40
N VAL F 216 32.30 -25.94 -10.97
CA VAL F 216 31.82 -26.91 -10.00
C VAL F 216 31.94 -28.32 -10.54
N GLU F 217 31.83 -28.48 -11.86
CA GLU F 217 31.89 -29.78 -12.50
C GLU F 217 33.23 -30.46 -12.26
N GLU F 218 34.33 -29.72 -12.36
CA GLU F 218 35.63 -30.17 -11.90
C GLU F 218 35.76 -29.95 -10.39
N ARG F 219 36.88 -30.39 -9.83
CA ARG F 219 37.07 -30.45 -8.37
C ARG F 219 35.96 -31.25 -7.71
N MET F 220 35.46 -32.27 -8.41
CA MET F 220 34.25 -32.96 -7.96
C MET F 220 34.55 -33.92 -6.82
N GLY F 221 35.73 -34.55 -6.84
CA GLY F 221 36.07 -35.51 -5.80
C GLY F 221 36.38 -34.87 -4.46
N GLU F 222 36.73 -33.58 -4.46
CA GLU F 222 37.05 -32.88 -3.22
C GLU F 222 35.83 -32.56 -2.36
N PHE F 223 34.62 -32.76 -2.89
CA PHE F 223 33.43 -32.27 -2.24
C PHE F 223 33.14 -33.04 -0.94
N GLN F 224 32.62 -32.33 0.04
CA GLN F 224 32.18 -32.85 1.32
C GLN F 224 30.66 -32.88 1.37
N PRO F 225 30.07 -33.54 2.39
CA PRO F 225 28.60 -33.57 2.48
C PRO F 225 27.97 -32.19 2.45
N GLU F 226 28.58 -31.19 3.09
CA GLU F 226 28.06 -29.83 2.99
C GLU F 226 28.17 -29.32 1.55
N ASP F 227 29.27 -29.64 0.88
CA ASP F 227 29.41 -29.26 -0.53
C ASP F 227 28.37 -29.95 -1.40
N TYR F 228 28.10 -31.24 -1.13
CA TYR F 228 27.07 -31.95 -1.86
C TYR F 228 25.71 -31.30 -1.65
N ILE F 229 25.40 -30.94 -0.41
CA ILE F 229 24.12 -30.30 -0.13
C ILE F 229 24.01 -28.96 -0.86
N ASN F 230 25.08 -28.17 -0.85
CA ASN F 230 25.06 -26.88 -1.54
C ASN F 230 24.87 -27.06 -3.05
N VAL F 231 25.59 -28.01 -3.65
CA VAL F 231 25.47 -28.23 -5.09
C VAL F 231 24.08 -28.71 -5.45
N LEU F 232 23.53 -29.63 -4.66
CA LEU F 232 22.18 -30.13 -4.95
C LEU F 232 21.14 -29.04 -4.78
N HIS F 233 21.29 -28.18 -3.77
CA HIS F 233 20.39 -27.05 -3.63
C HIS F 233 20.46 -26.13 -4.85
N ALA F 234 21.67 -25.83 -5.32
CA ALA F 234 21.82 -24.97 -6.48
C ALA F 234 21.19 -25.59 -7.72
N LEU F 235 21.40 -26.89 -7.92
CA LEU F 235 20.84 -27.54 -9.11
C LEU F 235 19.33 -27.65 -9.04
N ASN F 236 18.78 -27.87 -7.85
CA ASN F 236 17.33 -27.86 -7.69
C ASN F 236 16.75 -26.47 -7.99
N THR F 237 17.45 -25.42 -7.55
CA THR F 237 16.98 -24.07 -7.85
C THR F 237 17.07 -23.76 -9.35
N LEU F 238 18.11 -24.25 -10.01
CA LEU F 238 18.37 -23.82 -11.38
C LEU F 238 17.31 -24.37 -12.34
N GLY F 239 17.23 -25.68 -12.49
CA GLY F 239 16.23 -26.27 -13.34
C GLY F 239 16.78 -27.29 -14.32
N PRO F 240 15.89 -27.90 -15.12
CA PRO F 240 16.32 -28.94 -16.06
C PRO F 240 17.44 -28.54 -17.01
N LYS F 241 17.62 -27.24 -17.28
CA LYS F 241 18.58 -26.83 -18.30
C LYS F 241 20.01 -27.27 -17.98
N PHE F 242 20.33 -27.50 -16.72
CA PHE F 242 21.67 -27.94 -16.31
C PHE F 242 21.73 -29.43 -16.01
N VAL F 243 20.79 -30.21 -16.55
CA VAL F 243 20.66 -31.62 -16.19
C VAL F 243 21.99 -32.34 -16.37
N ASN F 244 22.73 -32.00 -17.42
CA ASN F 244 24.00 -32.64 -17.69
C ASN F 244 24.93 -32.59 -16.49
N THR F 245 25.11 -31.41 -15.89
CA THR F 245 25.98 -31.33 -14.72
C THR F 245 25.48 -32.25 -13.63
N PHE F 246 24.18 -32.26 -13.38
CA PHE F 246 23.63 -33.10 -12.34
C PHE F 246 23.96 -34.56 -12.59
N ARG F 247 24.06 -34.95 -13.86
CA ARG F 247 24.47 -36.31 -14.22
C ARG F 247 25.78 -36.67 -13.54
N LYS F 248 26.81 -35.83 -13.72
CA LYS F 248 28.10 -36.14 -13.12
C LYS F 248 28.02 -36.17 -11.60
N ILE F 249 27.00 -35.54 -11.00
CA ILE F 249 26.84 -35.64 -9.56
C ILE F 249 26.35 -37.04 -9.18
N VAL F 250 25.33 -37.55 -9.87
CA VAL F 250 24.76 -38.84 -9.47
C VAL F 250 25.75 -39.97 -9.74
N GLU F 251 26.54 -39.82 -10.81
CA GLU F 251 27.63 -40.76 -11.03
C GLU F 251 28.68 -40.65 -9.93
N CYS F 252 28.98 -39.43 -9.48
CA CYS F 252 29.98 -39.25 -8.44
C CYS F 252 29.57 -39.92 -7.13
N GLY F 253 28.31 -39.76 -6.74
CA GLY F 253 27.83 -40.35 -5.52
C GLY F 253 27.42 -41.80 -5.62
N LEU F 254 27.58 -42.41 -6.80
CA LEU F 254 27.22 -43.82 -6.95
C LEU F 254 28.15 -44.72 -6.16
N GLN F 255 29.34 -44.23 -5.80
CA GLN F 255 30.31 -45.01 -5.05
C GLN F 255 30.27 -44.73 -3.54
N HIS F 256 29.48 -43.75 -3.10
CA HIS F 256 29.34 -43.45 -1.68
C HIS F 256 27.91 -43.65 -1.19
N VAL F 257 27.01 -44.15 -2.05
CA VAL F 257 25.59 -44.15 -1.75
C VAL F 257 25.28 -45.01 -0.53
N GLU F 258 26.05 -46.08 -0.30
CA GLU F 258 25.77 -46.97 0.81
C GLU F 258 25.96 -46.29 2.16
N ASN F 259 26.69 -45.19 2.20
CA ASN F 259 26.89 -44.43 3.45
C ASN F 259 26.78 -42.93 3.13
N MET F 260 25.57 -42.39 3.24
CA MET F 260 25.36 -40.95 3.16
C MET F 260 24.36 -40.51 4.22
N ASP F 261 24.40 -39.21 4.51
CA ASP F 261 23.44 -38.60 5.41
C ASP F 261 22.04 -38.63 4.80
N ALA F 262 21.04 -38.76 5.67
CA ALA F 262 19.66 -38.84 5.21
C ALA F 262 19.24 -37.57 4.49
N VAL F 263 19.69 -36.41 4.96
CA VAL F 263 19.35 -35.16 4.30
C VAL F 263 19.93 -35.12 2.88
N THR F 264 21.13 -35.70 2.70
CA THR F 264 21.72 -35.73 1.36
C THR F 264 20.88 -36.58 0.41
N LEU F 265 20.39 -37.73 0.87
CA LEU F 265 19.57 -38.57 0.00
C LEU F 265 18.22 -37.92 -0.26
N THR F 266 17.67 -37.19 0.71
CA THR F 266 16.45 -36.43 0.46
C THR F 266 16.66 -35.37 -0.61
N ASN F 267 17.79 -34.66 -0.55
CA ASN F 267 18.12 -33.69 -1.59
C ASN F 267 18.30 -34.37 -2.94
N TYR F 268 18.89 -35.57 -2.94
CA TYR F 268 19.01 -36.33 -4.18
C TYR F 268 17.64 -36.66 -4.77
N MET F 269 16.70 -37.08 -3.92
CA MET F 269 15.36 -37.37 -4.41
C MET F 269 14.67 -36.12 -4.96
N VAL F 270 14.85 -34.99 -4.28
CA VAL F 270 14.26 -33.75 -4.77
C VAL F 270 14.82 -33.39 -6.13
N CYS F 271 16.14 -33.51 -6.30
CA CYS F 271 16.76 -33.19 -7.59
C CYS F 271 16.33 -34.17 -8.67
N PHE F 272 16.16 -35.44 -8.30
CA PHE F 272 15.67 -36.44 -9.25
C PHE F 272 14.27 -36.09 -9.74
N SER F 273 13.38 -35.69 -8.82
CA SER F 273 12.04 -35.30 -9.21
C SER F 273 12.03 -34.04 -10.07
N THR F 274 12.86 -33.05 -9.70
CA THR F 274 12.87 -31.78 -10.45
C THR F 274 13.46 -31.96 -11.84
N MET F 275 14.56 -32.69 -11.95
CA MET F 275 15.27 -32.84 -13.22
C MET F 275 14.51 -33.67 -14.23
N ASP F 276 13.48 -34.38 -13.81
CA ASP F 276 12.80 -35.38 -14.65
C ASP F 276 13.83 -36.36 -15.22
N TYR F 277 14.61 -36.96 -14.32
CA TYR F 277 15.60 -37.96 -14.71
C TYR F 277 14.90 -39.19 -15.27
N LYS F 278 15.58 -39.88 -16.19
CA LYS F 278 14.95 -41.00 -16.88
C LYS F 278 15.77 -42.28 -16.84
N GLN F 279 17.07 -42.22 -16.48
CA GLN F 279 17.83 -43.43 -16.17
C GLN F 279 17.30 -43.97 -14.84
N ARG F 280 16.52 -45.06 -14.89
CA ARG F 280 15.76 -45.48 -13.73
C ARG F 280 16.60 -46.25 -12.70
N GLU F 281 17.71 -46.86 -13.13
CA GLU F 281 18.49 -47.69 -12.21
C GLU F 281 19.09 -46.85 -11.08
N HIS F 282 19.60 -45.66 -11.41
CA HIS F 282 20.13 -44.78 -10.38
C HIS F 282 19.03 -44.35 -9.41
N ILE F 283 17.85 -44.05 -9.95
CA ILE F 283 16.72 -43.65 -9.11
C ILE F 283 16.36 -44.77 -8.14
N ASP F 284 16.28 -45.99 -8.63
CA ASP F 284 15.91 -47.11 -7.77
C ASP F 284 16.96 -47.35 -6.70
N ILE F 285 18.24 -47.31 -7.08
CA ILE F 285 19.31 -47.54 -6.10
C ILE F 285 19.26 -46.47 -5.01
N TYR F 286 19.12 -45.21 -5.41
CA TYR F 286 19.14 -44.13 -4.43
C TYR F 286 17.92 -44.16 -3.52
N ALA F 287 16.75 -44.48 -4.06
CA ALA F 287 15.56 -44.59 -3.22
C ALA F 287 15.69 -45.76 -2.23
N ASP F 288 16.24 -46.89 -2.69
CA ASP F 288 16.46 -48.02 -1.81
C ASP F 288 17.42 -47.66 -0.68
N ALA F 289 18.47 -46.91 -1.00
CA ALA F 289 19.39 -46.47 0.05
C ALA F 289 18.74 -45.46 0.99
N LEU F 290 17.84 -44.62 0.47
CA LEU F 290 17.21 -43.61 1.31
C LEU F 290 16.29 -44.23 2.35
N VAL F 291 15.40 -45.14 1.92
CA VAL F 291 14.41 -45.67 2.85
C VAL F 291 15.01 -46.56 3.93
N GLU F 292 16.29 -46.90 3.82
CA GLU F 292 16.94 -47.60 4.93
C GLU F 292 17.12 -46.70 6.14
N VAL F 293 17.48 -45.43 5.92
CA VAL F 293 17.75 -44.49 7.00
C VAL F 293 16.71 -43.37 7.04
N ALA F 294 15.58 -43.55 6.34
CA ALA F 294 14.53 -42.53 6.36
C ALA F 294 14.03 -42.21 7.76
N THR F 295 14.23 -43.10 8.74
CA THR F 295 13.77 -42.84 10.09
C THR F 295 14.51 -41.71 10.78
N ASP F 296 15.63 -41.25 10.23
CA ASP F 296 16.40 -40.15 10.83
C ASP F 296 15.98 -38.78 10.34
N LEU F 297 15.01 -38.70 9.43
CA LEU F 297 14.62 -37.44 8.83
C LEU F 297 13.71 -36.65 9.75
N SER F 298 13.79 -35.33 9.63
CA SER F 298 12.90 -34.44 10.36
C SER F 298 11.52 -34.45 9.71
N GLU F 299 10.60 -33.66 10.27
CA GLU F 299 9.24 -33.60 9.72
C GLU F 299 9.25 -33.10 8.28
N LYS F 300 9.89 -31.95 8.04
CA LYS F 300 9.89 -31.36 6.71
C LYS F 300 10.57 -32.28 5.71
N ASP F 301 11.76 -32.78 6.05
CA ASP F 301 12.49 -33.63 5.13
C ASP F 301 11.73 -34.93 4.86
N LEU F 302 11.04 -35.45 5.87
CA LEU F 302 10.21 -36.63 5.65
C LEU F 302 9.09 -36.34 4.67
N VAL F 303 8.44 -35.19 4.82
CA VAL F 303 7.38 -34.80 3.90
C VAL F 303 7.91 -34.75 2.47
N MET F 304 9.09 -34.15 2.29
CA MET F 304 9.59 -33.96 0.93
C MET F 304 10.13 -35.26 0.34
N ALA F 305 10.68 -36.15 1.17
CA ALA F 305 11.01 -37.49 0.68
C ALA F 305 9.77 -38.20 0.19
N PHE F 306 8.68 -38.11 0.95
CA PHE F 306 7.43 -38.74 0.54
C PHE F 306 6.92 -38.17 -0.79
N ILE F 307 6.92 -36.84 -0.90
CA ILE F 307 6.43 -36.21 -2.12
C ILE F 307 7.29 -36.59 -3.32
N ALA F 308 8.62 -36.51 -3.17
CA ALA F 308 9.50 -36.81 -4.28
C ALA F 308 9.39 -38.26 -4.72
N LEU F 309 9.25 -39.18 -3.76
CA LEU F 309 9.06 -40.57 -4.11
C LEU F 309 7.73 -40.77 -4.84
N GLN F 310 6.67 -40.09 -4.40
CA GLN F 310 5.39 -40.20 -5.10
C GLN F 310 5.49 -39.70 -6.54
N ARG F 311 6.17 -38.57 -6.74
CA ARG F 311 6.23 -37.97 -8.08
C ARG F 311 7.03 -38.82 -9.05
N LEU F 312 7.89 -39.71 -8.57
CA LEU F 312 8.71 -40.55 -9.42
C LEU F 312 8.10 -41.92 -9.68
N ARG F 313 6.89 -42.18 -9.19
CA ARG F 313 6.21 -43.45 -9.37
C ARG F 313 7.05 -44.61 -8.82
N LEU F 314 7.36 -44.52 -7.52
CA LEU F 314 8.20 -45.52 -6.87
C LEU F 314 7.60 -46.04 -5.58
N LEU F 315 6.36 -45.64 -5.25
CA LEU F 315 5.71 -46.11 -4.03
C LEU F 315 5.12 -47.48 -4.28
N SER F 316 5.91 -48.52 -4.00
CA SER F 316 5.40 -49.88 -3.95
C SER F 316 4.79 -50.13 -2.57
N ASP F 317 4.45 -51.39 -2.28
CA ASP F 317 3.80 -51.70 -1.02
C ASP F 317 4.73 -51.48 0.17
N THR F 318 5.93 -52.05 0.11
CA THR F 318 6.88 -51.87 1.20
C THR F 318 7.33 -50.42 1.30
N MET F 319 7.48 -49.74 0.16
CA MET F 319 7.83 -48.33 0.16
C MET F 319 6.83 -47.54 0.99
N PHE F 320 5.54 -47.68 0.66
CA PHE F 320 4.50 -46.93 1.33
C PHE F 320 4.36 -47.34 2.79
N GLY F 321 4.48 -48.64 3.08
CA GLY F 321 4.38 -49.08 4.47
C GLY F 321 5.46 -48.48 5.34
N THR F 322 6.71 -48.53 4.88
CA THR F 322 7.81 -47.95 5.66
C THR F 322 7.65 -46.44 5.82
N MET F 323 7.30 -45.74 4.74
CA MET F 323 7.17 -44.29 4.85
C MET F 323 6.01 -43.89 5.76
N ALA F 324 4.88 -44.60 5.69
CA ALA F 324 3.77 -44.30 6.58
C ALA F 324 4.12 -44.60 8.04
N SER F 325 4.83 -45.69 8.28
CA SER F 325 5.27 -45.99 9.64
C SER F 325 6.19 -44.91 10.17
N CYS F 326 7.05 -44.36 9.32
CA CYS F 326 7.93 -43.29 9.75
C CYS F 326 7.16 -41.99 10.00
N VAL F 327 6.13 -41.72 9.20
CA VAL F 327 5.42 -40.44 9.33
C VAL F 327 4.36 -40.46 10.42
N ILE F 328 3.92 -41.64 10.86
CA ILE F 328 2.88 -41.70 11.88
C ILE F 328 3.39 -41.15 13.21
N ARG F 329 4.71 -41.13 13.41
CA ARG F 329 5.26 -40.54 14.63
C ARG F 329 4.98 -39.04 14.70
N TYR F 330 5.29 -38.31 13.63
CA TYR F 330 4.99 -36.89 13.57
C TYR F 330 3.53 -36.61 13.31
N ALA F 331 2.75 -37.62 12.96
CA ALA F 331 1.31 -37.41 12.70
C ALA F 331 0.58 -36.84 13.91
N ALA F 332 1.11 -37.01 15.12
CA ALA F 332 0.43 -36.50 16.31
C ALA F 332 0.43 -34.97 16.33
N LYS F 333 1.55 -34.35 15.97
CA LYS F 333 1.66 -32.90 16.02
C LYS F 333 2.11 -32.35 14.67
N MET F 334 1.42 -32.76 13.61
CA MET F 334 1.75 -32.27 12.27
C MET F 334 1.53 -30.77 12.16
N ASP F 335 2.42 -30.12 11.42
CA ASP F 335 2.19 -28.73 11.06
C ASP F 335 1.01 -28.64 10.11
N PRO F 336 0.23 -27.56 10.18
CA PRO F 336 -0.92 -27.43 9.27
C PRO F 336 -0.53 -27.48 7.80
N ARG F 337 0.65 -26.97 7.45
CA ARG F 337 1.11 -26.97 6.06
C ARG F 337 1.48 -28.34 5.56
N ASN F 338 1.61 -29.34 6.43
CA ASN F 338 2.02 -30.67 6.03
C ASN F 338 0.89 -31.69 6.04
N ILE F 339 -0.30 -31.33 6.50
CA ILE F 339 -1.40 -32.28 6.48
C ILE F 339 -1.85 -32.57 5.06
N ALA F 340 -2.04 -31.51 4.26
CA ALA F 340 -2.56 -31.69 2.91
C ALA F 340 -1.66 -32.52 2.00
N PRO F 341 -0.34 -32.29 1.93
CA PRO F 341 0.48 -33.10 1.00
C PRO F 341 0.42 -34.60 1.26
N ILE F 342 0.59 -35.03 2.51
CA ILE F 342 0.50 -36.45 2.81
C ILE F 342 -0.90 -36.97 2.57
N MET F 343 -1.91 -36.13 2.79
CA MET F 343 -3.28 -36.53 2.48
C MET F 343 -3.44 -36.81 0.99
N ASP F 344 -2.84 -35.97 0.14
CA ASP F 344 -2.86 -36.21 -1.30
C ASP F 344 -2.08 -37.47 -1.67
N ILE F 345 -0.92 -37.68 -1.04
CA ILE F 345 -0.12 -38.86 -1.35
C ILE F 345 -0.86 -40.13 -0.95
N CYS F 346 -1.65 -40.08 0.13
CA CYS F 346 -2.44 -41.23 0.53
C CYS F 346 -3.48 -41.58 -0.52
N SER F 347 -3.89 -40.59 -1.31
CA SER F 347 -4.73 -40.84 -2.47
C SER F 347 -3.84 -41.22 -3.67
N THR F 348 -4.49 -41.62 -4.76
CA THR F 348 -3.83 -42.01 -6.01
C THR F 348 -2.90 -43.21 -5.84
N VAL F 349 -3.00 -43.94 -4.74
CA VAL F 349 -2.19 -45.14 -4.54
C VAL F 349 -3.09 -46.28 -4.07
N PRO F 350 -2.91 -47.49 -4.60
CA PRO F 350 -3.73 -48.64 -4.18
C PRO F 350 -3.13 -49.40 -3.01
N HIS F 351 -2.94 -48.70 -1.88
CA HIS F 351 -2.40 -49.30 -0.68
C HIS F 351 -3.23 -48.86 0.53
N ALA F 352 -3.22 -49.69 1.57
CA ALA F 352 -4.01 -49.44 2.76
C ALA F 352 -3.33 -48.39 3.63
N SER F 353 -4.05 -47.30 3.92
CA SER F 353 -3.54 -46.22 4.75
C SER F 353 -4.61 -45.72 5.71
N ASP F 354 -5.34 -46.64 6.35
CA ASP F 354 -6.47 -46.25 7.19
C ASP F 354 -6.00 -45.53 8.45
N HIS F 355 -4.99 -46.06 9.13
CA HIS F 355 -4.54 -45.47 10.39
C HIS F 355 -3.97 -44.08 10.19
N LEU F 356 -3.14 -43.92 9.15
CA LEU F 356 -2.60 -42.60 8.84
C LEU F 356 -3.72 -41.62 8.52
N MET F 357 -4.72 -42.08 7.75
CA MET F 357 -5.86 -41.24 7.43
C MET F 357 -6.61 -40.80 8.67
N LYS F 358 -6.85 -41.73 9.60
CA LYS F 358 -7.60 -41.40 10.81
C LYS F 358 -6.85 -40.40 11.68
N VAL F 359 -5.55 -40.65 11.88
CA VAL F 359 -4.77 -39.74 12.73
C VAL F 359 -4.68 -38.37 12.07
N LEU F 360 -4.51 -38.32 10.76
CA LEU F 360 -4.43 -37.04 10.06
C LEU F 360 -5.75 -36.28 10.14
N MET F 361 -6.88 -36.99 10.02
CA MET F 361 -8.17 -36.34 10.15
C MET F 361 -8.38 -35.79 11.56
N ASP F 362 -7.95 -36.54 12.58
CA ASP F 362 -8.05 -36.04 13.95
C ASP F 362 -7.21 -34.77 14.13
N ARG F 363 -5.97 -34.79 13.63
CA ARG F 363 -5.12 -33.60 13.72
C ARG F 363 -5.74 -32.42 12.98
N ALA F 364 -6.35 -32.69 11.82
CA ALA F 364 -7.01 -31.63 11.07
C ALA F 364 -8.17 -31.04 11.87
N VAL F 365 -8.93 -31.90 12.55
CA VAL F 365 -10.02 -31.41 13.40
C VAL F 365 -9.47 -30.53 14.52
N GLU F 366 -8.32 -30.91 15.08
CA GLU F 366 -7.77 -30.18 16.21
C GLU F 366 -7.47 -28.72 15.86
N CYS F 367 -6.90 -28.48 14.68
CA CYS F 367 -6.45 -27.15 14.28
C CYS F 367 -7.40 -26.49 13.30
N THR F 368 -8.72 -26.64 13.51
CA THR F 368 -9.68 -26.12 12.55
C THR F 368 -9.86 -24.61 12.63
N ARG F 369 -9.35 -23.97 13.67
CA ARG F 369 -9.51 -22.52 13.82
C ARG F 369 -8.27 -21.73 13.37
N ILE F 370 -7.22 -22.40 12.91
CA ILE F 370 -6.03 -21.73 12.42
C ILE F 370 -5.75 -22.00 10.94
N LEU F 371 -6.47 -22.93 10.32
CA LEU F 371 -6.25 -23.23 8.91
C LEU F 371 -6.70 -22.07 8.05
N THR F 372 -5.83 -21.66 7.12
CA THR F 372 -6.19 -20.63 6.17
C THR F 372 -7.24 -21.14 5.20
N ALA F 373 -7.79 -20.22 4.39
CA ALA F 373 -8.84 -20.59 3.45
C ALA F 373 -8.35 -21.63 2.44
N ASN F 374 -7.16 -21.42 1.90
CA ASN F 374 -6.63 -22.35 0.89
C ASN F 374 -6.42 -23.74 1.45
N GLN F 375 -5.86 -23.82 2.67
CA GLN F 375 -5.62 -25.14 3.27
C GLN F 375 -6.93 -25.84 3.60
N LEU F 376 -7.92 -25.10 4.10
CA LEU F 376 -9.23 -25.69 4.37
C LEU F 376 -9.87 -26.21 3.09
N GLY F 377 -9.80 -25.42 2.00
CA GLY F 377 -10.32 -25.89 0.74
C GLY F 377 -9.62 -27.13 0.24
N ASP F 378 -8.29 -27.16 0.36
CA ASP F 378 -7.53 -28.33 -0.08
C ASP F 378 -7.91 -29.57 0.71
N ILE F 379 -8.04 -29.43 2.02
CA ILE F 379 -8.39 -30.58 2.86
C ILE F 379 -9.80 -31.08 2.52
N LEU F 380 -10.75 -30.16 2.36
CA LEU F 380 -12.10 -30.57 2.00
C LEU F 380 -12.13 -31.25 0.64
N ASP F 381 -11.34 -30.75 -0.31
CA ASP F 381 -11.26 -31.39 -1.62
C ASP F 381 -10.70 -32.80 -1.51
N ILE F 382 -9.61 -32.97 -0.76
CA ILE F 382 -8.97 -34.29 -0.67
C ILE F 382 -9.89 -35.28 0.03
N LEU F 383 -10.60 -34.84 1.06
CA LEU F 383 -11.53 -35.70 1.78
C LEU F 383 -12.90 -35.78 1.13
N GLY F 384 -13.08 -35.16 -0.04
CA GLY F 384 -14.41 -35.12 -0.64
C GLY F 384 -14.97 -36.51 -0.93
N LEU F 385 -14.15 -37.36 -1.54
CA LEU F 385 -14.59 -38.68 -1.98
C LEU F 385 -14.21 -39.79 -1.01
N TYR F 386 -13.66 -39.46 0.14
CA TYR F 386 -13.23 -40.49 1.10
C TYR F 386 -14.45 -41.07 1.79
N PRO F 387 -14.66 -42.39 1.73
CA PRO F 387 -15.85 -42.99 2.35
C PRO F 387 -15.88 -42.81 3.87
N PRO F 388 -14.78 -43.07 4.60
CA PRO F 388 -14.86 -42.94 6.06
C PRO F 388 -14.88 -41.50 6.56
N ALA F 389 -14.82 -40.51 5.68
CA ALA F 389 -14.81 -39.11 6.11
C ALA F 389 -16.20 -38.52 6.26
N ARG F 390 -17.25 -39.24 5.84
CA ARG F 390 -18.60 -38.72 5.98
C ARG F 390 -19.09 -38.80 7.42
N GLU F 391 -18.73 -39.88 8.13
CA GLU F 391 -19.21 -40.12 9.49
C GLU F 391 -18.20 -39.61 10.51
N HIS F 392 -18.00 -38.29 10.51
CA HIS F 392 -17.02 -37.66 11.36
C HIS F 392 -17.48 -36.25 11.72
N PRO F 393 -17.04 -35.72 12.86
CA PRO F 393 -17.34 -34.31 13.18
C PRO F 393 -16.68 -33.32 12.23
N LEU F 394 -15.66 -33.75 11.48
CA LEU F 394 -14.93 -32.81 10.65
C LEU F 394 -15.82 -32.16 9.61
N VAL F 395 -16.82 -32.89 9.09
CA VAL F 395 -17.67 -32.31 8.05
C VAL F 395 -18.43 -31.10 8.60
N GLN F 396 -19.03 -31.24 9.78
CA GLN F 396 -19.79 -30.13 10.36
C GLN F 396 -18.86 -28.99 10.77
N LEU F 397 -17.75 -29.32 11.43
CA LEU F 397 -16.83 -28.26 11.85
C LEU F 397 -16.30 -27.49 10.66
N PHE F 398 -15.92 -28.19 9.60
CA PHE F 398 -15.39 -27.54 8.41
C PHE F 398 -16.47 -26.79 7.66
N GLY F 399 -17.72 -27.26 7.72
CA GLY F 399 -18.81 -26.49 7.12
C GLY F 399 -18.99 -25.15 7.80
N LYS F 400 -19.02 -25.15 9.14
CA LYS F 400 -19.12 -23.88 9.86
C LYS F 400 -17.93 -22.98 9.57
N GLN F 401 -16.72 -23.55 9.57
CA GLN F 401 -15.52 -22.76 9.29
C GLN F 401 -15.56 -22.16 7.89
N ALA F 402 -16.00 -22.95 6.90
CA ALA F 402 -16.09 -22.44 5.53
C ALA F 402 -17.13 -21.36 5.41
N ARG F 403 -18.28 -21.52 6.08
CA ARG F 403 -19.28 -20.45 6.05
C ARG F 403 -18.73 -19.17 6.66
N LEU F 404 -17.94 -19.29 7.72
CA LEU F 404 -17.30 -18.11 8.30
C LEU F 404 -16.29 -17.49 7.33
N ARG F 405 -15.52 -18.33 6.64
CA ARG F 405 -14.38 -17.87 5.85
C ARG F 405 -14.70 -17.60 4.39
N LEU F 406 -15.98 -17.69 4.00
CA LEU F 406 -16.35 -17.45 2.61
C LEU F 406 -15.91 -16.08 2.12
N ASP F 407 -15.68 -15.13 3.03
CA ASP F 407 -15.24 -13.80 2.61
C ASP F 407 -13.79 -13.79 2.14
N LEU F 408 -12.98 -14.74 2.61
CA LEU F 408 -11.55 -14.75 2.32
C LEU F 408 -11.16 -15.77 1.27
N MET F 409 -12.12 -16.31 0.52
CA MET F 409 -11.87 -17.41 -0.40
C MET F 409 -11.86 -16.91 -1.84
N GLY F 410 -10.80 -17.26 -2.58
CA GLY F 410 -10.76 -16.98 -3.99
C GLY F 410 -11.56 -17.99 -4.78
N PRO F 411 -11.60 -17.80 -6.10
CA PRO F 411 -12.37 -18.73 -6.94
C PRO F 411 -11.92 -20.18 -6.83
N ASP F 412 -10.61 -20.42 -6.81
CA ASP F 412 -10.11 -21.79 -6.67
C ASP F 412 -10.47 -22.38 -5.31
N ALA F 413 -10.27 -21.60 -4.24
CA ALA F 413 -10.62 -22.07 -2.90
C ALA F 413 -12.12 -22.30 -2.77
N LEU F 414 -12.93 -21.39 -3.32
CA LEU F 414 -14.37 -21.55 -3.29
C LEU F 414 -14.79 -22.84 -3.99
N ALA F 415 -14.27 -23.07 -5.20
CA ALA F 415 -14.62 -24.28 -5.93
C ALA F 415 -14.20 -25.53 -5.16
N ASN F 416 -12.97 -25.53 -4.63
CA ASN F 416 -12.48 -26.69 -3.89
C ASN F 416 -13.36 -27.01 -2.69
N ALA F 417 -13.62 -25.99 -1.86
CA ALA F 417 -14.39 -26.22 -0.64
C ALA F 417 -15.81 -26.65 -0.96
N THR F 418 -16.46 -25.99 -1.92
CA THR F 418 -17.84 -26.33 -2.22
C THR F 418 -17.94 -27.73 -2.80
N ARG F 419 -17.00 -28.11 -3.68
CA ARG F 419 -17.02 -29.47 -4.22
C ARG F 419 -16.79 -30.51 -3.13
N GLY F 420 -15.84 -30.25 -2.23
CA GLY F 420 -15.59 -31.19 -1.16
C GLY F 420 -16.77 -31.35 -0.22
N LEU F 421 -17.46 -30.24 0.08
CA LEU F 421 -18.62 -30.32 0.97
C LEU F 421 -19.79 -31.01 0.29
N ALA F 422 -20.01 -30.73 -1.00
CA ALA F 422 -21.10 -31.38 -1.73
C ALA F 422 -20.87 -32.88 -1.83
N ASN F 423 -19.62 -33.29 -2.10
CA ASN F 423 -19.34 -34.72 -2.20
C ASN F 423 -19.50 -35.43 -0.85
N LEU F 424 -19.37 -34.70 0.25
CA LEU F 424 -19.42 -35.29 1.58
C LEU F 424 -20.82 -35.41 2.15
N GLY F 425 -21.84 -34.93 1.44
CA GLY F 425 -23.20 -35.02 1.93
C GLY F 425 -23.61 -33.94 2.90
N TYR F 426 -22.84 -32.87 3.03
CA TYR F 426 -23.18 -31.78 3.94
C TYR F 426 -24.34 -30.97 3.38
N ALA F 427 -25.43 -30.86 4.14
CA ALA F 427 -26.65 -30.19 3.71
C ALA F 427 -26.86 -28.92 4.53
N ASP F 428 -26.76 -27.78 3.87
CA ASP F 428 -26.96 -26.47 4.51
C ASP F 428 -27.32 -25.44 3.45
N PRO F 429 -28.61 -25.16 3.23
CA PRO F 429 -28.99 -24.27 2.12
C PRO F 429 -28.37 -22.89 2.21
N GLU F 430 -28.25 -22.34 3.41
CA GLU F 430 -27.69 -21.00 3.55
C GLU F 430 -26.25 -20.94 3.07
N TYR F 431 -25.46 -21.96 3.39
CA TYR F 431 -24.07 -21.96 2.94
C TYR F 431 -23.97 -22.00 1.43
N TYR F 432 -24.78 -22.82 0.77
CA TYR F 432 -24.72 -22.92 -0.68
C TYR F 432 -25.22 -21.64 -1.34
N ALA F 433 -26.26 -21.02 -0.79
CA ALA F 433 -26.71 -19.74 -1.33
C ALA F 433 -25.64 -18.67 -1.20
N GLN F 434 -24.98 -18.61 -0.05
CA GLN F 434 -23.90 -17.64 0.13
C GLN F 434 -22.73 -17.93 -0.81
N ALA F 435 -22.43 -19.21 -1.02
CA ALA F 435 -21.37 -19.57 -1.96
C ALA F 435 -21.73 -19.15 -3.38
N ALA F 436 -22.98 -19.33 -3.78
CA ALA F 436 -23.42 -18.89 -5.10
C ALA F 436 -23.31 -17.38 -5.25
N GLU F 437 -23.69 -16.64 -4.21
CA GLU F 437 -23.54 -15.19 -4.27
C GLU F 437 -22.08 -14.78 -4.39
N THR F 438 -21.20 -15.39 -3.59
CA THR F 438 -19.79 -15.03 -3.63
C THR F 438 -19.19 -15.38 -4.99
N GLY F 439 -19.62 -16.49 -5.58
CA GLY F 439 -19.20 -16.82 -6.93
C GLY F 439 -19.77 -15.92 -8.00
N PHE F 440 -20.93 -15.32 -7.74
CA PHE F 440 -21.46 -14.32 -8.65
C PHE F 440 -20.73 -13.00 -8.53
N ARG F 441 -20.03 -12.76 -7.42
CA ARG F 441 -19.23 -11.54 -7.30
C ARG F 441 -18.16 -11.46 -8.38
N TYR F 442 -17.45 -12.55 -8.62
CA TYR F 442 -16.43 -12.62 -9.67
C TYR F 442 -16.76 -13.79 -10.59
N GLY F 443 -16.85 -13.52 -11.88
CA GLY F 443 -17.39 -14.52 -12.80
C GLY F 443 -16.55 -15.78 -12.84
N PHE F 444 -17.19 -16.87 -13.25
CA PHE F 444 -16.53 -18.17 -13.34
C PHE F 444 -15.81 -18.30 -14.67
N LYS F 445 -14.48 -18.43 -14.61
CA LYS F 445 -13.69 -18.50 -15.84
C LYS F 445 -13.85 -19.84 -16.53
N ASP F 446 -14.00 -20.92 -15.77
CA ASP F 446 -13.97 -22.26 -16.32
C ASP F 446 -15.23 -23.01 -15.93
N TRP F 447 -15.42 -24.17 -16.58
CA TRP F 447 -16.52 -25.06 -16.19
C TRP F 447 -16.24 -25.75 -14.86
N THR F 448 -14.98 -26.08 -14.60
CA THR F 448 -14.63 -26.73 -13.34
C THR F 448 -14.82 -25.81 -12.16
N LEU F 449 -14.74 -24.49 -12.37
CA LEU F 449 -14.97 -23.55 -11.28
C LEU F 449 -16.46 -23.30 -11.04
N LEU F 450 -17.31 -23.68 -11.99
CA LEU F 450 -18.73 -23.42 -11.86
C LEU F 450 -19.50 -24.67 -11.44
N GLU F 451 -19.01 -25.86 -11.80
CA GLU F 451 -19.72 -27.09 -11.45
C GLU F 451 -19.98 -27.25 -9.96
N PRO F 452 -19.04 -26.95 -9.05
CA PRO F 452 -19.35 -27.13 -7.61
C PRO F 452 -20.55 -26.35 -7.12
N MET F 453 -20.77 -25.13 -7.63
CA MET F 453 -21.95 -24.37 -7.21
C MET F 453 -23.24 -25.10 -7.59
N LEU F 454 -23.30 -25.62 -8.82
CA LEU F 454 -24.46 -26.38 -9.24
C LEU F 454 -24.63 -27.63 -8.39
N MET F 455 -23.53 -28.34 -8.11
CA MET F 455 -23.62 -29.54 -7.29
C MET F 455 -24.16 -29.22 -5.90
N GLY F 456 -23.68 -28.12 -5.31
CA GLY F 456 -24.17 -27.75 -3.99
C GLY F 456 -25.63 -27.33 -3.99
N LEU F 457 -26.03 -26.51 -4.97
CA LEU F 457 -27.41 -26.05 -5.02
C LEU F 457 -28.38 -27.16 -5.35
N SER F 458 -27.94 -28.21 -6.05
CA SER F 458 -28.84 -29.30 -6.40
C SER F 458 -29.11 -30.25 -5.25
N ILE F 459 -28.36 -30.15 -4.14
CA ILE F 459 -28.61 -31.00 -2.99
C ILE F 459 -29.97 -30.68 -2.38
N THR F 460 -30.24 -29.40 -2.15
CA THR F 460 -31.54 -28.99 -1.65
C THR F 460 -32.62 -29.06 -2.73
N GLY F 461 -32.30 -28.59 -3.93
CA GLY F 461 -33.22 -28.67 -5.04
C GLY F 461 -34.03 -27.42 -5.31
N GLN F 462 -33.81 -26.34 -4.56
CA GLN F 462 -34.52 -25.09 -4.83
C GLN F 462 -33.56 -23.93 -4.69
N CYS F 463 -33.85 -22.86 -5.43
CA CYS F 463 -33.08 -21.62 -5.38
C CYS F 463 -33.96 -20.49 -5.88
N PRO F 464 -33.69 -19.26 -5.47
CA PRO F 464 -34.50 -18.14 -5.95
C PRO F 464 -34.37 -18.00 -7.46
N PRO F 465 -35.45 -17.59 -8.13
CA PRO F 465 -35.43 -17.54 -9.61
C PRO F 465 -34.35 -16.64 -10.18
N THR F 466 -34.01 -15.55 -9.50
CA THR F 466 -32.94 -14.70 -9.99
C THR F 466 -31.60 -15.44 -10.00
N MET F 467 -31.36 -16.25 -8.98
CA MET F 467 -30.13 -17.04 -8.93
C MET F 467 -30.06 -18.01 -10.09
N VAL F 468 -31.15 -18.71 -10.39
CA VAL F 468 -31.12 -19.67 -11.48
C VAL F 468 -31.02 -18.95 -12.82
N ARG F 469 -31.59 -17.75 -12.93
CA ARG F 469 -31.44 -16.98 -14.17
C ARG F 469 -29.98 -16.58 -14.40
N VAL F 470 -29.31 -16.11 -13.34
CA VAL F 470 -27.91 -15.74 -13.49
C VAL F 470 -27.06 -16.97 -13.79
N LEU F 471 -27.39 -18.11 -13.17
CA LEU F 471 -26.68 -19.35 -13.46
C LEU F 471 -26.84 -19.76 -14.91
N GLY F 472 -28.07 -19.65 -15.45
CA GLY F 472 -28.27 -19.95 -16.86
C GLY F 472 -27.51 -19.02 -17.77
N SER F 473 -27.51 -17.72 -17.45
CA SER F 473 -26.75 -16.76 -18.23
C SER F 473 -25.26 -17.10 -18.24
N HIS F 474 -24.73 -17.56 -17.10
CA HIS F 474 -23.32 -17.93 -17.06
C HIS F 474 -23.05 -19.21 -17.83
N ILE F 475 -23.93 -20.21 -17.74
CA ILE F 475 -23.61 -21.50 -18.33
C ILE F 475 -23.81 -21.46 -19.84
N ALA F 476 -24.64 -20.54 -20.34
CA ALA F 476 -24.96 -20.52 -21.76
C ALA F 476 -23.74 -20.36 -22.67
N PRO F 477 -22.82 -19.40 -22.45
CA PRO F 477 -21.66 -19.31 -23.34
C PRO F 477 -20.72 -20.50 -23.25
N MET F 478 -20.63 -21.13 -22.07
CA MET F 478 -19.66 -22.20 -21.86
C MET F 478 -20.09 -23.52 -22.48
N ALA F 479 -21.27 -23.59 -23.08
CA ALA F 479 -21.75 -24.84 -23.67
C ALA F 479 -21.13 -25.13 -25.03
N ARG F 480 -20.36 -24.19 -25.59
CA ARG F 480 -19.79 -24.34 -26.91
C ARG F 480 -18.61 -25.30 -26.96
N SER F 481 -17.90 -25.51 -25.84
CA SER F 481 -16.69 -26.31 -25.83
C SER F 481 -16.75 -27.57 -24.97
N MET F 482 -17.78 -27.73 -24.15
CA MET F 482 -17.84 -28.89 -23.27
C MET F 482 -18.25 -30.14 -24.03
N SER F 483 -17.79 -31.29 -23.54
CA SER F 483 -18.03 -32.57 -24.21
C SER F 483 -19.41 -33.10 -23.82
N LEU F 484 -19.71 -34.33 -24.28
CA LEU F 484 -21.04 -34.90 -24.09
C LEU F 484 -21.34 -35.17 -22.61
N MET F 485 -20.37 -35.71 -21.89
CA MET F 485 -20.60 -35.99 -20.47
C MET F 485 -20.87 -34.71 -19.69
N GLU F 486 -20.11 -33.65 -19.99
CA GLU F 486 -20.37 -32.36 -19.34
C GLU F 486 -21.73 -31.82 -19.72
N ILE F 487 -22.16 -32.02 -20.96
CA ILE F 487 -23.50 -31.58 -21.37
C ILE F 487 -24.56 -32.30 -20.56
N GLU F 488 -24.42 -33.62 -20.40
CA GLU F 488 -25.40 -34.38 -19.63
C GLU F 488 -25.43 -33.92 -18.18
N ARG F 489 -24.26 -33.73 -17.57
CA ARG F 489 -24.23 -33.29 -16.18
C ARG F 489 -24.86 -31.91 -16.01
N ALA F 490 -24.55 -30.99 -16.93
CA ALA F 490 -25.13 -29.65 -16.85
C ALA F 490 -26.65 -29.70 -17.02
N ASN F 491 -27.13 -30.53 -17.94
CA ASN F 491 -28.57 -30.68 -18.13
C ASN F 491 -29.23 -31.23 -16.87
N ARG F 492 -28.62 -32.24 -16.24
CA ARG F 492 -29.18 -32.80 -15.02
C ARG F 492 -29.26 -31.75 -13.93
N TYR F 493 -28.18 -30.99 -13.73
CA TYR F 493 -28.18 -29.96 -12.70
C TYR F 493 -29.22 -28.88 -12.98
N LEU F 494 -29.32 -28.46 -14.24
CA LEU F 494 -30.28 -27.40 -14.58
C LEU F 494 -31.71 -27.86 -14.40
N ARG F 495 -32.01 -29.11 -14.77
CA ARG F 495 -33.35 -29.63 -14.52
C ARG F 495 -33.64 -29.74 -13.03
N ARG F 496 -32.64 -30.13 -12.23
CA ARG F 496 -32.85 -30.19 -10.78
C ARG F 496 -33.14 -28.81 -10.22
N LEU F 497 -32.42 -27.78 -10.67
CA LEU F 497 -32.68 -26.43 -10.18
C LEU F 497 -33.96 -25.83 -10.75
N GLY F 498 -34.38 -26.25 -11.93
CA GLY F 498 -35.62 -25.75 -12.50
C GLY F 498 -35.46 -24.47 -13.30
N CYS F 499 -34.63 -24.50 -14.34
CA CYS F 499 -34.43 -23.34 -15.20
C CYS F 499 -35.42 -23.36 -16.35
N GLU F 500 -35.98 -22.19 -16.65
CA GLU F 500 -36.97 -22.04 -17.72
C GLU F 500 -36.40 -21.33 -18.94
N ASP F 501 -35.25 -20.68 -18.81
CA ASP F 501 -34.67 -19.92 -19.93
C ASP F 501 -34.44 -20.83 -21.13
N ASP F 502 -34.85 -20.35 -22.30
CA ASP F 502 -34.77 -21.13 -23.52
C ASP F 502 -33.42 -21.01 -24.23
N PHE F 503 -32.76 -19.87 -24.09
CA PHE F 503 -31.51 -19.69 -24.81
C PHE F 503 -30.52 -20.74 -24.37
N VAL F 504 -30.50 -21.05 -23.08
CA VAL F 504 -29.62 -22.09 -22.60
C VAL F 504 -29.90 -23.39 -23.31
N TYR F 505 -31.06 -23.98 -23.07
CA TYR F 505 -31.43 -25.26 -23.67
C TYR F 505 -31.14 -25.27 -25.17
N LYS F 506 -31.39 -24.16 -25.85
CA LYS F 506 -31.07 -24.09 -27.28
C LYS F 506 -29.58 -24.27 -27.53
N ALA F 507 -28.74 -23.60 -26.73
CA ALA F 507 -27.30 -23.72 -26.91
C ALA F 507 -26.82 -25.14 -26.63
N MET F 508 -27.35 -25.77 -25.58
CA MET F 508 -26.95 -27.14 -25.27
C MET F 508 -27.37 -28.10 -26.37
N ALA F 509 -28.53 -27.85 -26.96
CA ALA F 509 -29.03 -28.70 -28.04
C ALA F 509 -28.12 -28.71 -29.25
N SER F 510 -27.72 -27.54 -29.70
CA SER F 510 -26.89 -27.47 -30.91
C SER F 510 -25.61 -28.28 -30.81
N ARG F 511 -24.87 -28.15 -29.71
CA ARG F 511 -23.62 -28.87 -29.57
C ARG F 511 -23.92 -30.33 -29.67
N VAL F 512 -24.98 -30.77 -29.00
CA VAL F 512 -25.28 -32.18 -29.00
C VAL F 512 -25.41 -32.66 -30.43
N LEU F 513 -26.11 -31.89 -31.26
CA LEU F 513 -26.31 -32.30 -32.65
C LEU F 513 -24.99 -32.41 -33.37
N GLN F 514 -24.16 -31.38 -33.28
CA GLN F 514 -22.90 -31.37 -34.03
C GLN F 514 -22.08 -32.63 -33.78
N PHE F 515 -22.00 -33.05 -32.53
CA PHE F 515 -21.23 -34.23 -32.21
C PHE F 515 -22.06 -35.50 -32.40
N VAL F 516 -23.35 -35.36 -32.71
CA VAL F 516 -24.20 -36.56 -32.81
C VAL F 516 -25.21 -36.53 -33.98
N LYS F 517 -24.98 -35.68 -34.97
CA LYS F 517 -25.86 -35.59 -36.12
C LYS F 517 -27.32 -35.41 -35.73
N GLU F 518 -28.22 -36.19 -36.33
CA GLU F 518 -29.65 -36.04 -36.05
C GLU F 518 -30.18 -37.09 -35.06
N VAL F 519 -31.38 -36.88 -34.55
CA VAL F 519 -31.93 -37.80 -33.55
C VAL F 519 -32.15 -39.21 -34.07
N THR F 520 -32.20 -40.17 -33.16
CA THR F 520 -32.40 -41.56 -33.55
C THR F 520 -33.21 -42.27 -32.48
N PRO F 521 -33.96 -43.32 -32.86
CA PRO F 521 -34.68 -43.99 -31.77
C PRO F 521 -33.72 -44.45 -30.70
N GLU F 522 -32.52 -44.89 -31.11
CA GLU F 522 -31.54 -45.37 -30.15
C GLU F 522 -31.17 -44.30 -29.12
N MET F 523 -31.13 -43.04 -29.55
CA MET F 523 -30.73 -41.96 -28.65
C MET F 523 -31.33 -42.03 -27.25
N PRO F 524 -30.53 -41.67 -26.23
CA PRO F 524 -31.03 -41.64 -24.85
C PRO F 524 -32.23 -40.71 -24.69
N GLU F 525 -33.20 -41.11 -23.89
CA GLU F 525 -34.42 -40.31 -23.74
C GLU F 525 -34.11 -38.91 -23.26
N ASP F 526 -33.27 -38.78 -22.24
CA ASP F 526 -32.99 -37.47 -21.68
C ASP F 526 -32.44 -36.57 -22.78
N LEU F 527 -31.52 -37.09 -23.56
CA LEU F 527 -30.94 -36.30 -24.63
C LEU F 527 -32.05 -35.92 -25.59
N GLN F 528 -32.89 -36.87 -25.94
CA GLN F 528 -33.98 -36.60 -26.85
C GLN F 528 -34.84 -35.49 -26.28
N VAL F 529 -35.03 -35.49 -24.96
CA VAL F 529 -35.76 -34.40 -24.34
C VAL F 529 -34.89 -33.16 -24.47
N LEU F 530 -33.66 -33.20 -23.98
CA LEU F 530 -32.78 -32.07 -24.22
C LEU F 530 -32.90 -31.59 -25.67
N LEU F 531 -33.07 -32.52 -26.61
CA LEU F 531 -33.28 -32.16 -28.01
C LEU F 531 -34.52 -31.32 -28.21
N GLN F 532 -35.55 -31.52 -27.40
CA GLN F 532 -36.79 -30.78 -27.57
C GLN F 532 -36.69 -29.35 -27.07
N ARG F 533 -35.56 -28.96 -26.48
CA ARG F 533 -35.32 -27.59 -25.99
C ARG F 533 -36.44 -27.14 -25.05
N GLY F 534 -36.60 -27.92 -23.98
CA GLY F 534 -37.61 -27.62 -22.97
C GLY F 534 -37.22 -26.46 -22.07
N PRO G 97 -17.46 49.80 18.64
CA PRO G 97 -16.92 49.22 17.40
C PRO G 97 -16.28 47.85 17.63
N LEU G 98 -16.51 46.93 16.71
CA LEU G 98 -15.95 45.60 16.84
C LEU G 98 -14.42 45.67 16.67
N PRO G 99 -13.68 44.87 17.43
CA PRO G 99 -12.21 44.87 17.31
C PRO G 99 -11.73 43.98 16.16
N VAL G 100 -12.06 44.37 14.93
CA VAL G 100 -11.64 43.61 13.77
C VAL G 100 -10.13 43.75 13.59
N SER G 101 -9.53 42.71 13.01
CA SER G 101 -8.08 42.64 12.81
C SER G 101 -7.75 42.19 11.40
N TYR G 102 -8.41 42.85 10.44
CA TYR G 102 -8.19 42.53 9.04
C TYR G 102 -7.28 43.53 8.36
N SER G 103 -6.13 43.07 7.89
CA SER G 103 -5.18 43.92 7.20
C SER G 103 -5.05 43.49 5.74
N PRO G 104 -4.90 44.43 4.81
CA PRO G 104 -4.80 44.06 3.39
C PRO G 104 -3.60 43.18 3.12
N GLY G 105 -3.79 42.21 2.22
CA GLY G 105 -2.70 41.30 1.89
C GLY G 105 -1.53 42.01 1.23
N SER G 106 -1.82 42.92 0.30
CA SER G 106 -0.77 43.64 -0.40
C SER G 106 -0.73 45.10 0.01
N VAL G 114 0.46 51.45 5.84
CA VAL G 114 -0.64 51.13 6.73
C VAL G 114 -0.25 49.98 7.68
N THR G 115 -0.43 50.23 8.98
CA THR G 115 -0.07 49.27 10.03
C THR G 115 1.38 48.81 9.88
N SER G 116 2.27 49.78 9.67
CA SER G 116 3.68 49.50 9.40
C SER G 116 4.48 49.49 10.69
N THR G 117 5.32 48.48 10.86
CA THR G 117 6.21 48.35 12.01
C THR G 117 7.66 48.31 11.53
N ALA G 118 8.57 48.00 12.46
CA ALA G 118 9.99 47.89 12.13
C ALA G 118 10.29 46.71 11.21
N ILE G 119 9.36 45.77 11.07
CA ILE G 119 9.54 44.69 10.11
C ILE G 119 9.72 45.25 8.70
N THR G 120 9.02 46.33 8.38
CA THR G 120 9.18 46.97 7.08
C THR G 120 10.63 47.43 6.87
N ALA G 121 11.21 48.09 7.88
CA ALA G 121 12.58 48.56 7.75
C ALA G 121 13.57 47.42 7.64
N HIS G 122 13.38 46.36 8.45
CA HIS G 122 14.29 45.22 8.38
C HIS G 122 14.22 44.56 7.01
N CYS G 123 13.01 44.36 6.48
CA CYS G 123 12.87 43.75 5.17
C CYS G 123 13.43 44.65 4.07
N ASP G 124 13.30 45.96 4.22
CA ASP G 124 13.90 46.87 3.24
C ASP G 124 15.42 46.76 3.24
N VAL G 125 16.03 46.66 4.42
CA VAL G 125 17.48 46.50 4.49
C VAL G 125 17.90 45.19 3.81
N LEU G 126 17.17 44.11 4.11
CA LEU G 126 17.47 42.83 3.45
C LEU G 126 17.32 42.94 1.93
N SER G 127 16.29 43.67 1.49
CA SER G 127 16.09 43.87 0.05
C SER G 127 17.27 44.58 -0.57
N GLU G 128 17.76 45.64 0.08
CA GLU G 128 18.89 46.36 -0.47
C GLU G 128 20.15 45.49 -0.54
N CYS G 129 20.41 44.70 0.50
CA CYS G 129 21.58 43.82 0.46
C CYS G 129 21.45 42.78 -0.65
N VAL G 130 20.27 42.17 -0.79
CA VAL G 130 20.08 41.17 -1.83
C VAL G 130 20.23 41.79 -3.21
N ALA G 131 19.69 43.00 -3.40
CA ALA G 131 19.81 43.67 -4.69
C ALA G 131 21.26 43.98 -5.02
N LYS G 132 22.04 44.44 -4.02
CA LYS G 132 23.45 44.71 -4.27
C LYS G 132 24.22 43.44 -4.62
N ALA G 133 23.92 42.34 -3.93
CA ALA G 133 24.59 41.08 -4.24
C ALA G 133 24.27 40.61 -5.65
N ASP G 134 23.00 40.70 -6.05
CA ASP G 134 22.64 40.31 -7.41
C ASP G 134 23.25 41.24 -8.44
N GLU G 135 23.39 42.53 -8.11
CA GLU G 135 24.03 43.47 -9.01
C GLU G 135 25.49 43.11 -9.23
N LEU G 136 26.19 42.72 -8.16
CA LEU G 136 27.57 42.24 -8.34
C LEU G 136 27.61 40.97 -9.19
N ALA G 137 26.70 40.03 -8.92
CA ALA G 137 26.68 38.79 -9.67
C ALA G 137 26.47 39.05 -11.15
N VAL G 138 25.58 39.97 -11.50
CA VAL G 138 25.41 40.38 -12.89
C VAL G 138 26.66 41.09 -13.40
N GLN G 139 27.28 41.91 -12.56
CA GLN G 139 28.45 42.69 -12.97
C GLN G 139 29.63 41.80 -13.33
N LEU G 140 29.66 40.57 -12.82
CA LEU G 140 30.68 39.64 -13.29
C LEU G 140 30.59 39.42 -14.79
N LYS G 141 29.40 39.12 -15.30
CA LYS G 141 29.22 38.81 -16.71
C LYS G 141 29.05 40.08 -17.54
N THR G 154 38.33 39.54 -10.84
CA THR G 154 38.27 39.94 -9.45
C THR G 154 37.28 39.10 -8.67
N GLN G 155 37.37 37.77 -8.85
CA GLN G 155 36.45 36.87 -8.17
C GLN G 155 36.65 36.89 -6.66
N GLU G 156 37.91 36.96 -6.21
CA GLU G 156 38.19 37.04 -4.78
C GLU G 156 37.60 38.32 -4.18
N GLY G 157 37.71 39.43 -4.91
CA GLY G 157 37.13 40.67 -4.41
C GLY G 157 35.62 40.62 -4.30
N MET G 158 34.94 40.10 -5.33
CA MET G 158 33.48 40.03 -5.28
C MET G 158 33.03 39.07 -4.20
N GLU G 159 33.79 37.99 -3.97
CA GLU G 159 33.44 37.08 -2.89
C GLU G 159 33.68 37.71 -1.52
N GLU G 160 34.69 38.58 -1.41
CA GLU G 160 34.86 39.35 -0.17
C GLU G 160 33.67 40.27 0.08
N PHE G 161 33.22 40.97 -0.97
CA PHE G 161 32.04 41.83 -0.82
C PHE G 161 30.80 41.00 -0.50
N VAL G 162 30.66 39.82 -1.11
CA VAL G 162 29.56 38.94 -0.79
C VAL G 162 29.63 38.50 0.66
N GLU G 163 30.84 38.24 1.16
CA GLU G 163 31.00 37.86 2.56
C GLU G 163 30.56 38.97 3.49
N GLU G 164 30.96 40.21 3.20
CA GLU G 164 30.56 41.31 4.07
C GLU G 164 29.05 41.56 4.00
N LEU G 165 28.46 41.44 2.81
CA LEU G 165 27.03 41.64 2.67
C LEU G 165 26.25 40.54 3.39
N LYS G 166 26.72 39.29 3.29
CA LYS G 166 26.04 38.20 3.98
C LYS G 166 26.21 38.33 5.49
N THR G 167 27.33 38.88 5.95
CA THR G 167 27.48 39.18 7.37
C THR G 167 26.46 40.21 7.82
N SER G 168 26.28 41.27 7.03
CA SER G 168 25.28 42.28 7.36
C SER G 168 23.87 41.68 7.39
N ALA G 169 23.56 40.85 6.40
CA ALA G 169 22.24 40.23 6.35
C ALA G 169 22.02 39.29 7.53
N THR G 170 23.04 38.53 7.91
CA THR G 170 22.92 37.65 9.06
C THR G 170 22.69 38.45 10.34
N ASN G 171 23.41 39.56 10.50
CA ASN G 171 23.20 40.40 11.68
C ASN G 171 21.78 40.95 11.70
N GLU G 172 21.28 41.41 10.55
CA GLU G 172 19.94 41.96 10.49
C GLU G 172 18.90 40.90 10.84
N MET G 173 19.05 39.69 10.30
CA MET G 173 18.06 38.65 10.58
C MET G 173 18.15 38.18 12.02
N THR G 174 19.36 38.18 12.60
CA THR G 174 19.48 37.84 14.01
C THR G 174 18.76 38.87 14.88
N ALA G 175 18.93 40.16 14.58
CA ALA G 175 18.20 41.18 15.32
C ALA G 175 16.70 41.02 15.16
N LEU G 176 16.24 40.73 13.93
CA LEU G 176 14.82 40.57 13.68
C LEU G 176 14.25 39.37 14.44
N VAL G 177 14.96 38.25 14.44
CA VAL G 177 14.45 37.06 15.13
C VAL G 177 14.47 37.27 16.64
N LYS G 178 15.48 37.98 17.16
CA LYS G 178 15.48 38.29 18.59
C LYS G 178 14.29 39.16 18.96
N GLN G 179 13.99 40.17 18.14
CA GLN G 179 12.82 41.01 18.41
C GLN G 179 11.53 40.21 18.32
N MET G 180 11.40 39.37 17.30
CA MET G 180 10.17 38.59 17.14
C MET G 180 10.02 37.55 18.25
N GLN G 181 11.12 37.17 18.91
CA GLN G 181 11.02 36.24 20.04
C GLN G 181 10.66 36.97 21.32
N THR G 182 11.31 38.11 21.60
CA THR G 182 11.18 38.73 22.91
C THR G 182 9.89 39.53 23.05
N THR G 183 9.62 40.45 22.12
CA THR G 183 8.46 41.32 22.27
C THR G 183 7.30 40.85 21.41
N PRO G 184 6.06 41.09 21.82
CA PRO G 184 4.91 40.67 21.01
C PRO G 184 4.74 41.54 19.77
N LEU G 185 5.51 41.23 18.73
CA LEU G 185 5.51 42.04 17.52
C LEU G 185 4.63 41.46 16.43
N LEU G 186 4.53 40.13 16.36
CA LEU G 186 3.77 39.51 15.27
C LEU G 186 2.29 39.86 15.34
N GLN G 187 1.71 39.89 16.54
CA GLN G 187 0.30 40.23 16.68
C GLN G 187 0.04 41.68 16.26
N ARG G 188 0.95 42.59 16.64
CA ARG G 188 0.75 44.00 16.35
C ARG G 188 1.01 44.36 14.88
N ALA G 189 1.87 43.60 14.20
CA ALA G 189 2.20 43.93 12.82
C ALA G 189 1.03 43.65 11.89
N GLY G 190 1.12 44.19 10.68
CA GLY G 190 0.10 44.00 9.67
C GLY G 190 0.15 42.61 9.06
N MET G 191 -0.18 42.49 7.78
CA MET G 191 -0.13 41.21 7.10
C MET G 191 0.87 41.17 5.96
N HIS G 192 1.02 42.26 5.21
CA HIS G 192 1.98 42.27 4.12
C HIS G 192 3.41 42.10 4.65
N GLU G 193 3.69 42.70 5.81
CA GLU G 193 5.00 42.51 6.44
C GLU G 193 5.24 41.04 6.76
N LEU G 194 4.19 40.34 7.22
CA LEU G 194 4.32 38.90 7.44
C LEU G 194 4.66 38.18 6.15
N ARG G 195 4.03 38.58 5.04
CA ARG G 195 4.29 37.94 3.75
C ARG G 195 5.74 38.13 3.33
N ARG G 196 6.25 39.35 3.43
CA ARG G 196 7.63 39.57 2.99
C ARG G 196 8.64 38.96 3.96
N THR G 197 8.31 38.89 5.25
CA THR G 197 9.19 38.19 6.18
C THR G 197 9.27 36.70 5.85
N LEU G 198 8.13 36.09 5.53
CA LEU G 198 8.16 34.70 5.11
C LEU G 198 8.96 34.54 3.83
N TYR G 199 8.79 35.47 2.89
CA TYR G 199 9.55 35.40 1.63
C TYR G 199 11.05 35.45 1.89
N TYR G 200 11.50 36.39 2.72
CA TYR G 200 12.94 36.54 2.93
C TYR G 200 13.50 35.39 3.76
N THR G 201 12.77 34.91 4.75
CA THR G 201 13.23 33.75 5.51
C THR G 201 13.35 32.51 4.64
N THR G 202 12.40 32.31 3.72
CA THR G 202 12.45 31.13 2.87
C THR G 202 13.45 31.30 1.73
N SER G 203 13.83 32.54 1.40
CA SER G 203 14.72 32.75 0.28
C SER G 203 16.18 32.79 0.70
N LEU G 204 16.50 33.39 1.85
CA LEU G 204 17.89 33.49 2.27
C LEU G 204 18.49 32.14 2.62
N LYS G 205 17.66 31.14 2.95
CA LYS G 205 18.18 29.81 3.21
C LYS G 205 18.71 29.17 1.93
N GLU G 206 18.00 29.34 0.81
CA GLU G 206 18.44 28.77 -0.45
C GLU G 206 19.73 29.42 -0.93
N ARG G 207 19.95 30.69 -0.60
CA ARG G 207 21.17 31.40 -0.96
C ARG G 207 22.33 31.07 -0.03
N ASP G 208 22.09 30.28 1.01
CA ASP G 208 23.12 29.87 1.98
C ASP G 208 23.69 31.07 2.72
N TRP G 209 22.80 31.85 3.33
CA TRP G 209 23.18 32.94 4.21
C TRP G 209 22.68 32.76 5.63
N LEU G 210 21.95 31.68 5.91
CA LEU G 210 21.36 31.43 7.22
C LEU G 210 21.73 30.04 7.70
N GLU G 211 21.87 29.91 9.01
CA GLU G 211 22.10 28.60 9.63
C GLU G 211 20.78 27.90 9.88
N GLU G 212 20.86 26.58 10.14
CA GLU G 212 19.66 25.78 10.29
C GLU G 212 18.86 26.21 11.51
N LYS G 213 19.54 26.48 12.62
CA LYS G 213 18.84 26.77 13.87
C LYS G 213 18.03 28.06 13.77
N GLN G 214 18.65 29.13 13.24
CA GLN G 214 17.95 30.40 13.12
C GLN G 214 16.81 30.31 12.12
N TYR G 215 17.02 29.59 11.02
CA TYR G 215 15.97 29.39 10.03
C TYR G 215 14.76 28.70 10.65
N THR G 216 14.99 27.61 11.39
CA THR G 216 13.88 26.92 12.04
C THR G 216 13.22 27.81 13.09
N ALA G 217 14.02 28.57 13.83
CA ALA G 217 13.46 29.44 14.87
C ALA G 217 12.53 30.48 14.28
N ALA G 218 12.90 31.07 13.15
CA ALA G 218 12.03 32.04 12.51
C ALA G 218 10.78 31.37 11.93
N MET G 219 10.97 30.24 11.24
CA MET G 219 9.84 29.62 10.56
C MET G 219 8.81 29.06 11.52
N ARG G 220 9.22 28.56 12.70
CA ARG G 220 8.26 28.05 13.66
C ARG G 220 7.29 29.14 14.11
N MET G 221 7.82 30.32 14.45
CA MET G 221 6.96 31.39 14.91
C MET G 221 6.13 31.99 13.78
N LEU G 222 6.68 32.04 12.56
CA LEU G 222 5.87 32.46 11.43
C LEU G 222 4.68 31.52 11.23
N THR G 223 4.93 30.22 11.34
CA THR G 223 3.85 29.24 11.21
C THR G 223 2.83 29.40 12.32
N VAL G 224 3.28 29.66 13.56
CA VAL G 224 2.35 29.83 14.67
C VAL G 224 1.46 31.04 14.43
N GLU G 225 2.05 32.15 14.00
CA GLU G 225 1.25 33.35 13.75
C GLU G 225 0.26 33.13 12.61
N VAL G 226 0.69 32.46 11.54
CA VAL G 226 -0.21 32.20 10.42
C VAL G 226 -1.36 31.30 10.85
N LEU G 227 -1.07 30.29 11.67
CA LEU G 227 -2.13 29.42 12.18
C LEU G 227 -3.12 30.19 13.04
N ARG G 228 -2.62 31.08 13.90
CA ARG G 228 -3.53 31.87 14.72
C ARG G 228 -4.43 32.76 13.85
N ARG G 229 -3.86 33.40 12.84
CA ARG G 229 -4.67 34.26 11.99
C ARG G 229 -5.66 33.46 11.15
N ASP G 230 -5.28 32.25 10.73
CA ASP G 230 -6.25 31.38 10.07
C ASP G 230 -7.39 31.01 11.00
N GLY G 231 -7.07 30.73 12.27
CA GLY G 231 -8.11 30.47 13.24
C GLY G 231 -9.03 31.66 13.42
N ASP G 232 -8.49 32.87 13.34
CA ASP G 232 -9.35 34.05 13.41
C ASP G 232 -10.20 34.23 12.16
N GLY G 233 -9.73 33.73 11.01
CA GLY G 233 -10.48 33.83 9.77
C GLY G 233 -10.11 34.99 8.88
N VAL G 234 -9.02 35.70 9.17
CA VAL G 234 -8.62 36.86 8.37
C VAL G 234 -7.96 36.45 7.05
N LEU G 235 -7.47 35.21 6.95
CA LEU G 235 -6.73 34.77 5.78
C LEU G 235 -7.61 34.87 4.53
N SER G 236 -7.23 35.75 3.62
CA SER G 236 -7.99 35.98 2.40
C SER G 236 -7.79 34.84 1.41
N ALA G 237 -8.36 35.00 0.22
CA ALA G 237 -8.24 33.99 -0.82
C ALA G 237 -6.89 34.00 -1.51
N ASP G 238 -6.13 35.10 -1.39
CA ASP G 238 -4.82 35.21 -2.00
C ASP G 238 -3.70 34.83 -1.05
N ASP G 239 -3.87 35.16 0.23
CA ASP G 239 -2.84 34.84 1.22
C ASP G 239 -2.68 33.34 1.40
N VAL G 240 -3.76 32.57 1.25
CA VAL G 240 -3.65 31.12 1.33
C VAL G 240 -2.74 30.59 0.25
N LEU G 241 -2.96 31.04 -1.00
CA LEU G 241 -2.11 30.61 -2.10
C LEU G 241 -0.67 31.05 -1.88
N TYR G 242 -0.47 32.28 -1.43
CA TYR G 242 0.90 32.76 -1.22
C TYR G 242 1.63 31.92 -0.17
N VAL G 243 0.99 31.69 0.97
CA VAL G 243 1.63 30.93 2.05
C VAL G 243 1.91 29.50 1.60
N THR G 244 0.93 28.86 0.93
CA THR G 244 1.15 27.49 0.48
C THR G 244 2.29 27.42 -0.52
N THR G 245 2.34 28.34 -1.48
CA THR G 245 3.38 28.32 -2.49
C THR G 245 4.76 28.52 -1.88
N HIS G 246 4.88 29.46 -0.94
CA HIS G 246 6.18 29.76 -0.37
C HIS G 246 6.55 28.86 0.80
N VAL G 247 5.67 27.94 1.21
CA VAL G 247 6.00 26.96 2.23
C VAL G 247 6.33 25.60 1.62
N VAL G 248 5.53 25.13 0.66
CA VAL G 248 5.76 23.78 0.14
C VAL G 248 7.06 23.72 -0.65
N THR G 249 7.43 24.81 -1.34
CA THR G 249 8.65 24.78 -2.14
C THR G 249 9.90 24.74 -1.27
N ALA G 250 9.82 25.25 -0.04
CA ALA G 250 10.93 25.14 0.90
C ALA G 250 10.92 23.83 1.67
N ASN G 251 9.87 23.02 1.53
CA ASN G 251 9.75 21.73 2.20
C ASN G 251 9.90 21.87 3.71
N PHE G 252 9.21 22.86 4.28
CA PHE G 252 9.12 23.05 5.72
C PHE G 252 7.81 22.42 6.20
N TYR G 253 7.91 21.48 7.12
CA TYR G 253 6.78 20.65 7.49
C TYR G 253 6.21 21.07 8.84
N ASN G 254 4.91 21.32 8.87
CA ASN G 254 4.15 21.42 10.11
C ASN G 254 2.76 20.84 9.85
N ARG G 255 2.38 19.85 10.64
CA ARG G 255 1.21 19.03 10.32
C ARG G 255 -0.05 19.88 10.19
N HIS G 256 -0.33 20.71 11.21
CA HIS G 256 -1.57 21.46 11.21
C HIS G 256 -1.63 22.47 10.09
N LEU G 257 -0.52 23.18 9.83
CA LEU G 257 -0.51 24.18 8.77
C LEU G 257 -0.75 23.54 7.41
N TRP G 258 -0.07 22.43 7.13
CA TRP G 258 -0.24 21.76 5.85
C TRP G 258 -1.66 21.25 5.68
N ASN G 259 -2.21 20.61 6.73
CA ASN G 259 -3.55 20.06 6.63
C ASN G 259 -4.59 21.17 6.43
N ARG G 260 -4.46 22.27 7.18
CA ARG G 260 -5.42 23.36 7.04
C ARG G 260 -5.33 24.00 5.66
N MET G 261 -4.12 24.21 5.16
CA MET G 261 -3.98 24.79 3.83
C MET G 261 -4.57 23.88 2.76
N GLU G 262 -4.28 22.58 2.84
CA GLU G 262 -4.82 21.65 1.84
C GLU G 262 -6.34 21.61 1.91
N LYS G 263 -6.92 21.64 3.11
CA LYS G 263 -8.37 21.61 3.22
C LYS G 263 -9.00 22.90 2.73
N SER G 264 -8.35 24.04 2.95
CA SER G 264 -8.92 25.31 2.51
C SER G 264 -8.71 25.57 1.02
N LEU G 265 -7.79 24.88 0.37
CA LEU G 265 -7.62 25.06 -1.07
C LEU G 265 -8.66 24.33 -1.90
N LEU G 266 -9.60 23.62 -1.28
CA LEU G 266 -10.67 22.94 -2.01
C LEU G 266 -11.94 23.77 -2.11
N LYS G 267 -11.96 24.99 -1.57
CA LYS G 267 -13.10 25.89 -1.72
C LYS G 267 -12.91 26.67 -3.01
N PHE G 268 -13.31 26.04 -4.12
CA PHE G 268 -13.06 26.61 -5.44
C PHE G 268 -13.77 27.94 -5.67
N SER G 269 -14.80 28.24 -4.89
CA SER G 269 -15.54 29.48 -5.09
C SER G 269 -14.74 30.72 -4.70
N ASN G 270 -13.88 30.62 -3.68
CA ASN G 270 -13.12 31.79 -3.23
C ASN G 270 -12.13 32.25 -4.30
N TYR G 271 -11.40 31.30 -4.89
CA TYR G 271 -10.32 31.63 -5.84
C TYR G 271 -10.91 31.87 -7.22
N GLU G 272 -11.41 33.09 -7.40
CA GLU G 272 -12.10 33.50 -8.61
C GLU G 272 -11.50 34.74 -9.25
N ASN G 273 -11.09 35.72 -8.46
CA ASN G 273 -10.67 37.03 -8.98
C ASN G 273 -9.21 37.32 -8.63
N ILE G 274 -8.33 36.33 -8.81
CA ILE G 274 -6.92 36.54 -8.53
C ILE G 274 -6.31 37.42 -9.62
N ASP G 275 -5.37 38.29 -9.20
CA ASP G 275 -4.73 39.20 -10.14
C ASP G 275 -3.81 38.45 -11.10
N MET G 276 -3.37 39.16 -12.14
CA MET G 276 -2.49 38.58 -13.15
C MET G 276 -1.12 38.26 -12.58
N SER G 277 -0.51 39.22 -11.88
CA SER G 277 0.85 39.06 -11.38
C SER G 277 0.92 37.95 -10.34
N SER G 278 -0.09 37.86 -9.48
CA SER G 278 -0.12 36.77 -8.51
C SER G 278 -0.15 35.42 -9.21
N VAL G 279 -0.97 35.29 -10.25
CA VAL G 279 -1.04 34.05 -11.01
C VAL G 279 0.33 33.69 -11.57
N LYS G 280 0.97 34.65 -12.23
CA LYS G 280 2.24 34.36 -12.89
C LYS G 280 3.34 34.05 -11.87
N ALA G 281 3.40 34.80 -10.78
CA ALA G 281 4.43 34.57 -9.78
C ALA G 281 4.30 33.20 -9.14
N PHE G 282 3.07 32.80 -8.78
CA PHE G 282 2.89 31.48 -8.20
C PHE G 282 3.24 30.39 -9.20
N SER G 283 2.83 30.55 -10.47
CA SER G 283 3.12 29.52 -11.46
C SER G 283 4.62 29.38 -11.67
N THR G 284 5.35 30.50 -11.78
CA THR G 284 6.79 30.44 -11.99
C THR G 284 7.50 29.84 -10.80
N ARG G 285 7.09 30.21 -9.58
CA ARG G 285 7.74 29.66 -8.39
C ARG G 285 7.53 28.16 -8.30
N LEU G 286 6.32 27.68 -8.61
CA LEU G 286 6.10 26.24 -8.60
C LEU G 286 6.85 25.55 -9.73
N PHE G 287 7.05 26.23 -10.87
CA PHE G 287 7.67 25.61 -12.02
C PHE G 287 9.17 25.44 -11.82
N LYS G 288 9.86 26.47 -11.34
CA LYS G 288 11.32 26.48 -11.36
C LYS G 288 11.92 25.43 -10.44
N THR G 289 11.31 25.18 -9.28
CA THR G 289 11.87 24.32 -8.27
C THR G 289 11.29 22.91 -8.30
N ARG G 290 11.08 22.35 -9.49
CA ARG G 290 10.37 21.07 -9.59
C ARG G 290 11.32 19.88 -9.50
N ARG G 291 12.59 20.02 -9.89
CA ARG G 291 13.47 18.84 -9.97
C ARG G 291 13.62 18.15 -8.62
N GLY G 292 14.07 18.87 -7.61
CA GLY G 292 14.48 18.25 -6.37
C GLY G 292 13.41 18.11 -5.33
N CYS G 293 12.16 18.37 -5.70
CA CYS G 293 11.06 18.30 -4.74
C CYS G 293 10.91 16.89 -4.20
N ALA G 294 10.74 16.79 -2.89
CA ALA G 294 10.43 15.51 -2.28
C ALA G 294 9.04 15.06 -2.71
N LYS G 295 8.81 13.75 -2.63
CA LYS G 295 7.55 13.21 -3.12
C LYS G 295 6.36 13.75 -2.34
N GLU G 296 6.49 13.88 -1.02
CA GLU G 296 5.37 14.34 -0.20
C GLU G 296 4.91 15.74 -0.58
N THR G 297 5.79 16.55 -1.16
CA THR G 297 5.45 17.90 -1.58
C THR G 297 4.66 17.92 -2.88
N LEU G 298 4.69 16.85 -3.66
CA LEU G 298 4.11 16.89 -5.01
C LEU G 298 2.60 17.14 -4.96
N ASP G 299 1.87 16.33 -4.19
CA ASP G 299 0.41 16.32 -4.30
C ASP G 299 -0.17 17.69 -3.97
N ILE G 300 0.25 18.28 -2.86
CA ILE G 300 -0.28 19.59 -2.48
C ILE G 300 0.04 20.62 -3.56
N ARG G 301 1.19 20.49 -4.21
CA ARG G 301 1.51 21.36 -5.33
C ARG G 301 0.39 21.38 -6.35
N ARG G 302 -0.09 20.20 -6.73
CA ARG G 302 -1.18 20.12 -7.70
C ARG G 302 -2.41 20.87 -7.19
N LYS G 303 -2.72 20.72 -5.91
CA LYS G 303 -3.90 21.37 -5.37
C LYS G 303 -3.81 22.89 -5.45
N VAL G 304 -2.61 23.44 -5.61
CA VAL G 304 -2.50 24.87 -5.86
C VAL G 304 -2.90 25.18 -7.30
N LEU G 305 -2.33 24.43 -8.25
CA LEU G 305 -2.51 24.77 -9.67
C LEU G 305 -3.96 24.63 -10.09
N LEU G 306 -4.68 23.65 -9.55
CA LEU G 306 -6.09 23.50 -9.88
C LEU G 306 -6.99 24.46 -9.09
N ALA G 307 -6.48 25.06 -8.01
CA ALA G 307 -7.29 26.05 -7.31
C ALA G 307 -7.50 27.28 -8.20
N MET G 308 -6.49 27.63 -8.99
CA MET G 308 -6.50 28.81 -9.85
C MET G 308 -6.67 28.44 -11.32
N SER G 309 -7.07 27.20 -11.61
CA SER G 309 -7.18 26.76 -12.99
C SER G 309 -8.29 27.50 -13.73
N ARG G 310 -9.43 27.70 -13.09
CA ARG G 310 -10.54 28.40 -13.75
C ARG G 310 -10.18 29.84 -14.07
N ARG G 311 -9.51 30.53 -13.13
CA ARG G 311 -9.11 31.91 -13.39
C ARG G 311 -8.17 32.01 -14.58
N VAL G 312 -7.21 31.09 -14.68
CA VAL G 312 -6.29 31.10 -15.81
C VAL G 312 -7.01 30.77 -17.10
N GLY G 313 -7.97 29.84 -17.04
CA GLY G 313 -8.75 29.52 -18.22
C GLY G 313 -9.55 30.70 -18.73
N VAL G 314 -10.16 31.46 -17.81
CA VAL G 314 -10.82 32.70 -18.19
C VAL G 314 -9.83 33.74 -18.66
N LEU G 315 -8.61 33.72 -18.11
CA LEU G 315 -7.56 34.67 -18.44
C LEU G 315 -6.83 34.33 -19.73
N ALA G 316 -7.46 33.55 -20.62
CA ALA G 316 -6.74 32.96 -21.74
C ALA G 316 -6.28 34.02 -22.73
N ASN G 317 -7.09 35.04 -22.96
CA ASN G 317 -6.82 36.00 -24.03
C ASN G 317 -5.92 37.14 -23.59
N ASP G 318 -5.39 37.10 -22.37
CA ASP G 318 -4.54 38.18 -21.85
C ASP G 318 -3.08 37.79 -21.70
N PHE G 319 -2.78 36.50 -21.67
CA PHE G 319 -1.41 36.05 -21.50
C PHE G 319 -0.57 36.43 -22.69
N ASP G 320 0.72 36.62 -22.49
CA ASP G 320 1.62 36.91 -23.60
C ASP G 320 1.88 35.60 -24.31
N LEU G 321 2.31 35.66 -25.56
CA LEU G 321 2.62 34.45 -26.30
C LEU G 321 3.71 33.62 -25.60
N PRO G 322 4.78 34.26 -25.14
CA PRO G 322 5.77 33.45 -24.41
C PRO G 322 5.18 32.77 -23.19
N SER G 323 4.39 33.49 -22.41
CA SER G 323 3.83 32.92 -21.19
C SER G 323 2.92 31.74 -21.49
N LEU G 324 2.14 31.85 -22.57
CA LEU G 324 1.22 30.79 -22.91
C LEU G 324 1.94 29.46 -22.90
N LEU G 325 3.26 29.47 -23.06
CA LEU G 325 4.06 28.25 -23.01
C LEU G 325 4.53 27.97 -21.59
N GLY G 326 4.85 29.02 -20.83
CA GLY G 326 5.23 28.82 -19.45
C GLY G 326 4.14 28.18 -18.62
N VAL G 327 2.91 28.68 -18.75
CA VAL G 327 1.79 28.10 -18.01
C VAL G 327 1.52 26.67 -18.47
N LEU G 328 1.57 26.44 -19.78
CA LEU G 328 1.33 25.09 -20.29
C LEU G 328 2.36 24.10 -19.76
N GLN G 329 3.63 24.50 -19.76
CA GLN G 329 4.66 23.62 -19.22
C GLN G 329 4.50 23.42 -17.72
N CYS G 330 4.19 24.49 -16.98
CA CYS G 330 4.01 24.36 -15.54
C CYS G 330 2.89 23.37 -15.23
N TYR G 331 1.86 23.34 -16.06
CA TYR G 331 0.77 22.39 -15.84
C TYR G 331 1.16 20.97 -16.26
N THR G 332 1.89 20.83 -17.37
CA THR G 332 2.18 19.49 -17.87
C THR G 332 3.29 18.79 -17.09
N VAL G 333 4.25 19.53 -16.53
CA VAL G 333 5.28 18.89 -15.71
C VAL G 333 4.70 18.30 -14.45
N HIS G 334 3.70 18.95 -13.86
CA HIS G 334 2.96 18.42 -12.72
C HIS G 334 1.82 17.51 -13.17
N ASP G 335 2.02 16.80 -14.28
CA ASP G 335 1.07 15.84 -14.87
C ASP G 335 -0.38 16.23 -14.59
N LEU G 336 -0.72 17.44 -15.03
CA LEU G 336 -2.06 18.02 -14.92
C LEU G 336 -2.46 18.52 -16.30
N THR G 337 -3.63 18.09 -16.77
CA THR G 337 -4.21 18.58 -18.03
C THR G 337 -5.68 18.90 -17.82
N PRO G 338 -5.99 19.97 -17.11
CA PRO G 338 -7.39 20.28 -16.80
C PRO G 338 -8.16 20.72 -18.04
N PHE G 339 -9.48 20.46 -18.00
CA PHE G 339 -10.36 20.89 -19.08
C PHE G 339 -10.44 22.41 -19.15
N HIS G 340 -10.47 23.08 -17.99
CA HIS G 340 -10.65 24.54 -17.97
C HIS G 340 -9.52 25.27 -18.67
N LEU G 341 -8.39 24.61 -18.90
CA LEU G 341 -7.25 25.21 -19.58
C LEU G 341 -7.24 24.95 -21.08
N GLU G 342 -8.33 24.39 -21.62
CA GLU G 342 -8.36 24.01 -23.02
C GLU G 342 -8.16 25.18 -23.97
N PRO G 343 -8.85 26.31 -23.83
CA PRO G 343 -8.59 27.43 -24.76
C PRO G 343 -7.16 27.91 -24.76
N LEU G 344 -6.47 27.86 -23.61
CA LEU G 344 -5.08 28.30 -23.55
C LEU G 344 -4.24 27.63 -24.63
N ALA G 345 -4.41 26.31 -24.80
CA ALA G 345 -3.68 25.62 -25.85
C ALA G 345 -4.15 26.02 -27.23
N ILE G 346 -5.47 26.14 -27.42
CA ILE G 346 -6.03 26.34 -28.75
C ILE G 346 -5.50 27.64 -29.35
N ARG G 347 -5.50 28.71 -28.56
CA ARG G 347 -4.93 29.98 -29.00
C ARG G 347 -3.51 29.80 -29.51
N ALA G 348 -2.70 29.02 -28.78
CA ALA G 348 -1.32 28.80 -29.22
C ALA G 348 -1.29 28.14 -30.58
N THR G 349 -2.17 27.15 -30.81
CA THR G 349 -2.23 26.51 -32.11
C THR G 349 -2.59 27.51 -33.20
N ASN G 350 -3.43 28.49 -32.88
CA ASN G 350 -3.79 29.54 -33.83
C ASN G 350 -2.76 30.64 -33.93
N HIS G 351 -1.72 30.61 -33.09
CA HIS G 351 -0.74 31.68 -33.05
C HIS G 351 0.67 31.17 -33.34
N VAL G 352 0.78 30.03 -34.02
CA VAL G 352 2.09 29.53 -34.40
C VAL G 352 2.73 30.47 -35.43
N GLY G 353 4.06 30.48 -35.44
CA GLY G 353 4.82 31.39 -36.25
C GLY G 353 5.41 32.57 -35.50
N ASP G 354 4.87 32.89 -34.32
CA ASP G 354 5.46 33.87 -33.42
C ASP G 354 6.43 33.23 -32.43
N PHE G 355 6.56 31.91 -32.45
CA PHE G 355 7.44 31.19 -31.55
C PHE G 355 8.79 30.97 -32.20
N THR G 356 9.84 31.01 -31.37
CA THR G 356 11.17 30.66 -31.84
C THR G 356 11.21 29.17 -32.18
N PRO G 357 12.10 28.77 -33.10
CA PRO G 357 12.14 27.35 -33.50
C PRO G 357 12.35 26.38 -32.35
N HIS G 358 13.17 26.73 -31.36
CA HIS G 358 13.37 25.83 -30.23
C HIS G 358 12.09 25.65 -29.44
N GLU G 359 11.31 26.73 -29.28
CA GLU G 359 10.03 26.64 -28.58
C GLU G 359 9.04 25.74 -29.30
N CYS G 360 9.23 25.53 -30.62
CA CYS G 360 8.27 24.73 -31.38
C CYS G 360 8.31 23.26 -30.98
N ALA G 361 9.48 22.74 -30.61
CA ALA G 361 9.54 21.35 -30.16
C ALA G 361 8.76 21.16 -28.86
N THR G 362 8.94 22.06 -27.91
CA THR G 362 8.19 22.01 -26.66
C THR G 362 6.70 22.18 -26.94
N LEU G 363 6.34 23.06 -27.87
CA LEU G 363 4.95 23.22 -28.24
C LEU G 363 4.37 21.95 -28.83
N ALA G 364 5.15 21.26 -29.67
CA ALA G 364 4.67 20.01 -30.25
C ALA G 364 4.43 18.96 -29.17
N HIS G 365 5.37 18.83 -28.24
CA HIS G 365 5.18 17.88 -27.13
C HIS G 365 3.94 18.23 -26.32
N VAL G 366 3.78 19.53 -25.99
CA VAL G 366 2.64 19.95 -25.18
C VAL G 366 1.34 19.64 -25.91
N LEU G 367 1.23 20.06 -27.17
CA LEU G 367 0.01 19.83 -27.94
C LEU G 367 -0.29 18.35 -28.09
N ARG G 368 0.75 17.52 -28.19
CA ARG G 368 0.53 16.08 -28.19
C ARG G 368 -0.05 15.62 -26.87
N LYS G 369 0.40 16.20 -25.75
CA LYS G 369 -0.07 15.76 -24.44
C LYS G 369 -1.43 16.37 -24.05
N TRP G 370 -1.96 17.30 -24.83
CA TRP G 370 -3.29 17.85 -24.57
C TRP G 370 -4.35 17.32 -25.52
N ARG G 371 -4.04 16.26 -26.27
CA ARG G 371 -4.99 15.64 -27.20
C ARG G 371 -5.53 16.66 -28.21
N THR G 372 -4.66 17.55 -28.66
CA THR G 372 -5.01 18.59 -29.61
C THR G 372 -4.27 18.45 -30.94
N MET G 373 -3.12 17.77 -30.94
CA MET G 373 -2.27 17.65 -32.12
C MET G 373 -3.03 16.96 -33.24
N ARG G 374 -3.14 17.64 -34.39
CA ARG G 374 -3.77 17.13 -35.60
C ARG G 374 -2.85 17.41 -36.78
N LEU G 375 -3.33 17.09 -37.99
CA LEU G 375 -2.51 17.22 -39.18
C LEU G 375 -2.24 18.68 -39.52
N GLU G 376 -3.28 19.53 -39.47
CA GLU G 376 -3.13 20.91 -39.91
C GLU G 376 -2.13 21.68 -39.06
N VAL G 377 -2.18 21.50 -37.74
CA VAL G 377 -1.19 22.15 -36.88
C VAL G 377 0.17 21.48 -37.01
N CYS G 378 0.21 20.17 -37.28
CA CYS G 378 1.48 19.47 -37.45
C CYS G 378 2.25 20.02 -38.64
N GLU G 379 1.56 20.34 -39.74
CA GLU G 379 2.24 20.89 -40.90
C GLU G 379 2.94 22.20 -40.55
N ARG G 380 2.23 23.10 -39.87
CA ARG G 380 2.82 24.39 -39.51
C ARG G 380 3.97 24.21 -38.52
N LEU G 381 3.82 23.29 -37.56
CA LEU G 381 4.91 23.07 -36.61
C LEU G 381 6.16 22.54 -37.30
N VAL G 382 6.00 21.60 -38.23
CA VAL G 382 7.14 21.08 -38.96
C VAL G 382 7.79 22.17 -39.80
N GLU G 383 6.97 23.00 -40.46
CA GLU G 383 7.51 24.09 -41.25
C GLU G 383 8.32 25.05 -40.40
N ARG G 384 7.77 25.46 -39.25
CA ARG G 384 8.49 26.38 -38.38
C ARG G 384 9.76 25.74 -37.81
N ILE G 385 9.73 24.42 -37.58
CA ILE G 385 10.92 23.71 -37.12
C ILE G 385 12.01 23.79 -38.19
N CYS G 386 11.64 23.56 -39.45
CA CYS G 386 12.63 23.56 -40.52
C CYS G 386 13.20 24.94 -40.82
N THR G 387 12.58 26.01 -40.32
CA THR G 387 13.09 27.35 -40.56
C THR G 387 14.31 27.68 -39.71
N SER G 388 14.67 26.82 -38.76
CA SER G 388 15.79 27.11 -37.86
C SER G 388 17.10 27.12 -38.63
N ASP G 389 18.05 27.90 -38.12
CA ASP G 389 19.36 28.00 -38.76
C ASP G 389 20.10 26.68 -38.71
N GLN G 390 20.13 26.04 -37.54
CA GLN G 390 20.83 24.77 -37.37
C GLN G 390 20.07 23.93 -36.35
N LEU G 391 19.76 22.69 -36.71
CA LEU G 391 18.95 21.85 -35.85
C LEU G 391 19.78 21.19 -34.77
N THR G 392 19.11 20.83 -33.68
CA THR G 392 19.68 20.05 -32.59
C THR G 392 18.89 18.76 -32.44
N HIS G 393 19.25 17.96 -31.44
CA HIS G 393 18.53 16.71 -31.20
C HIS G 393 17.08 16.94 -30.81
N HIS G 394 16.82 18.00 -30.03
CA HIS G 394 15.49 18.21 -29.48
C HIS G 394 14.45 18.42 -30.56
N MET G 395 14.70 19.36 -31.47
CA MET G 395 13.68 19.69 -32.47
C MET G 395 13.48 18.56 -33.48
N ALA G 396 14.56 17.90 -33.89
CA ALA G 396 14.42 16.77 -34.80
C ALA G 396 13.65 15.62 -34.16
N ASN G 397 13.96 15.31 -32.90
CA ASN G 397 13.23 14.25 -32.21
C ASN G 397 11.76 14.60 -32.06
N ALA G 398 11.46 15.86 -31.70
CA ALA G 398 10.07 16.26 -31.55
C ALA G 398 9.33 16.22 -32.88
N ALA G 399 9.99 16.64 -33.96
CA ALA G 399 9.36 16.59 -35.28
C ALA G 399 9.06 15.16 -35.69
N MET G 400 10.00 14.24 -35.46
CA MET G 400 9.75 12.84 -35.79
C MET G 400 8.60 12.27 -34.97
N ILE G 401 8.56 12.57 -33.68
CA ILE G 401 7.48 12.09 -32.83
C ILE G 401 6.14 12.63 -33.31
N ALA G 402 6.10 13.92 -33.68
CA ALA G 402 4.87 14.52 -34.17
C ALA G 402 4.42 13.87 -35.48
N ILE G 403 5.38 13.62 -36.38
CA ILE G 403 5.02 12.98 -37.66
C ILE G 403 4.45 11.60 -37.42
N ARG G 404 5.06 10.83 -36.51
CA ARG G 404 4.51 9.50 -36.20
C ARG G 404 3.11 9.60 -35.60
N THR G 405 2.90 10.52 -34.65
CA THR G 405 1.63 10.57 -33.95
C THR G 405 0.53 11.12 -34.86
N CYS G 406 0.91 11.86 -35.92
CA CYS G 406 -0.08 12.32 -36.87
C CYS G 406 -0.35 11.29 -37.96
N PHE G 407 0.66 10.50 -38.33
CA PHE G 407 0.48 9.41 -39.28
C PHE G 407 -0.35 8.28 -38.69
N ASN G 408 -0.31 8.09 -37.38
CA ASN G 408 -1.09 7.05 -36.73
C ASN G 408 -2.58 7.33 -36.73
N GLN G 409 -3.00 8.53 -37.12
CA GLN G 409 -4.37 8.99 -36.94
C GLN G 409 -5.24 8.86 -38.18
N VAL G 410 -4.73 8.22 -39.25
CA VAL G 410 -5.49 8.07 -40.49
C VAL G 410 -6.15 6.70 -40.49
N SER G 411 -7.43 6.67 -40.84
CA SER G 411 -8.19 5.43 -40.89
C SER G 411 -8.40 5.03 -42.34
N ASP G 412 -8.17 3.75 -42.63
CA ASP G 412 -8.27 3.24 -44.00
C ASP G 412 -9.70 2.82 -44.35
N GLY G 413 -10.63 2.90 -43.40
CA GLY G 413 -11.99 2.50 -43.67
C GLY G 413 -13.02 3.44 -43.07
N GLY G 414 -12.63 4.69 -42.85
CA GLY G 414 -13.51 5.69 -42.28
C GLY G 414 -14.29 6.44 -43.34
N ARG G 415 -14.80 7.61 -42.95
CA ARG G 415 -15.56 8.44 -43.87
C ARG G 415 -14.69 8.91 -45.04
N ASN G 416 -13.45 9.30 -44.76
CA ASN G 416 -12.53 9.81 -45.76
C ASN G 416 -11.47 8.78 -46.13
N ALA G 417 -11.88 7.51 -46.20
CA ALA G 417 -10.93 6.42 -46.46
C ALA G 417 -10.22 6.60 -47.81
N MET G 418 -10.94 7.04 -48.84
CA MET G 418 -10.32 7.23 -50.14
C MET G 418 -9.26 8.33 -50.11
N ASN G 419 -9.35 9.25 -49.16
CA ASN G 419 -8.34 10.29 -48.99
C ASN G 419 -7.24 9.87 -48.03
N ALA G 420 -7.27 8.64 -47.51
CA ALA G 420 -6.28 8.22 -46.52
C ALA G 420 -4.88 8.15 -47.13
N GLU G 421 -4.74 7.52 -48.30
CA GLU G 421 -3.42 7.30 -48.86
C GLU G 421 -2.68 8.59 -49.24
N PRO G 422 -3.29 9.56 -49.94
CA PRO G 422 -2.54 10.80 -50.22
C PRO G 422 -2.03 11.48 -48.97
N THR G 423 -2.87 11.60 -47.93
CA THR G 423 -2.43 12.22 -46.69
C THR G 423 -1.19 11.54 -46.15
N ARG G 424 -1.21 10.20 -46.11
CA ARG G 424 -0.04 9.45 -45.70
C ARG G 424 1.19 9.91 -46.48
N GLN G 425 1.07 9.96 -47.81
CA GLN G 425 2.18 10.42 -48.63
C GLN G 425 2.68 11.78 -48.18
N LYS G 426 1.75 12.73 -47.98
CA LYS G 426 2.15 14.06 -47.53
C LYS G 426 2.99 13.96 -46.28
N LEU G 427 2.54 13.19 -45.30
CA LEU G 427 3.31 13.05 -44.06
C LEU G 427 4.71 12.54 -44.35
N ARG G 428 4.81 11.49 -45.17
CA ARG G 428 6.12 10.96 -45.51
C ARG G 428 6.98 12.06 -46.13
N ALA G 429 6.39 12.86 -47.02
CA ALA G 429 7.14 13.97 -47.61
C ALA G 429 7.68 14.90 -46.54
N MET G 430 6.83 15.35 -45.61
CA MET G 430 7.33 16.28 -44.61
C MET G 430 8.28 15.61 -43.64
N GLY G 431 8.27 14.27 -43.59
CA GLY G 431 9.32 13.59 -42.87
C GLY G 431 10.68 13.76 -43.52
N GLU G 432 10.73 13.61 -44.85
CA GLU G 432 12.00 13.63 -45.55
C GLU G 432 12.71 14.96 -45.40
N GLN G 433 11.93 16.06 -45.43
CA GLN G 433 12.51 17.38 -45.18
C GLN G 433 13.28 17.40 -43.89
N ILE G 434 12.71 16.82 -42.82
CA ILE G 434 13.44 16.69 -41.57
C ILE G 434 14.55 15.66 -41.71
N GLY G 435 14.27 14.56 -42.41
CA GLY G 435 15.23 13.47 -42.50
C GLY G 435 16.50 13.84 -43.25
N CYS G 436 16.39 14.71 -44.26
CA CYS G 436 17.56 15.10 -45.04
C CYS G 436 18.58 15.83 -44.19
N ARG G 437 18.14 16.70 -43.29
CA ARG G 437 19.05 17.44 -42.42
C ARG G 437 19.14 16.76 -41.06
N LEU G 438 19.79 15.59 -41.06
CA LEU G 438 19.98 14.81 -39.85
C LEU G 438 21.44 14.67 -39.45
N ASP G 439 22.35 15.45 -40.05
CA ASP G 439 23.76 15.38 -39.71
C ASP G 439 24.24 16.56 -38.88
N GLU G 440 23.48 17.66 -38.82
CA GLU G 440 23.92 18.83 -38.08
C GLU G 440 23.76 18.64 -36.58
N VAL G 441 22.91 17.70 -36.15
CA VAL G 441 22.57 17.56 -34.74
C VAL G 441 23.63 16.76 -34.00
N GLU G 442 23.64 16.88 -32.68
CA GLU G 442 24.58 16.17 -31.82
C GLU G 442 23.78 15.39 -30.78
N TYR G 443 23.80 14.07 -30.90
CA TYR G 443 22.98 13.22 -30.04
C TYR G 443 23.64 13.05 -28.67
N PRO G 444 22.98 13.40 -27.59
CA PRO G 444 23.58 13.22 -26.26
C PRO G 444 23.55 11.77 -25.79
N ALA G 445 22.48 11.05 -26.10
CA ALA G 445 22.28 9.70 -25.60
C ALA G 445 21.74 8.81 -26.72
N LEU G 446 21.99 7.51 -26.56
CA LEU G 446 21.55 6.54 -27.56
C LEU G 446 20.04 6.51 -27.77
N PRO G 447 19.18 6.60 -26.75
CA PRO G 447 17.74 6.53 -27.01
C PRO G 447 17.23 7.56 -28.00
N VAL G 448 17.87 8.73 -28.09
CA VAL G 448 17.46 9.72 -29.10
C VAL G 448 17.68 9.17 -30.50
N ILE G 449 18.86 8.62 -30.76
CA ILE G 449 19.16 8.03 -32.05
C ILE G 449 18.21 6.89 -32.35
N LEU G 450 17.97 6.03 -31.35
CA LEU G 450 17.10 4.89 -31.56
C LEU G 450 15.66 5.30 -31.84
N SER G 451 15.17 6.33 -31.16
CA SER G 451 13.82 6.82 -31.45
C SER G 451 13.72 7.39 -32.86
N ILE G 452 14.70 8.20 -33.27
CA ILE G 452 14.67 8.76 -34.62
C ILE G 452 14.69 7.65 -35.66
N LEU G 453 15.56 6.66 -35.46
CA LEU G 453 15.69 5.58 -36.44
C LEU G 453 14.45 4.68 -36.45
N ASP G 454 13.84 4.43 -35.29
CA ASP G 454 12.58 3.69 -35.28
C ASP G 454 11.51 4.44 -36.05
N VAL G 455 11.43 5.76 -35.86
CA VAL G 455 10.42 6.55 -36.56
C VAL G 455 10.65 6.48 -38.06
N VAL G 456 11.90 6.62 -38.51
CA VAL G 456 12.15 6.65 -39.95
C VAL G 456 11.94 5.27 -40.58
N VAL G 457 12.33 4.20 -39.87
CA VAL G 457 12.19 2.85 -40.42
C VAL G 457 10.74 2.43 -40.47
N THR G 458 10.00 2.61 -39.37
CA THR G 458 8.62 2.14 -39.33
C THR G 458 7.77 2.85 -40.37
N LEU G 459 7.94 4.16 -40.52
CA LEU G 459 7.14 4.96 -41.42
C LEU G 459 7.73 5.02 -42.82
N LYS G 460 8.90 4.41 -43.03
CA LYS G 460 9.49 4.26 -44.36
C LYS G 460 9.85 5.60 -44.99
N ILE G 461 10.40 6.51 -44.18
CA ILE G 461 11.01 7.73 -44.70
C ILE G 461 12.37 7.39 -45.31
N TYR G 462 12.70 8.05 -46.41
CA TYR G 462 14.00 7.87 -47.03
C TYR G 462 15.00 8.87 -46.45
N VAL G 463 16.16 8.37 -46.06
CA VAL G 463 17.20 9.21 -45.45
C VAL G 463 18.49 9.05 -46.23
N PRO G 464 19.18 10.15 -46.57
CA PRO G 464 20.44 10.03 -47.32
C PRO G 464 21.50 9.32 -46.49
N LYS G 465 22.50 8.79 -47.20
CA LYS G 465 23.52 7.95 -46.55
C LYS G 465 24.45 8.78 -45.65
N LYS G 466 24.64 10.06 -45.97
CA LYS G 466 25.57 10.88 -45.19
C LYS G 466 25.11 11.02 -43.75
N CYS G 467 23.83 11.36 -43.56
CA CYS G 467 23.29 11.48 -42.20
C CYS G 467 23.33 10.14 -41.49
N LEU G 468 23.11 9.04 -42.22
CA LEU G 468 23.20 7.72 -41.62
C LEU G 468 24.60 7.44 -41.09
N GLN G 469 25.61 7.77 -41.90
CA GLN G 469 27.00 7.58 -41.47
C GLN G 469 27.32 8.45 -40.27
N VAL G 470 26.85 9.69 -40.26
CA VAL G 470 27.09 10.57 -39.12
C VAL G 470 26.44 9.98 -37.87
N ILE G 471 25.21 9.47 -38.00
CA ILE G 471 24.50 8.90 -36.86
C ILE G 471 25.27 7.71 -36.29
N PHE G 472 25.70 6.80 -37.16
CA PHE G 472 26.38 5.60 -36.69
C PHE G 472 27.74 5.93 -36.11
N SER G 473 28.47 6.87 -36.71
CA SER G 473 29.76 7.27 -36.14
C SER G 473 29.58 7.92 -34.77
N GLN G 474 28.53 8.73 -34.61
CA GLN G 474 28.26 9.31 -33.29
C GLN G 474 27.94 8.23 -32.26
N ALA G 475 27.13 7.24 -32.64
CA ALA G 475 26.82 6.15 -31.72
C ALA G 475 28.04 5.31 -31.39
N ASN G 476 29.01 5.23 -32.30
CA ASN G 476 30.21 4.44 -32.08
C ASN G 476 30.99 4.93 -30.86
N ASP G 477 31.16 6.25 -30.74
CA ASP G 477 31.91 6.79 -29.61
C ASP G 477 31.22 6.46 -28.29
N MET G 478 29.90 6.57 -28.25
CA MET G 478 29.16 6.28 -27.01
C MET G 478 29.31 4.82 -26.62
N VAL G 479 29.12 3.91 -27.58
CA VAL G 479 29.23 2.49 -27.22
C VAL G 479 30.67 2.15 -26.84
N ALA G 480 31.66 2.76 -27.50
CA ALA G 480 33.05 2.52 -27.13
C ALA G 480 33.36 3.00 -25.73
N ILE G 481 32.85 4.18 -25.36
CA ILE G 481 33.05 4.69 -24.00
C ILE G 481 32.44 3.74 -22.98
N VAL G 482 31.20 3.30 -23.26
CA VAL G 482 30.53 2.38 -22.34
C VAL G 482 31.33 1.09 -22.18
N MET G 483 31.86 0.57 -23.29
CA MET G 483 32.62 -0.68 -23.23
C MET G 483 33.93 -0.50 -22.48
N GLU G 484 34.66 0.60 -22.75
CA GLU G 484 36.01 0.73 -22.25
C GLU G 484 36.04 1.20 -20.80
N GLN G 485 35.33 2.29 -20.47
CA GLN G 485 35.45 2.87 -19.15
C GLN G 485 34.95 1.89 -18.08
N LYS G 486 33.74 1.37 -18.23
CA LYS G 486 33.16 0.38 -17.33
C LYS G 486 33.19 0.83 -15.87
N ASP G 487 33.27 2.13 -15.62
CA ASP G 487 33.38 2.67 -14.27
C ASP G 487 32.39 3.78 -13.98
N ASP G 488 31.89 4.45 -15.03
CA ASP G 488 30.93 5.56 -14.94
C ASP G 488 30.01 5.55 -13.72
N PRO G 500 24.48 3.79 -19.34
CA PRO G 500 23.72 2.58 -18.99
C PRO G 500 23.01 1.97 -20.20
N ILE G 501 23.76 1.56 -21.20
CA ILE G 501 23.20 1.01 -22.43
C ILE G 501 22.75 -0.42 -22.16
N THR G 502 21.44 -0.66 -22.17
CA THR G 502 20.91 -1.98 -21.91
C THR G 502 21.17 -2.90 -23.11
N ALA G 503 20.89 -4.19 -22.92
CA ALA G 503 21.16 -5.17 -23.97
C ALA G 503 20.15 -5.09 -25.10
N GLU G 504 18.87 -4.83 -24.76
CA GLU G 504 17.84 -4.75 -25.80
C GLU G 504 18.06 -3.56 -26.72
N GLU G 505 18.47 -2.43 -26.16
CA GLU G 505 18.80 -1.27 -26.99
C GLU G 505 19.95 -1.59 -27.93
N GLY G 506 20.96 -2.29 -27.43
CA GLY G 506 22.08 -2.68 -28.28
C GLY G 506 21.66 -3.62 -29.39
N ARG G 507 20.80 -4.59 -29.06
CA ARG G 507 20.22 -5.45 -30.09
C ARG G 507 19.51 -4.64 -31.16
N GLN G 508 18.70 -3.66 -30.73
CA GLN G 508 17.97 -2.84 -31.70
C GLN G 508 18.93 -2.07 -32.59
N LEU G 509 19.98 -1.49 -32.02
CA LEU G 509 20.96 -0.75 -32.80
C LEU G 509 21.66 -1.66 -33.81
N GLN G 510 22.05 -2.87 -33.37
CA GLN G 510 22.67 -3.82 -34.29
C GLN G 510 21.75 -4.19 -35.43
N ALA G 511 20.48 -4.45 -35.12
CA ALA G 511 19.53 -4.84 -36.16
C ALA G 511 19.29 -3.70 -37.14
N LEU G 512 19.24 -2.46 -36.64
CA LEU G 512 19.04 -1.32 -37.52
C LEU G 512 20.23 -1.14 -38.46
N LEU G 513 21.44 -1.26 -37.92
CA LEU G 513 22.63 -1.17 -38.76
C LEU G 513 22.65 -2.27 -39.81
N SER G 514 22.28 -3.49 -39.41
CA SER G 514 22.23 -4.60 -40.37
C SER G 514 21.21 -4.33 -41.46
N HIS G 515 20.05 -3.78 -41.10
CA HIS G 515 19.03 -3.48 -42.09
C HIS G 515 19.52 -2.45 -43.09
N TYR G 516 20.17 -1.39 -42.62
CA TYR G 516 20.61 -0.35 -43.53
C TYR G 516 21.95 -0.67 -44.20
N GLY G 517 22.59 -1.76 -43.83
CA GLY G 517 23.84 -2.15 -44.44
C GLY G 517 25.03 -1.88 -43.54
N ASN G 518 25.90 -2.88 -43.41
CA ASN G 518 27.04 -2.77 -42.49
C ASN G 518 28.20 -1.98 -43.08
N ASP G 519 28.13 -1.58 -44.34
CA ASP G 519 29.19 -0.77 -44.93
C ASP G 519 29.20 0.66 -44.39
N LEU G 520 28.13 1.07 -43.70
CA LEU G 520 28.05 2.43 -43.17
C LEU G 520 29.10 2.66 -42.08
N ALA G 521 29.24 1.72 -41.15
CA ALA G 521 30.19 1.83 -40.05
C ALA G 521 30.74 0.46 -39.72
N PRO G 522 31.86 0.08 -40.32
CA PRO G 522 32.42 -1.27 -40.06
C PRO G 522 32.91 -1.45 -38.64
N GLU G 523 33.40 -0.39 -37.99
CA GLU G 523 33.88 -0.52 -36.62
C GLU G 523 32.73 -0.82 -35.65
N LEU G 524 31.58 -0.19 -35.87
CA LEU G 524 30.48 -0.34 -34.92
C LEU G 524 29.98 -1.78 -34.89
N SER G 525 29.91 -2.44 -36.05
CA SER G 525 29.44 -3.82 -36.08
C SER G 525 30.34 -4.73 -35.25
N GLN G 526 31.66 -4.64 -35.47
CA GLN G 526 32.58 -5.52 -34.76
C GLN G 526 32.61 -5.22 -33.26
N ARG G 527 32.72 -3.94 -32.91
CA ARG G 527 32.68 -3.55 -31.51
C ARG G 527 31.40 -4.04 -30.86
N MET G 528 30.28 -3.95 -31.58
CA MET G 528 28.99 -4.15 -30.96
C MET G 528 28.79 -5.65 -30.73
N LYS G 529 29.25 -6.45 -31.71
CA LYS G 529 29.22 -7.91 -31.58
C LYS G 529 30.12 -8.36 -30.44
N GLU G 530 31.29 -7.72 -30.30
CA GLU G 530 32.16 -8.08 -29.19
C GLU G 530 31.53 -7.72 -27.85
N ALA G 531 30.78 -6.62 -27.79
CA ALA G 531 30.06 -6.28 -26.57
C ALA G 531 29.03 -7.35 -26.24
N PHE G 532 28.31 -7.84 -27.24
CA PHE G 532 27.43 -8.96 -26.99
C PHE G 532 28.19 -10.20 -26.49
N ARG G 533 29.35 -10.47 -27.07
CA ARG G 533 30.09 -11.67 -26.70
C ARG G 533 30.57 -11.60 -25.24
N GLU G 534 31.15 -10.46 -24.84
CA GLU G 534 31.71 -10.36 -23.49
C GLU G 534 30.60 -10.30 -22.43
N GLY G 535 29.61 -9.44 -22.63
CA GLY G 535 28.56 -9.26 -21.66
C GLY G 535 28.63 -7.98 -20.85
N VAL G 536 29.19 -6.90 -21.41
CA VAL G 536 29.27 -5.65 -20.67
C VAL G 536 27.89 -5.05 -20.48
N LEU G 537 27.02 -5.19 -21.47
CA LEU G 537 25.71 -4.55 -21.42
C LEU G 537 24.79 -5.29 -20.44
N PRO G 538 24.22 -4.61 -19.46
CA PRO G 538 23.31 -5.26 -18.52
C PRO G 538 21.96 -5.56 -19.19
N ASP G 539 21.03 -6.06 -18.39
CA ASP G 539 19.69 -6.40 -18.84
C ASP G 539 18.67 -5.40 -18.34
N GLU G 540 17.45 -5.49 -18.88
CA GLU G 540 16.39 -4.58 -18.47
C GLU G 540 15.90 -4.88 -17.06
N ALA G 541 15.93 -6.15 -16.65
CA ALA G 541 15.47 -6.49 -15.30
C ALA G 541 16.33 -5.83 -14.23
N SER G 542 17.64 -5.79 -14.45
CA SER G 542 18.56 -5.16 -13.52
C SER G 542 18.41 -3.64 -13.52
N SER H 36 -27.32 8.88 9.50
CA SER H 36 -26.81 9.23 8.18
C SER H 36 -26.20 8.00 7.53
N TYR H 37 -25.33 8.21 6.55
CA TYR H 37 -24.72 7.10 5.84
C TYR H 37 -23.21 7.21 6.00
N VAL H 38 -22.62 6.22 6.67
CA VAL H 38 -21.18 6.15 6.88
C VAL H 38 -20.60 5.23 5.82
N LEU H 39 -19.54 5.67 5.17
CA LEU H 39 -18.97 4.93 4.06
C LEU H 39 -18.46 3.57 4.52
N LYS H 40 -18.35 2.63 3.58
CA LYS H 40 -18.05 1.26 3.94
C LYS H 40 -16.66 1.11 4.55
N PHE H 41 -15.74 2.02 4.24
CA PHE H 41 -14.41 1.96 4.82
C PHE H 41 -14.24 2.86 6.02
N LEU H 42 -15.30 3.53 6.48
CA LEU H 42 -15.25 4.38 7.66
C LEU H 42 -16.22 3.94 8.74
N ARG H 43 -16.77 2.72 8.65
CA ARG H 43 -17.77 2.29 9.62
C ARG H 43 -17.16 2.10 11.01
N GLY H 44 -15.96 1.54 11.10
CA GLY H 44 -15.36 1.18 12.37
C GLY H 44 -14.54 2.25 13.05
N GLN H 45 -14.48 3.46 12.51
CA GLN H 45 -13.65 4.50 13.08
C GLN H 45 -14.25 5.00 14.40
N LEU H 46 -13.43 5.69 15.17
CA LEU H 46 -13.80 6.31 16.43
C LEU H 46 -14.12 7.79 16.22
N PRO H 47 -14.84 8.41 17.15
CA PRO H 47 -15.12 9.85 17.03
C PRO H 47 -13.82 10.66 16.94
N GLU H 48 -13.96 11.89 16.45
CA GLU H 48 -12.79 12.73 16.25
C GLU H 48 -12.07 12.99 17.56
N ASP H 49 -12.81 13.13 18.65
CA ASP H 49 -12.24 13.20 20.00
C ASP H 49 -12.89 12.13 20.85
N LEU H 50 -12.10 11.55 21.77
CA LEU H 50 -12.59 10.42 22.55
C LEU H 50 -13.57 10.81 23.64
N LYS H 51 -13.89 12.11 23.78
CA LYS H 51 -14.88 12.52 24.75
C LYS H 51 -16.25 11.93 24.43
N ASP H 52 -16.61 11.89 23.14
CA ASP H 52 -17.92 11.40 22.73
C ASP H 52 -18.09 9.90 22.97
N VAL H 53 -17.00 9.16 23.19
CA VAL H 53 -17.08 7.71 23.36
C VAL H 53 -17.66 7.44 24.75
N ASN H 54 -18.90 6.96 24.78
CA ASN H 54 -19.54 6.61 26.04
C ASN H 54 -18.93 5.32 26.58
N GLY H 55 -18.64 5.30 27.87
CA GLY H 55 -18.03 4.14 28.49
C GLY H 55 -16.52 4.17 28.39
N ALA H 56 -15.94 2.97 28.35
CA ALA H 56 -14.51 2.81 28.24
C ALA H 56 -14.18 1.78 27.16
N LEU H 57 -13.17 2.10 26.35
CA LEU H 57 -12.67 1.12 25.39
C LEU H 57 -12.01 -0.03 26.14
N GLY H 58 -11.91 -1.17 25.48
CA GLY H 58 -11.11 -2.24 26.03
C GLY H 58 -9.71 -2.21 25.45
N CYS H 59 -8.79 -1.49 26.10
CA CYS H 59 -7.43 -1.43 25.62
C CYS H 59 -6.44 -1.94 26.67
N LEU H 60 -6.57 -1.46 27.90
CA LEU H 60 -5.61 -1.81 28.95
C LEU H 60 -6.04 -3.06 29.72
N TYR H 61 -7.22 -3.01 30.34
CA TYR H 61 -7.70 -4.09 31.19
C TYR H 61 -9.00 -4.68 30.67
N GLY H 62 -9.24 -4.62 29.37
CA GLY H 62 -10.46 -5.17 28.82
C GLY H 62 -11.67 -4.32 29.17
N THR H 63 -12.79 -4.98 29.44
CA THR H 63 -14.04 -4.32 29.76
C THR H 63 -14.14 -4.08 31.26
N LEU H 64 -14.93 -3.08 31.62
CA LEU H 64 -15.20 -2.80 33.01
C LEU H 64 -15.97 -3.95 33.65
N PRO H 65 -15.74 -4.23 34.93
CA PRO H 65 -16.46 -5.33 35.58
C PRO H 65 -17.94 -4.99 35.76
N ASP H 66 -18.73 -6.03 36.02
CA ASP H 66 -20.16 -5.85 36.15
C ASP H 66 -20.53 -5.01 37.35
N VAL H 67 -21.82 -4.79 37.50
CA VAL H 67 -22.29 -3.93 38.59
C VAL H 67 -21.98 -4.56 39.94
N ASP H 68 -22.18 -5.87 40.07
CA ASP H 68 -21.95 -6.58 41.32
C ASP H 68 -20.52 -7.08 41.46
N GLU H 69 -19.60 -6.58 40.62
CA GLU H 69 -18.21 -7.03 40.64
C GLU H 69 -17.26 -5.92 41.06
N PHE H 70 -17.77 -4.84 41.64
CA PHE H 70 -16.95 -3.69 42.02
C PHE H 70 -16.46 -3.75 43.45
N GLY H 71 -16.79 -4.80 44.20
CA GLY H 71 -16.33 -4.94 45.57
C GLY H 71 -14.95 -5.52 45.74
N GLN H 72 -14.37 -6.07 44.67
CA GLN H 72 -13.03 -6.63 44.75
C GLN H 72 -11.97 -5.56 44.97
N PHE H 73 -12.18 -4.37 44.40
CA PHE H 73 -11.17 -3.32 44.39
C PHE H 73 -11.28 -2.37 45.57
N VAL H 74 -12.10 -2.71 46.57
CA VAL H 74 -12.20 -1.86 47.75
C VAL H 74 -10.86 -1.82 48.49
N ILE H 75 -10.64 -0.75 49.24
CA ILE H 75 -9.39 -0.56 49.97
C ILE H 75 -9.67 -0.63 51.47
N SER H 76 -8.62 -0.89 52.23
CA SER H 76 -8.74 -1.05 53.67
C SER H 76 -9.03 0.29 54.34
N PRO H 77 -9.76 0.27 55.46
CA PRO H 77 -10.06 1.54 56.16
C PRO H 77 -8.82 2.24 56.71
N ASP H 78 -7.75 1.48 57.02
CA ASP H 78 -6.56 2.12 57.57
C ASP H 78 -5.92 3.06 56.55
N VAL H 79 -5.98 2.71 55.27
CA VAL H 79 -5.47 3.62 54.24
C VAL H 79 -6.28 4.91 54.22
N VAL H 80 -7.60 4.80 54.38
CA VAL H 80 -8.45 5.99 54.42
C VAL H 80 -8.09 6.86 55.62
N ASN H 81 -7.89 6.24 56.78
CA ASN H 81 -7.51 6.99 57.97
C ASN H 81 -6.15 7.66 57.78
N SER H 82 -5.21 6.95 57.18
CA SER H 82 -3.89 7.52 56.93
C SER H 82 -3.99 8.73 56.01
N PHE H 83 -4.82 8.64 54.96
CA PHE H 83 -5.01 9.80 54.09
C PHE H 83 -5.62 10.96 54.86
N HIS H 84 -6.67 10.70 55.64
CA HIS H 84 -7.36 11.78 56.34
C HIS H 84 -6.50 12.38 57.45
N GLN H 85 -5.48 11.66 57.91
CA GLN H 85 -4.58 12.16 58.93
C GLN H 85 -3.38 12.91 58.34
N PHE H 86 -2.62 12.24 57.47
CA PHE H 86 -1.43 12.84 56.89
C PHE H 86 -1.72 13.82 55.76
N GLY H 87 -2.90 13.72 55.14
CA GLY H 87 -3.17 14.41 53.90
C GLY H 87 -2.70 13.68 52.66
N TYR H 88 -2.13 12.49 52.82
CA TYR H 88 -1.63 11.71 51.69
C TYR H 88 -1.47 10.26 52.14
N VAL H 89 -1.40 9.38 51.15
CA VAL H 89 -1.20 7.95 51.43
C VAL H 89 -0.77 7.29 50.14
N LYS H 90 -0.16 6.11 50.26
CA LYS H 90 0.25 5.34 49.09
C LYS H 90 -0.59 4.06 49.03
N MET H 91 -1.09 3.76 47.84
CA MET H 91 -1.82 2.51 47.65
C MET H 91 -0.88 1.33 47.84
N PRO H 92 -1.28 0.33 48.62
CA PRO H 92 -0.36 -0.78 48.93
C PRO H 92 0.10 -1.56 47.70
N ILE H 93 -0.76 -1.71 46.70
CA ILE H 93 -0.45 -2.52 45.54
C ILE H 93 -0.24 -1.64 44.31
N PRO H 94 0.73 -1.96 43.45
CA PRO H 94 0.80 -1.26 42.16
C PRO H 94 -0.50 -1.44 41.38
N VAL H 95 -0.94 -0.37 40.74
CA VAL H 95 -2.23 -0.38 40.08
C VAL H 95 -2.18 -0.91 38.65
N LEU H 96 -0.98 -1.14 38.10
CA LEU H 96 -0.84 -1.52 36.71
C LEU H 96 0.29 -2.53 36.53
N ASP H 97 0.09 -3.47 35.62
CA ASP H 97 1.14 -4.40 35.24
C ASP H 97 2.19 -3.68 34.39
N HIS H 98 3.36 -4.30 34.28
CA HIS H 98 4.49 -3.62 33.65
C HIS H 98 4.26 -3.39 32.16
N GLN H 99 3.58 -4.31 31.48
CA GLN H 99 3.26 -4.09 30.08
C GLN H 99 2.38 -2.85 29.91
N GLN H 100 1.43 -2.66 30.81
CA GLN H 100 0.56 -1.49 30.74
C GLN H 100 1.35 -0.21 30.96
N ILE H 101 2.32 -0.23 31.88
CA ILE H 101 3.16 0.94 32.08
C ILE H 101 4.02 1.22 30.86
N ASP H 102 4.50 0.16 30.20
CA ASP H 102 5.25 0.37 28.95
C ASP H 102 4.39 1.03 27.89
N LYS H 103 3.15 0.57 27.73
CA LYS H 103 2.26 1.17 26.75
C LYS H 103 1.97 2.63 27.08
N LEU H 104 1.73 2.93 28.36
CA LEU H 104 1.45 4.30 28.77
C LEU H 104 2.67 5.20 28.56
N ALA H 105 3.87 4.69 28.82
CA ALA H 105 5.08 5.45 28.54
C ALA H 105 5.24 5.71 27.04
N ASP H 106 4.88 4.74 26.20
CA ASP H 106 4.90 4.98 24.76
C ASP H 106 3.93 6.10 24.37
N GLU H 107 2.73 6.10 24.96
CA GLU H 107 1.78 7.17 24.68
C GLU H 107 2.33 8.53 25.10
N VAL H 108 2.96 8.60 26.28
CA VAL H 108 3.53 9.87 26.73
C VAL H 108 4.67 10.31 25.82
N ASN H 109 5.48 9.37 25.35
CA ASN H 109 6.55 9.71 24.42
C ASN H 109 5.99 10.27 23.12
N GLU H 110 4.94 9.66 22.59
CA GLU H 110 4.34 10.14 21.35
C GLU H 110 3.59 11.46 21.51
N LEU H 111 3.14 11.79 22.72
CA LEU H 111 2.45 13.06 22.93
C LEU H 111 3.36 14.27 22.78
N ALA H 112 4.67 14.08 22.68
CA ALA H 112 5.64 15.18 22.63
C ALA H 112 6.64 14.97 21.51
N ASN H 113 6.14 14.63 20.31
CA ASN H 113 7.03 14.23 19.22
C ASN H 113 7.90 15.39 18.74
N ASN H 114 7.28 16.56 18.50
CA ASN H 114 7.92 17.80 18.07
C ASN H 114 8.50 17.75 16.66
N VAL H 115 8.34 16.66 15.93
CA VAL H 115 8.71 16.63 14.51
C VAL H 115 7.47 16.28 13.69
N GLU H 116 6.82 15.18 14.05
CA GLU H 116 5.52 14.79 13.50
C GLU H 116 4.53 14.91 14.66
N HIS H 117 3.87 16.06 14.75
CA HIS H 117 3.06 16.37 15.92
C HIS H 117 1.94 15.36 16.09
N HIS H 118 1.49 15.22 17.34
CA HIS H 118 0.49 14.22 17.66
C HIS H 118 -0.84 14.55 16.99
N PRO H 119 -1.54 13.56 16.42
CA PRO H 119 -2.91 13.80 15.99
C PRO H 119 -3.79 14.07 17.19
N LYS H 120 -4.88 14.80 16.97
CA LYS H 120 -5.79 15.23 18.03
C LYS H 120 -5.07 16.10 19.05
N THR H 121 -4.06 16.85 18.62
CA THR H 121 -3.41 17.80 19.51
C THR H 121 -4.32 18.99 19.80
N GLU H 122 -5.22 19.32 18.87
CA GLU H 122 -6.15 20.42 19.08
C GLU H 122 -7.23 20.10 20.09
N ARG H 123 -7.31 18.86 20.58
CA ARG H 123 -8.26 18.46 21.60
C ARG H 123 -7.70 18.60 23.01
N LEU H 124 -6.63 19.36 23.19
CA LEU H 124 -5.92 19.46 24.46
C LEU H 124 -6.18 20.82 25.10
N TYR H 125 -6.38 20.82 26.42
CA TYR H 125 -6.62 22.07 27.14
C TYR H 125 -5.41 22.98 27.06
N ALA H 126 -4.21 22.44 27.28
CA ALA H 126 -2.98 23.21 27.22
C ALA H 126 -1.82 22.27 26.95
N THR H 127 -0.80 22.78 26.28
CA THR H 127 0.38 21.98 25.94
C THR H 127 1.60 22.87 25.99
N SER H 128 2.74 22.28 26.34
CA SER H 128 3.99 23.01 26.33
C SER H 128 4.57 23.15 24.93
N LEU H 129 3.99 22.47 23.95
CA LEU H 129 4.45 22.53 22.57
C LEU H 129 3.63 23.51 21.73
N ALA H 130 2.83 24.36 22.38
CA ALA H 130 2.07 25.37 21.64
C ALA H 130 3.00 26.34 20.92
N ASP H 131 4.23 26.48 21.40
CA ASP H 131 5.23 27.32 20.74
C ASP H 131 6.04 26.57 19.70
N LEU H 132 5.74 25.28 19.48
CA LEU H 132 6.42 24.43 18.51
C LEU H 132 7.90 24.27 18.80
N THR H 133 8.33 24.53 20.04
CA THR H 133 9.72 24.38 20.42
C THR H 133 9.94 23.50 21.64
N GLY H 134 8.95 23.41 22.54
CA GLY H 134 9.11 22.56 23.72
C GLY H 134 10.12 23.13 24.69
N GLY H 135 10.83 22.23 25.37
CA GLY H 135 11.82 22.64 26.35
C GLY H 135 12.26 21.48 27.23
N PRO H 136 12.86 21.79 28.38
CA PRO H 136 13.29 20.74 29.30
C PRO H 136 12.18 20.15 30.15
N LEU H 137 10.97 20.73 30.10
CA LEU H 137 9.83 20.23 30.84
C LEU H 137 8.61 20.21 29.93
N PHE H 138 7.97 19.06 29.80
CA PHE H 138 6.79 18.90 28.98
C PHE H 138 5.61 18.59 29.88
N PHE H 139 4.60 19.47 29.86
CA PHE H 139 3.41 19.29 30.67
C PHE H 139 2.19 19.33 29.78
N CYS H 140 1.30 18.36 29.97
CA CYS H 140 0.11 18.22 29.15
C CYS H 140 -1.12 18.13 30.04
N GLN H 141 -2.24 18.62 29.54
CA GLN H 141 -3.51 18.59 30.27
C GLN H 141 -4.63 18.11 29.37
N GLY H 142 -5.61 17.46 29.97
CA GLY H 142 -6.77 17.00 29.22
C GLY H 142 -6.45 16.02 28.11
N GLN H 143 -5.49 15.14 28.32
CA GLN H 143 -5.08 14.18 27.30
C GLN H 143 -6.01 12.98 27.21
N TRP H 144 -6.99 12.87 28.11
CA TRP H 144 -7.92 11.74 28.05
C TRP H 144 -8.84 11.82 26.84
N ARG H 145 -8.86 12.95 26.12
CA ARG H 145 -9.59 13.08 24.88
C ARG H 145 -8.69 12.97 23.66
N ALA H 146 -7.45 12.51 23.84
CA ALA H 146 -6.47 12.50 22.76
C ALA H 146 -5.95 11.11 22.40
N ALA H 147 -5.72 10.23 23.37
CA ALA H 147 -5.08 8.95 23.09
C ALA H 147 -5.83 7.83 23.78
N TRP H 148 -5.73 6.63 23.21
CA TRP H 148 -6.22 5.44 23.88
C TRP H 148 -5.40 5.18 25.13
N GLY H 149 -5.93 4.37 26.02
CA GLY H 149 -5.21 4.07 27.26
C GLY H 149 -5.26 5.17 28.29
N MET H 150 -4.90 6.39 27.91
CA MET H 150 -5.06 7.52 28.83
C MET H 150 -6.53 7.76 29.15
N HIS H 151 -7.40 7.66 28.14
CA HIS H 151 -8.83 7.68 28.38
C HIS H 151 -9.27 6.48 29.21
N ASP H 152 -8.68 5.32 28.94
CA ASP H 152 -9.03 4.11 29.69
C ASP H 152 -8.60 4.21 31.14
N LEU H 153 -7.44 4.83 31.40
CA LEU H 153 -6.91 4.91 32.75
C LEU H 153 -7.85 5.67 33.69
N ILE H 154 -8.66 6.58 33.16
CA ILE H 154 -9.58 7.35 34.01
C ILE H 154 -10.56 6.42 34.71
N TYR H 155 -11.11 5.46 33.98
CA TYR H 155 -12.11 4.55 34.53
C TYR H 155 -11.50 3.34 35.23
N LEU H 156 -10.22 3.41 35.58
CA LEU H 156 -9.56 2.30 36.27
C LEU H 156 -10.23 2.06 37.62
N PRO H 157 -10.77 0.86 37.87
CA PRO H 157 -11.54 0.65 39.11
C PRO H 157 -10.73 0.84 40.38
N THR H 158 -9.48 0.40 40.41
CA THR H 158 -8.72 0.37 41.65
C THR H 158 -8.55 1.78 42.24
N ILE H 159 -8.42 2.79 41.39
CA ILE H 159 -8.19 4.15 41.87
C ILE H 159 -9.50 4.88 42.06
N THR H 160 -10.49 4.64 41.19
CA THR H 160 -11.74 5.39 41.32
C THR H 160 -12.52 4.94 42.54
N VAL H 161 -12.50 3.65 42.88
CA VAL H 161 -13.18 3.21 44.09
C VAL H 161 -12.52 3.80 45.33
N ALA H 162 -11.18 3.85 45.34
CA ALA H 162 -10.48 4.46 46.46
C ALA H 162 -10.81 5.94 46.59
N ALA H 163 -10.83 6.66 45.46
CA ALA H 163 -11.14 8.08 45.51
C ALA H 163 -12.58 8.33 45.93
N SER H 164 -13.50 7.44 45.52
CA SER H 164 -14.88 7.54 45.99
C SER H 164 -14.97 7.29 47.49
N GLN H 165 -14.19 6.34 48.00
CA GLN H 165 -14.17 6.08 49.43
C GLN H 165 -13.63 7.29 50.19
N ILE H 166 -12.64 7.97 49.64
CA ILE H 166 -12.15 9.20 50.25
C ILE H 166 -13.22 10.28 50.21
N LEU H 167 -14.02 10.31 49.14
CA LEU H 167 -15.04 11.34 48.97
C LEU H 167 -16.40 10.92 49.51
N ASN H 168 -16.42 10.05 50.52
CA ASN H 168 -17.62 9.74 51.31
C ASN H 168 -18.67 9.01 50.47
N ASN H 169 -18.22 8.13 49.57
CA ASN H 169 -19.10 7.25 48.82
C ASN H 169 -20.18 8.02 48.07
N SER H 170 -19.72 8.85 47.13
CA SER H 170 -20.60 9.61 46.25
C SER H 170 -20.16 9.38 44.81
N LEU H 171 -20.96 9.85 43.87
CA LEU H 171 -20.54 9.84 42.48
C LEU H 171 -19.35 10.77 42.31
N VAL H 172 -18.32 10.27 41.61
CA VAL H 172 -17.06 10.97 41.45
C VAL H 172 -16.87 11.24 39.96
N ARG H 173 -16.59 12.50 39.62
CA ARG H 173 -16.43 12.91 38.24
C ARG H 173 -15.03 13.44 38.01
N LEU H 174 -14.43 13.05 36.90
CA LEU H 174 -13.10 13.52 36.56
C LEU H 174 -13.07 15.03 36.44
N TRP H 175 -12.09 15.65 37.08
CA TRP H 175 -11.87 17.09 36.95
C TRP H 175 -10.97 17.37 35.74
N TYR H 176 -9.75 16.82 35.74
CA TYR H 176 -8.91 16.73 34.56
C TYR H 176 -7.66 15.93 34.90
N ASP H 177 -6.92 15.56 33.86
CA ASP H 177 -5.66 14.85 33.98
C ASP H 177 -4.48 15.80 33.85
N GLU H 178 -3.28 15.22 33.88
CA GLU H 178 -2.06 15.98 33.69
C GLU H 178 -0.90 15.00 33.51
N VAL H 179 0.03 15.35 32.63
CA VAL H 179 1.22 14.55 32.37
C VAL H 179 2.45 15.45 32.52
N PHE H 180 3.44 14.96 33.27
CA PHE H 180 4.71 15.64 33.43
C PHE H 180 5.84 14.77 32.91
N MET H 181 6.70 15.35 32.08
CA MET H 181 7.86 14.67 31.54
C MET H 181 9.06 15.59 31.67
N LYS H 182 10.09 15.14 32.37
CA LYS H 182 11.29 15.94 32.63
C LYS H 182 12.48 15.30 31.93
N ALA H 183 13.24 16.12 31.21
CA ALA H 183 14.39 15.63 30.46
C ALA H 183 15.52 15.24 31.41
N ALA H 184 16.50 14.52 30.87
CA ALA H 184 17.60 13.99 31.66
C ALA H 184 18.69 15.03 31.81
N ARG H 185 19.25 15.13 33.02
CA ARG H 185 20.40 15.95 33.38
C ARG H 185 20.11 17.44 33.40
N THR H 186 18.92 17.86 32.96
CA THR H 186 18.57 19.28 32.96
C THR H 186 17.16 19.55 33.41
N GLY H 187 16.37 18.54 33.74
CA GLY H 187 14.99 18.72 34.12
C GLY H 187 14.82 19.60 35.33
N PRO H 188 13.88 20.53 35.23
CA PRO H 188 13.63 21.48 36.33
C PRO H 188 12.70 20.85 37.37
N CYS H 189 12.42 21.64 38.40
CA CYS H 189 11.53 21.24 39.49
C CYS H 189 10.46 22.31 39.67
N VAL H 190 9.23 21.87 39.93
CA VAL H 190 8.12 22.78 40.19
C VAL H 190 8.09 23.07 41.69
N PRO H 191 8.11 24.33 42.11
CA PRO H 191 8.21 24.65 43.54
C PRO H 191 6.91 24.42 44.29
N TRP H 192 6.88 24.84 45.56
CA TRP H 192 5.73 24.61 46.41
C TRP H 192 4.46 25.22 45.83
N GLN H 193 3.36 24.49 45.94
CA GLN H 193 2.09 24.91 45.39
C GLN H 193 0.97 24.16 46.10
N GLN H 194 -0.23 24.70 45.99
CA GLN H 194 -1.44 24.04 46.45
C GLN H 194 -2.35 23.82 45.26
N ASN H 195 -2.88 22.60 45.13
CA ASN H 195 -3.74 22.28 43.99
C ASN H 195 -5.00 23.15 44.00
N TYR H 196 -5.61 23.33 45.17
CA TYR H 196 -6.85 24.09 45.25
C TYR H 196 -6.65 25.55 44.91
N ALA H 197 -5.40 26.02 44.85
CA ALA H 197 -5.15 27.39 44.40
C ALA H 197 -5.47 27.57 42.93
N ARG H 198 -5.42 26.51 42.13
CA ARG H 198 -5.74 26.61 40.71
C ARG H 198 -7.22 26.41 40.42
N TRP H 199 -8.01 25.98 41.40
CA TRP H 199 -9.41 25.66 41.20
C TRP H 199 -10.31 26.61 41.99
N GLN H 200 -9.98 27.90 41.99
CA GLN H 200 -10.79 28.87 42.71
C GLN H 200 -12.16 29.10 42.06
N HIS H 201 -12.28 28.85 40.76
CA HIS H 201 -13.57 29.01 40.09
C HIS H 201 -14.60 27.97 40.53
N THR H 202 -14.16 26.93 41.24
CA THR H 202 -15.05 25.90 41.75
C THR H 202 -15.37 26.19 43.21
N LYS H 203 -16.66 26.11 43.56
CA LYS H 203 -17.09 26.60 44.88
C LYS H 203 -16.63 25.71 46.02
N PRO H 204 -17.09 24.48 46.16
CA PRO H 204 -16.83 23.74 47.40
C PRO H 204 -15.52 22.95 47.35
N VAL H 205 -14.99 22.68 48.53
CA VAL H 205 -13.77 21.89 48.68
C VAL H 205 -14.16 20.42 48.72
N ASN H 206 -14.20 19.78 47.55
CA ASN H 206 -14.52 18.37 47.44
C ASN H 206 -13.70 17.83 46.27
N HIS H 207 -12.48 17.40 46.56
CA HIS H 207 -11.54 16.94 45.53
C HIS H 207 -10.55 15.97 46.13
N VAL H 208 -9.78 15.33 45.25
CA VAL H 208 -8.65 14.50 45.62
C VAL H 208 -7.78 14.36 44.39
N THR H 209 -6.51 14.02 44.58
CA THR H 209 -5.62 13.79 43.44
C THR H 209 -4.98 12.43 43.56
N VAL H 210 -4.83 11.74 42.42
CA VAL H 210 -4.15 10.46 42.35
C VAL H 210 -2.99 10.60 41.40
N MET H 211 -1.78 10.32 41.88
CA MET H 211 -0.58 10.45 41.05
C MET H 211 0.03 9.07 40.86
N ILE H 212 0.31 8.72 39.60
CA ILE H 212 0.82 7.42 39.21
C ILE H 212 2.16 7.61 38.52
N ALA H 213 3.13 6.79 38.90
CA ALA H 213 4.48 6.88 38.36
C ALA H 213 4.60 6.00 37.12
N LEU H 214 4.96 6.61 36.00
CA LEU H 214 5.21 5.86 34.77
C LEU H 214 6.67 5.46 34.62
N ASP H 215 7.53 5.91 35.53
CA ASP H 215 8.92 5.48 35.58
C ASP H 215 9.37 5.51 37.04
N THR H 216 10.37 4.68 37.36
CA THR H 216 10.86 4.60 38.73
C THR H 216 11.40 5.96 39.16
N MET H 217 10.98 6.41 40.34
CA MET H 217 11.29 7.75 40.79
C MET H 217 11.97 7.72 42.16
N ASN H 218 12.81 8.71 42.39
CA ASN H 218 13.57 8.85 43.62
C ASN H 218 13.95 10.31 43.76
N LYS H 219 14.60 10.64 44.89
CA LYS H 219 14.90 12.05 45.18
C LYS H 219 15.83 12.68 44.14
N ASP H 220 16.53 11.87 43.35
CA ASP H 220 17.35 12.40 42.27
C ASP H 220 16.61 12.46 40.94
N ARG H 221 15.36 12.01 40.88
CA ARG H 221 14.56 12.17 39.66
C ARG H 221 13.10 12.35 40.06
N GLY H 222 12.70 13.61 40.20
CA GLY H 222 11.29 13.98 40.29
C GLY H 222 10.50 13.30 41.39
N ALA H 223 11.07 13.15 42.56
CA ALA H 223 10.26 12.48 43.56
C ALA H 223 9.25 13.45 44.18
N PRO H 224 8.08 12.96 44.60
CA PRO H 224 7.12 13.84 45.26
C PRO H 224 7.46 14.05 46.72
N CYS H 225 7.54 15.32 47.10
CA CYS H 225 7.88 15.74 48.46
C CYS H 225 6.70 16.49 49.03
N LEU H 226 6.16 15.98 50.14
CA LEU H 226 4.95 16.51 50.76
C LEU H 226 5.19 16.77 52.24
N VAL H 227 4.46 17.76 52.76
CA VAL H 227 4.52 18.12 54.18
C VAL H 227 3.37 17.42 54.91
N PRO H 228 3.64 16.57 55.90
CA PRO H 228 2.54 15.96 56.65
C PRO H 228 1.73 16.99 57.41
N GLY H 229 0.43 16.78 57.47
CA GLY H 229 -0.44 17.64 58.26
C GLY H 229 -0.45 19.09 57.84
N SER H 230 -0.43 19.36 56.54
CA SER H 230 -0.46 20.72 56.02
C SER H 230 -1.82 21.10 55.45
N HIS H 231 -2.71 20.14 55.24
CA HIS H 231 -4.03 20.40 54.69
C HIS H 231 -4.99 20.96 55.72
N ARG H 232 -4.53 21.19 56.95
CA ARG H 232 -5.36 21.62 58.06
C ARG H 232 -4.66 22.75 58.81
N TRP H 233 -3.92 23.57 58.07
CA TRP H 233 -3.11 24.64 58.66
C TRP H 233 -3.88 25.94 58.78
N ARG H 234 -4.35 26.48 57.65
CA ARG H 234 -5.09 27.74 57.63
C ARG H 234 -6.60 27.51 57.63
N GLU H 235 -7.07 26.71 58.59
CA GLU H 235 -8.50 26.38 58.72
C GLU H 235 -9.08 25.96 57.37
N GLY H 236 -8.35 25.10 56.65
CA GLY H 236 -8.75 24.75 55.31
C GLY H 236 -8.63 25.88 54.31
N GLY H 237 -7.69 26.81 54.52
CA GLY H 237 -7.50 27.93 53.63
C GLY H 237 -6.33 27.71 52.68
N LEU H 238 -6.13 28.69 51.81
CA LEU H 238 -5.09 28.65 50.80
C LEU H 238 -3.96 29.59 51.18
N LEU H 239 -2.73 29.08 51.16
CA LEU H 239 -1.57 29.89 51.46
C LEU H 239 -1.23 30.78 50.26
N PRO H 240 -0.52 31.89 50.50
CA PRO H 240 -0.18 32.79 49.41
C PRO H 240 0.67 32.07 48.38
N PRO H 241 0.54 32.43 47.10
CA PRO H 241 1.34 31.78 46.06
C PRO H 241 2.83 32.06 46.24
N VAL H 242 3.64 31.10 45.79
CA VAL H 242 5.09 31.23 45.90
C VAL H 242 5.63 32.02 44.72
N SER H 243 6.82 32.56 44.88
CA SER H 243 7.50 33.31 43.83
C SER H 243 8.36 32.36 43.00
N TYR H 244 8.05 32.27 41.71
CA TYR H 244 8.75 31.36 40.80
C TYR H 244 9.79 32.14 40.01
N ASP H 245 11.07 31.88 40.28
CA ASP H 245 12.18 32.48 39.55
C ASP H 245 12.94 31.37 38.84
N PRO H 246 12.74 31.19 37.53
CA PRO H 246 13.43 30.10 36.83
C PRO H 246 14.93 30.37 36.68
N THR H 247 15.63 29.42 36.05
CA THR H 247 17.08 29.51 35.85
C THR H 247 17.82 29.71 37.17
N LYS H 248 17.48 28.84 38.14
CA LYS H 248 18.09 28.91 39.46
C LYS H 248 18.22 27.47 39.98
N ASP H 249 19.08 27.22 40.96
CA ASP H 249 19.33 25.88 41.46
C ASP H 249 18.11 25.32 42.18
N GLU H 250 18.06 23.99 42.26
CA GLU H 250 16.93 23.30 42.88
C GLU H 250 16.84 23.60 44.37
N ALA H 251 17.98 23.86 45.02
CA ALA H 251 17.98 24.09 46.46
C ALA H 251 17.11 25.29 46.83
N HIS H 252 17.32 26.43 46.15
CA HIS H 252 16.51 27.60 46.44
C HIS H 252 15.05 27.40 46.07
N GLN H 253 14.81 26.73 44.94
CA GLN H 253 13.43 26.49 44.51
C GLN H 253 12.67 25.68 45.55
N LEU H 254 13.31 24.68 46.16
CA LEU H 254 12.66 23.90 47.19
C LEU H 254 12.72 24.56 48.57
N ASN H 255 13.60 25.54 48.76
CA ASN H 255 13.71 26.24 50.03
C ASN H 255 12.88 27.51 50.10
N THR H 256 12.23 27.90 49.00
CA THR H 256 11.33 29.06 49.05
C THR H 256 10.15 28.86 49.99
N ILE H 257 10.03 27.70 50.65
CA ILE H 257 8.85 27.41 51.47
C ILE H 257 8.82 28.31 52.70
N TRP H 258 9.99 28.67 53.22
CA TRP H 258 10.07 29.52 54.41
C TRP H 258 9.58 30.93 54.17
N GLU H 259 9.08 31.25 52.97
CA GLU H 259 8.61 32.59 52.64
C GLU H 259 7.10 32.74 52.70
N ILE H 260 6.34 31.65 52.57
CA ILE H 260 4.88 31.72 52.52
C ILE H 260 4.21 31.29 53.81
N ILE H 261 4.95 30.69 54.74
CA ILE H 261 4.35 30.15 55.95
C ILE H 261 4.55 31.13 57.10
N ASN H 262 3.79 30.92 58.17
CA ASN H 262 3.88 31.72 59.38
C ASN H 262 4.67 30.94 60.44
N GLU H 263 4.69 31.48 61.67
CA GLU H 263 5.54 30.91 62.72
C GLU H 263 5.04 29.53 63.16
N GLU H 264 3.73 29.37 63.34
CA GLU H 264 3.21 28.08 63.77
C GLU H 264 3.40 27.01 62.71
N GLU H 265 3.16 27.37 61.46
CA GLU H 265 3.46 26.44 60.38
C GLU H 265 4.96 26.14 60.32
N GLY H 266 5.80 27.10 60.69
CA GLY H 266 7.21 26.84 60.81
C GLY H 266 7.55 25.82 61.89
N GLU H 267 6.88 25.92 63.03
CA GLU H 267 7.10 24.96 64.11
C GLU H 267 6.65 23.57 63.70
N MET H 268 5.47 23.47 63.08
CA MET H 268 5.02 22.16 62.59
C MET H 268 5.94 21.62 61.51
N LEU H 269 6.52 22.50 60.69
CA LEU H 269 7.53 22.09 59.72
C LEU H 269 8.76 21.53 60.42
N MET H 270 9.22 22.20 61.48
CA MET H 270 10.39 21.74 62.20
C MET H 270 10.14 20.38 62.85
N ASP H 271 8.94 20.19 63.40
CA ASP H 271 8.61 18.89 63.98
C ASP H 271 8.52 17.81 62.90
N THR H 272 7.85 18.12 61.79
CA THR H 272 7.66 17.17 60.69
C THR H 272 8.19 17.80 59.40
N PRO H 273 9.47 17.63 59.11
CA PRO H 273 10.02 18.19 57.88
C PRO H 273 9.43 17.49 56.65
N PRO H 274 9.43 18.14 55.49
CA PRO H 274 8.84 17.52 54.30
C PRO H 274 9.48 16.18 53.99
N VAL H 275 8.66 15.24 53.54
CA VAL H 275 9.09 13.87 53.29
C VAL H 275 8.99 13.59 51.80
N THR H 276 10.05 13.01 51.24
CA THR H 276 10.08 12.57 49.85
C THR H 276 9.64 11.12 49.79
N VAL H 277 8.85 10.78 48.77
CA VAL H 277 8.27 9.45 48.67
C VAL H 277 8.84 8.76 47.44
N ASP H 278 9.38 7.56 47.62
CA ASP H 278 9.84 6.77 46.49
C ASP H 278 8.67 5.98 45.90
N LEU H 279 8.63 5.90 44.57
CA LEU H 279 7.56 5.23 43.86
C LEU H 279 8.15 4.24 42.85
N ARG H 280 7.47 3.12 42.68
CA ARG H 280 7.91 2.11 41.73
C ARG H 280 7.33 2.42 40.36
N ARG H 281 7.42 1.46 39.43
CA ARG H 281 6.97 1.72 38.07
C ARG H 281 5.46 1.72 37.94
N GLY H 282 4.71 1.36 38.98
CA GLY H 282 3.27 1.35 38.90
C GLY H 282 2.54 1.80 40.14
N GLU H 283 3.26 2.23 41.17
CA GLU H 283 2.63 2.57 42.44
C GLU H 283 1.91 3.89 42.36
N ALA H 284 0.80 4.00 43.09
CA ALA H 284 -0.06 5.18 43.09
C ALA H 284 -0.05 5.86 44.44
N LEU H 285 -0.35 7.16 44.43
CA LEU H 285 -0.31 7.98 45.63
C LEU H 285 -1.50 8.92 45.66
N LEU H 286 -2.28 8.87 46.73
CA LEU H 286 -3.41 9.75 46.93
C LEU H 286 -2.97 10.98 47.72
N ILE H 287 -3.36 12.16 47.23
CA ILE H 287 -2.99 13.43 47.86
C ILE H 287 -4.25 14.27 48.06
N HIS H 288 -4.32 14.92 49.22
CA HIS H 288 -5.37 15.89 49.49
C HIS H 288 -5.17 17.14 48.62
N PRO H 289 -6.25 17.82 48.24
CA PRO H 289 -6.08 19.05 47.46
C PRO H 289 -5.36 20.15 48.20
N LEU H 290 -5.34 20.10 49.53
CA LEU H 290 -4.89 21.22 50.34
C LEU H 290 -3.52 20.99 50.98
N THR H 291 -2.88 19.86 50.73
CA THR H 291 -1.57 19.58 51.30
C THR H 291 -0.48 20.16 50.40
N LEU H 292 0.56 20.72 51.00
CA LEU H 292 1.66 21.27 50.24
C LEU H 292 2.37 20.15 49.48
N PHE H 293 2.84 20.48 48.27
CA PHE H 293 3.28 19.44 47.35
C PHE H 293 4.36 20.00 46.44
N ALA H 294 5.41 19.22 46.20
CA ALA H 294 6.46 19.63 45.26
C ALA H 294 7.07 18.38 44.63
N THR H 295 7.78 18.56 43.53
CA THR H 295 8.54 17.49 42.90
C THR H 295 9.98 17.95 42.71
N HIS H 296 10.91 17.00 42.81
CA HIS H 296 12.33 17.30 42.70
C HIS H 296 12.73 17.44 41.24
N GLY H 297 14.01 17.72 41.03
CA GLY H 297 14.57 17.75 39.69
C GLY H 297 14.95 16.37 39.20
N ASN H 298 15.41 16.31 37.96
CA ASN H 298 15.83 15.06 37.33
C ASN H 298 17.32 15.13 37.05
N ARG H 299 18.10 14.32 37.75
CA ARG H 299 19.55 14.25 37.55
C ARG H 299 20.00 12.85 37.15
N SER H 300 19.10 11.99 36.72
CA SER H 300 19.47 10.69 36.19
C SER H 300 19.90 10.86 34.74
N LEU H 301 20.07 9.75 34.02
CA LEU H 301 20.49 9.79 32.64
C LEU H 301 19.34 9.51 31.66
N ASP H 302 18.10 9.49 32.13
CA ASP H 302 16.97 9.31 31.26
C ASP H 302 15.81 10.17 31.76
N ALA H 303 14.90 10.50 30.83
CA ALA H 303 13.76 11.32 31.16
C ALA H 303 12.83 10.60 32.14
N VAL H 304 12.11 11.38 32.95
CA VAL H 304 11.23 10.84 33.98
C VAL H 304 9.81 11.29 33.69
N ARG H 305 8.85 10.38 33.89
CA ARG H 305 7.46 10.61 33.55
C ARG H 305 6.56 10.35 34.75
N CYS H 306 5.51 11.15 34.90
CA CYS H 306 4.51 10.91 35.91
C CYS H 306 3.17 11.48 35.44
N CYS H 307 2.08 10.97 36.01
CA CYS H 307 0.74 11.39 35.59
C CYS H 307 -0.13 11.65 36.80
N PHE H 308 -0.83 12.79 36.79
CA PHE H 308 -1.80 13.15 37.81
C PHE H 308 -3.20 13.02 37.22
N ILE H 309 -4.16 12.64 38.05
CA ILE H 309 -5.57 12.74 37.70
C ILE H 309 -6.32 13.28 38.91
N HIS H 310 -7.09 14.34 38.72
CA HIS H 310 -7.83 14.97 39.81
C HIS H 310 -9.28 14.51 39.76
N TYR H 311 -9.80 14.06 40.90
CA TYR H 311 -11.14 13.51 40.98
C TYR H 311 -11.97 14.39 41.91
N MET H 312 -13.25 14.54 41.58
CA MET H 312 -14.11 15.54 42.19
C MET H 312 -15.45 14.92 42.56
N GLY H 313 -16.02 15.39 43.68
CA GLY H 313 -17.25 14.84 44.20
C GLY H 313 -18.49 15.35 43.48
N GLU H 314 -19.63 14.74 43.82
CA GLU H 314 -20.87 15.05 43.14
C GLU H 314 -21.36 16.45 43.46
N LYS H 315 -21.40 16.81 44.74
CA LYS H 315 -22.02 18.06 45.18
C LYS H 315 -21.03 19.21 45.00
N THR H 316 -20.89 19.62 43.75
CA THR H 316 -19.90 20.62 43.36
C THR H 316 -20.55 21.61 42.41
N TYR H 317 -20.38 22.91 42.69
CA TYR H 317 -21.01 23.96 41.92
C TYR H 317 -19.95 24.91 41.37
N ALA H 318 -20.40 25.79 40.46
CA ALA H 318 -19.57 26.85 39.91
C ALA H 318 -19.85 28.16 40.64
N VAL H 319 -18.99 29.14 40.40
CA VAL H 319 -19.10 30.44 41.05
C VAL H 319 -19.43 31.56 40.07
N GLN H 320 -18.95 31.48 38.83
CA GLN H 320 -19.15 32.54 37.84
C GLN H 320 -19.97 31.99 36.68
N ASN H 321 -20.12 32.81 35.64
CA ASN H 321 -20.84 32.43 34.44
C ASN H 321 -19.85 32.29 33.30
N GLY H 322 -19.84 31.12 32.67
CA GLY H 322 -18.93 30.85 31.59
C GLY H 322 -18.28 29.49 31.70
N PRO H 323 -17.35 29.19 30.80
CA PRO H 323 -16.67 27.90 30.84
C PRO H 323 -15.57 27.87 31.88
N LEU H 324 -15.46 26.72 32.56
CA LEU H 324 -14.41 26.52 33.55
C LEU H 324 -13.05 26.25 32.91
N LEU H 325 -13.03 25.66 31.72
CA LEU H 325 -11.83 25.30 30.99
C LEU H 325 -11.99 25.77 29.55
N PRO H 326 -10.88 26.01 28.85
CA PRO H 326 -10.97 26.52 27.47
C PRO H 326 -11.81 25.62 26.58
N HIS H 327 -12.75 26.23 25.87
CA HIS H 327 -13.63 25.56 24.91
C HIS H 327 -14.34 24.37 25.55
N THR H 328 -15.14 24.67 26.58
CA THR H 328 -15.94 23.67 27.26
C THR H 328 -17.34 24.24 27.50
N THR H 329 -18.27 23.36 27.86
CA THR H 329 -19.64 23.80 28.11
C THR H 329 -19.66 24.84 29.22
N LYS H 330 -20.47 25.88 29.03
CA LYS H 330 -20.50 27.02 29.93
C LYS H 330 -21.63 26.84 30.95
N PHE H 331 -21.35 27.22 32.19
CA PHE H 331 -22.32 27.12 33.28
C PHE H 331 -22.73 28.52 33.74
N GLN H 332 -23.78 28.57 34.54
CA GLN H 332 -24.35 29.84 34.99
C GLN H 332 -24.60 29.78 36.48
N ALA H 333 -24.09 30.78 37.21
CA ALA H 333 -24.31 30.96 38.65
C ALA H 333 -23.88 29.68 39.36
N ASP H 334 -24.67 29.16 40.30
CA ASP H 334 -24.31 27.94 41.02
C ASP H 334 -25.01 26.74 40.37
N ALA H 335 -24.46 26.32 39.24
CA ALA H 335 -24.99 25.19 38.48
C ALA H 335 -24.17 23.94 38.79
N MET H 336 -24.86 22.80 38.85
CA MET H 336 -24.17 21.53 39.05
C MET H 336 -23.30 21.20 37.84
N ILE H 337 -22.10 20.69 38.11
CA ILE H 337 -21.10 20.47 37.07
C ILE H 337 -21.32 19.10 36.44
N GLN H 338 -21.89 19.08 35.23
CA GLN H 338 -22.01 17.84 34.46
C GLN H 338 -21.68 18.13 33.01
N GLY H 339 -21.91 17.11 32.17
CA GLY H 339 -21.72 17.23 30.75
C GLY H 339 -20.79 16.17 30.22
N PRO H 340 -20.55 16.19 28.91
CA PRO H 340 -19.56 15.26 28.34
C PRO H 340 -18.13 15.56 28.77
N PHE H 341 -17.85 16.77 29.27
CA PHE H 341 -16.49 17.15 29.63
C PHE H 341 -16.10 16.73 31.05
N TYR H 342 -17.07 16.36 31.88
CA TYR H 342 -16.81 15.85 33.24
C TYR H 342 -17.61 14.57 33.42
N PRO H 343 -17.20 13.49 32.76
CA PRO H 343 -17.99 12.26 32.81
C PRO H 343 -18.00 11.65 34.20
N VAL H 344 -19.11 11.00 34.53
CA VAL H 344 -19.23 10.26 35.78
C VAL H 344 -18.55 8.91 35.60
N VAL H 345 -17.48 8.69 36.35
CA VAL H 345 -16.65 7.49 36.18
C VAL H 345 -17.10 6.34 37.07
N PHE H 346 -17.78 6.62 38.18
CA PHE H 346 -18.15 5.57 39.12
C PHE H 346 -19.43 5.98 39.84
N ASP H 347 -20.28 4.99 40.12
CA ASP H 347 -21.58 5.24 40.73
C ASP H 347 -21.85 4.20 41.81
N PRO H 348 -22.00 4.61 43.07
CA PRO H 348 -22.29 3.68 44.17
C PRO H 348 -23.75 3.21 44.21
N ALA H 349 -24.26 2.79 43.06
CA ALA H 349 -25.64 2.32 42.95
C ALA H 349 -25.84 1.49 41.67
#